data_1EMU
# 
_entry.id   1EMU 
# 
_audit_conform.dict_name       mmcif_pdbx.dic 
_audit_conform.dict_version    5.385 
_audit_conform.dict_location   http://mmcif.pdb.org/dictionaries/ascii/mmcif_pdbx.dic 
# 
loop_
_database_2.database_id 
_database_2.database_code 
_database_2.pdbx_database_accession 
_database_2.pdbx_DOI 
PDB   1EMU         pdb_00001emu 10.2210/pdb1emu/pdb 
RCSB  RCSB010731   ?            ?                   
WWPDB D_1000010731 ?            ?                   
# 
loop_
_pdbx_audit_revision_history.ordinal 
_pdbx_audit_revision_history.data_content_type 
_pdbx_audit_revision_history.major_revision 
_pdbx_audit_revision_history.minor_revision 
_pdbx_audit_revision_history.revision_date 
1 'Structure model' 1 0 2000-07-05 
2 'Structure model' 1 1 2008-04-27 
3 'Structure model' 1 2 2011-07-13 
4 'Structure model' 1 3 2024-02-07 
# 
_pdbx_audit_revision_details.ordinal             1 
_pdbx_audit_revision_details.revision_ordinal    1 
_pdbx_audit_revision_details.data_content_type   'Structure model' 
_pdbx_audit_revision_details.provider            repository 
_pdbx_audit_revision_details.type                'Initial release' 
_pdbx_audit_revision_details.description         ? 
_pdbx_audit_revision_details.details             ? 
# 
loop_
_pdbx_audit_revision_group.ordinal 
_pdbx_audit_revision_group.revision_ordinal 
_pdbx_audit_revision_group.data_content_type 
_pdbx_audit_revision_group.group 
1 2 'Structure model' 'Version format compliance' 
2 3 'Structure model' 'Non-polymer description'   
3 3 'Structure model' 'Version format compliance' 
4 4 'Structure model' 'Data collection'           
5 4 'Structure model' 'Database references'       
6 4 'Structure model' 'Derived calculations'      
# 
loop_
_pdbx_audit_revision_category.ordinal 
_pdbx_audit_revision_category.revision_ordinal 
_pdbx_audit_revision_category.data_content_type 
_pdbx_audit_revision_category.category 
1 4 'Structure model' chem_comp_atom 
2 4 'Structure model' chem_comp_bond 
3 4 'Structure model' database_2     
4 4 'Structure model' struct_site    
# 
loop_
_pdbx_audit_revision_item.ordinal 
_pdbx_audit_revision_item.revision_ordinal 
_pdbx_audit_revision_item.data_content_type 
_pdbx_audit_revision_item.item 
1 4 'Structure model' '_database_2.pdbx_DOI'                
2 4 'Structure model' '_database_2.pdbx_database_accession' 
3 4 'Structure model' '_struct_site.pdbx_auth_asym_id'      
4 4 'Structure model' '_struct_site.pdbx_auth_comp_id'      
5 4 'Structure model' '_struct_site.pdbx_auth_seq_id'       
# 
_pdbx_database_status.status_code                     REL 
_pdbx_database_status.entry_id                        1EMU 
_pdbx_database_status.recvd_initial_deposition_date   2000-03-17 
_pdbx_database_status.deposit_site                    RCSB 
_pdbx_database_status.process_site                    RCSB 
_pdbx_database_status.SG_entry                        . 
_pdbx_database_status.status_code_sf                  REL 
_pdbx_database_status.pdb_format_compatible           Y 
_pdbx_database_status.status_code_mr                  ? 
_pdbx_database_status.status_code_cs                  ? 
_pdbx_database_status.status_code_nmr_data            ? 
_pdbx_database_status.methods_development_category    ? 
# 
_pdbx_database_related.db_name        PDB 
_pdbx_database_related.db_id          1DK8 
_pdbx_database_related.details        
;1DK8 contains the RGS-homologous domain of Axin 
in the absence of the SAMP repeat
;
_pdbx_database_related.content_type   unspecified 
# 
loop_
_audit_author.name 
_audit_author.pdbx_ordinal 
'Spink, K.E.' 1 
'Polakis, P.' 2 
'Weis, W.I.'  3 
# 
_citation.id                        primary 
_citation.title                     'Structural basis of the Axin-adenomatous polyposis coli interaction.' 
_citation.journal_abbrev            'EMBO J.' 
_citation.journal_volume            19 
_citation.page_first                2270 
_citation.page_last                 2279 
_citation.year                      2000 
_citation.journal_id_ASTM           EMJODG 
_citation.country                   UK 
_citation.journal_id_ISSN           0261-4189 
_citation.journal_id_CSD            0897 
_citation.book_publisher            ? 
_citation.pdbx_database_id_PubMed   10811618 
_citation.pdbx_database_id_DOI      10.1093/emboj/19.10.2270 
# 
loop_
_citation_author.citation_id 
_citation_author.name 
_citation_author.ordinal 
_citation_author.identifier_ORCID 
primary 'Spink, K.E.' 1 ? 
primary 'Polakis, P.' 2 ? 
primary 'Weis, W.I.'  3 ? 
# 
loop_
_entity.id 
_entity.type 
_entity.src_method 
_entity.pdbx_description 
_entity.formula_weight 
_entity.pdbx_number_of_molecules 
_entity.pdbx_ec 
_entity.pdbx_mutation 
_entity.pdbx_fragment 
_entity.details 
1 polymer     man AXIN                                 15349.550 1  ? ? 'RGS-HOMOLOGOUS DOMAIN' ? 
2 polymer     syn 'ADENOMATOUS POLYPOSIS COLI PROTEIN' 1766.965  1  ? ? 'THIRD SAMP REPEAT'     ? 
3 non-polymer syn GLYCEROL                             92.094    7  ? ? ?                       ? 
4 water       nat water                                18.015    61 ? ? ?                       ? 
# 
loop_
_entity_poly.entity_id 
_entity_poly.type 
_entity_poly.nstd_linkage 
_entity_poly.nstd_monomer 
_entity_poly.pdbx_seq_one_letter_code 
_entity_poly.pdbx_seq_one_letter_code_can 
_entity_poly.pdbx_strand_id 
_entity_poly.pdbx_target_identifier 
1 'polypeptide(L)' no no 
;PPYLKWAESLHSLLDDQDGISLFRTFLKQEGCADLLDFWFACTGFRKLEPCDSNEEKRLKLARAIYRKYILDNNGIVSRQ
TKPATKSFIKGCIMKQLIDPAMFDQAQTEIQATMEENTYPSFLKSDIYLEYT
;
;PPYLKWAESLHSLLDDQDGISLFRTFLKQEGCADLLDFWFACTGFRKLEPCDSNEEKRLKLARAIYRKYILDNNGIVSRQ
TKPATKSFIKGCIMKQLIDPAMFDQAQTEIQATMEENTYPSFLKSDIYLEYT
;
A ? 
2 'polypeptide(L)' no no SEDDLLQECISSAMPK SEDDLLQECISSAMPK B ? 
# 
loop_
_pdbx_entity_nonpoly.entity_id 
_pdbx_entity_nonpoly.name 
_pdbx_entity_nonpoly.comp_id 
3 GLYCEROL GOL 
4 water    HOH 
# 
loop_
_entity_poly_seq.entity_id 
_entity_poly_seq.num 
_entity_poly_seq.mon_id 
_entity_poly_seq.hetero 
1 1   PRO n 
1 2   PRO n 
1 3   TYR n 
1 4   LEU n 
1 5   LYS n 
1 6   TRP n 
1 7   ALA n 
1 8   GLU n 
1 9   SER n 
1 10  LEU n 
1 11  HIS n 
1 12  SER n 
1 13  LEU n 
1 14  LEU n 
1 15  ASP n 
1 16  ASP n 
1 17  GLN n 
1 18  ASP n 
1 19  GLY n 
1 20  ILE n 
1 21  SER n 
1 22  LEU n 
1 23  PHE n 
1 24  ARG n 
1 25  THR n 
1 26  PHE n 
1 27  LEU n 
1 28  LYS n 
1 29  GLN n 
1 30  GLU n 
1 31  GLY n 
1 32  CYS n 
1 33  ALA n 
1 34  ASP n 
1 35  LEU n 
1 36  LEU n 
1 37  ASP n 
1 38  PHE n 
1 39  TRP n 
1 40  PHE n 
1 41  ALA n 
1 42  CYS n 
1 43  THR n 
1 44  GLY n 
1 45  PHE n 
1 46  ARG n 
1 47  LYS n 
1 48  LEU n 
1 49  GLU n 
1 50  PRO n 
1 51  CYS n 
1 52  ASP n 
1 53  SER n 
1 54  ASN n 
1 55  GLU n 
1 56  GLU n 
1 57  LYS n 
1 58  ARG n 
1 59  LEU n 
1 60  LYS n 
1 61  LEU n 
1 62  ALA n 
1 63  ARG n 
1 64  ALA n 
1 65  ILE n 
1 66  TYR n 
1 67  ARG n 
1 68  LYS n 
1 69  TYR n 
1 70  ILE n 
1 71  LEU n 
1 72  ASP n 
1 73  ASN n 
1 74  ASN n 
1 75  GLY n 
1 76  ILE n 
1 77  VAL n 
1 78  SER n 
1 79  ARG n 
1 80  GLN n 
1 81  THR n 
1 82  LYS n 
1 83  PRO n 
1 84  ALA n 
1 85  THR n 
1 86  LYS n 
1 87  SER n 
1 88  PHE n 
1 89  ILE n 
1 90  LYS n 
1 91  GLY n 
1 92  CYS n 
1 93  ILE n 
1 94  MET n 
1 95  LYS n 
1 96  GLN n 
1 97  LEU n 
1 98  ILE n 
1 99  ASP n 
1 100 PRO n 
1 101 ALA n 
1 102 MET n 
1 103 PHE n 
1 104 ASP n 
1 105 GLN n 
1 106 ALA n 
1 107 GLN n 
1 108 THR n 
1 109 GLU n 
1 110 ILE n 
1 111 GLN n 
1 112 ALA n 
1 113 THR n 
1 114 MET n 
1 115 GLU n 
1 116 GLU n 
1 117 ASN n 
1 118 THR n 
1 119 TYR n 
1 120 PRO n 
1 121 SER n 
1 122 PHE n 
1 123 LEU n 
1 124 LYS n 
1 125 SER n 
1 126 ASP n 
1 127 ILE n 
1 128 TYR n 
1 129 LEU n 
1 130 GLU n 
1 131 TYR n 
1 132 THR n 
2 1   SER n 
2 2   GLU n 
2 3   ASP n 
2 4   ASP n 
2 5   LEU n 
2 6   LEU n 
2 7   GLN n 
2 8   GLU n 
2 9   CYS n 
2 10  ILE n 
2 11  SER n 
2 12  SER n 
2 13  ALA n 
2 14  MET n 
2 15  PRO n 
2 16  LYS n 
# 
_entity_src_gen.entity_id                          1 
_entity_src_gen.pdbx_src_id                        1 
_entity_src_gen.pdbx_alt_source_flag               sample 
_entity_src_gen.pdbx_seq_type                      ? 
_entity_src_gen.pdbx_beg_seq_num                   ? 
_entity_src_gen.pdbx_end_seq_num                   ? 
_entity_src_gen.gene_src_common_name               human 
_entity_src_gen.gene_src_genus                     Homo 
_entity_src_gen.pdbx_gene_src_gene                 ? 
_entity_src_gen.gene_src_species                   ? 
_entity_src_gen.gene_src_strain                    ? 
_entity_src_gen.gene_src_tissue                    ? 
_entity_src_gen.gene_src_tissue_fraction           ? 
_entity_src_gen.gene_src_details                   ? 
_entity_src_gen.pdbx_gene_src_fragment             ? 
_entity_src_gen.pdbx_gene_src_scientific_name      'Homo sapiens' 
_entity_src_gen.pdbx_gene_src_ncbi_taxonomy_id     9606 
_entity_src_gen.pdbx_gene_src_variant              ? 
_entity_src_gen.pdbx_gene_src_cell_line            ? 
_entity_src_gen.pdbx_gene_src_atcc                 ? 
_entity_src_gen.pdbx_gene_src_organ                ? 
_entity_src_gen.pdbx_gene_src_organelle            ? 
_entity_src_gen.pdbx_gene_src_cell                 ? 
_entity_src_gen.pdbx_gene_src_cellular_location    ? 
_entity_src_gen.host_org_common_name               eubacteria 
_entity_src_gen.pdbx_host_org_scientific_name      Bacteria 
_entity_src_gen.pdbx_host_org_ncbi_taxonomy_id     2 
_entity_src_gen.host_org_genus                     ? 
_entity_src_gen.pdbx_host_org_gene                 ? 
_entity_src_gen.pdbx_host_org_organ                ? 
_entity_src_gen.host_org_species                   ? 
_entity_src_gen.pdbx_host_org_tissue               ? 
_entity_src_gen.pdbx_host_org_tissue_fraction      ? 
_entity_src_gen.pdbx_host_org_strain               ? 
_entity_src_gen.pdbx_host_org_variant              ? 
_entity_src_gen.pdbx_host_org_cell_line            ? 
_entity_src_gen.pdbx_host_org_atcc                 ? 
_entity_src_gen.pdbx_host_org_culture_collection   ? 
_entity_src_gen.pdbx_host_org_cell                 ? 
_entity_src_gen.pdbx_host_org_organelle            ? 
_entity_src_gen.pdbx_host_org_cellular_location    ? 
_entity_src_gen.pdbx_host_org_vector_type          PLASMID 
_entity_src_gen.pdbx_host_org_vector               ? 
_entity_src_gen.host_org_details                   ? 
_entity_src_gen.expression_system_id               ? 
_entity_src_gen.plasmid_name                       PGEX-2T 
_entity_src_gen.plasmid_details                    ? 
_entity_src_gen.pdbx_description                   ? 
# 
_pdbx_entity_src_syn.entity_id              2 
_pdbx_entity_src_syn.pdbx_src_id            1 
_pdbx_entity_src_syn.pdbx_alt_source_flag   sample 
_pdbx_entity_src_syn.pdbx_beg_seq_num       ? 
_pdbx_entity_src_syn.pdbx_end_seq_num       ? 
_pdbx_entity_src_syn.organism_scientific    ? 
_pdbx_entity_src_syn.organism_common_name   ? 
_pdbx_entity_src_syn.ncbi_taxonomy_id       ? 
_pdbx_entity_src_syn.details                
'THIS PEPTIDE WAS CHEMICALLY SYNTHESIZED BY FMOC METHOD. THE SEQUENCE OF THIS PEPTIDE NATURALLY OCCURS IN HUMANS (HOMO SAPIENS)' 
# 
loop_
_chem_comp.id 
_chem_comp.type 
_chem_comp.mon_nstd_flag 
_chem_comp.name 
_chem_comp.pdbx_synonyms 
_chem_comp.formula 
_chem_comp.formula_weight 
ALA 'L-peptide linking' y ALANINE         ?                               'C3 H7 N O2'     89.093  
ARG 'L-peptide linking' y ARGININE        ?                               'C6 H15 N4 O2 1' 175.209 
ASN 'L-peptide linking' y ASPARAGINE      ?                               'C4 H8 N2 O3'    132.118 
ASP 'L-peptide linking' y 'ASPARTIC ACID' ?                               'C4 H7 N O4'     133.103 
CYS 'L-peptide linking' y CYSTEINE        ?                               'C3 H7 N O2 S'   121.158 
GLN 'L-peptide linking' y GLUTAMINE       ?                               'C5 H10 N2 O3'   146.144 
GLU 'L-peptide linking' y 'GLUTAMIC ACID' ?                               'C5 H9 N O4'     147.129 
GLY 'peptide linking'   y GLYCINE         ?                               'C2 H5 N O2'     75.067  
GOL non-polymer         . GLYCEROL        'GLYCERIN; PROPANE-1,2,3-TRIOL' 'C3 H8 O3'       92.094  
HIS 'L-peptide linking' y HISTIDINE       ?                               'C6 H10 N3 O2 1' 156.162 
HOH non-polymer         . WATER           ?                               'H2 O'           18.015  
ILE 'L-peptide linking' y ISOLEUCINE      ?                               'C6 H13 N O2'    131.173 
LEU 'L-peptide linking' y LEUCINE         ?                               'C6 H13 N O2'    131.173 
LYS 'L-peptide linking' y LYSINE          ?                               'C6 H15 N2 O2 1' 147.195 
MET 'L-peptide linking' y METHIONINE      ?                               'C5 H11 N O2 S'  149.211 
PHE 'L-peptide linking' y PHENYLALANINE   ?                               'C9 H11 N O2'    165.189 
PRO 'L-peptide linking' y PROLINE         ?                               'C5 H9 N O2'     115.130 
SER 'L-peptide linking' y SERINE          ?                               'C3 H7 N O3'     105.093 
THR 'L-peptide linking' y THREONINE       ?                               'C4 H9 N O3'     119.119 
TRP 'L-peptide linking' y TRYPTOPHAN      ?                               'C11 H12 N2 O2'  204.225 
TYR 'L-peptide linking' y TYROSINE        ?                               'C9 H11 N O3'    181.189 
VAL 'L-peptide linking' y VALINE          ?                               'C5 H11 N O2'    117.146 
# 
loop_
_pdbx_poly_seq_scheme.asym_id 
_pdbx_poly_seq_scheme.entity_id 
_pdbx_poly_seq_scheme.seq_id 
_pdbx_poly_seq_scheme.mon_id 
_pdbx_poly_seq_scheme.ndb_seq_num 
_pdbx_poly_seq_scheme.pdb_seq_num 
_pdbx_poly_seq_scheme.auth_seq_num 
_pdbx_poly_seq_scheme.pdb_mon_id 
_pdbx_poly_seq_scheme.auth_mon_id 
_pdbx_poly_seq_scheme.pdb_strand_id 
_pdbx_poly_seq_scheme.pdb_ins_code 
_pdbx_poly_seq_scheme.hetero 
A 1 1   PRO 1   117  117  PRO PRO A . n 
A 1 2   PRO 2   118  118  PRO PRO A . n 
A 1 3   TYR 3   119  119  TYR TYR A . n 
A 1 4   LEU 4   120  120  LEU LEU A . n 
A 1 5   LYS 5   121  121  LYS LYS A . n 
A 1 6   TRP 6   122  122  TRP TRP A . n 
A 1 7   ALA 7   123  123  ALA ALA A . n 
A 1 8   GLU 8   124  124  GLU GLU A . n 
A 1 9   SER 9   125  125  SER SER A . n 
A 1 10  LEU 10  126  126  LEU LEU A . n 
A 1 11  HIS 11  127  127  HIS HIS A . n 
A 1 12  SER 12  128  128  SER SER A . n 
A 1 13  LEU 13  129  129  LEU LEU A . n 
A 1 14  LEU 14  130  130  LEU LEU A . n 
A 1 15  ASP 15  131  131  ASP ASP A . n 
A 1 16  ASP 16  132  132  ASP ASP A . n 
A 1 17  GLN 17  133  133  GLN GLN A . n 
A 1 18  ASP 18  134  134  ASP ASP A . n 
A 1 19  GLY 19  135  135  GLY GLY A . n 
A 1 20  ILE 20  136  136  ILE ILE A . n 
A 1 21  SER 21  137  137  SER SER A . n 
A 1 22  LEU 22  138  138  LEU LEU A . n 
A 1 23  PHE 23  139  139  PHE PHE A . n 
A 1 24  ARG 24  140  140  ARG ARG A . n 
A 1 25  THR 25  141  141  THR THR A . n 
A 1 26  PHE 26  142  142  PHE PHE A . n 
A 1 27  LEU 27  143  143  LEU LEU A . n 
A 1 28  LYS 28  144  144  LYS LYS A . n 
A 1 29  GLN 29  145  145  GLN GLN A . n 
A 1 30  GLU 30  146  146  GLU GLU A . n 
A 1 31  GLY 31  147  147  GLY GLY A . n 
A 1 32  CYS 32  148  148  CYS CYS A . n 
A 1 33  ALA 33  149  149  ALA ALA A . n 
A 1 34  ASP 34  150  150  ASP ASP A . n 
A 1 35  LEU 35  151  151  LEU LEU A . n 
A 1 36  LEU 36  152  152  LEU LEU A . n 
A 1 37  ASP 37  153  153  ASP ASP A . n 
A 1 38  PHE 38  154  154  PHE PHE A . n 
A 1 39  TRP 39  155  155  TRP TRP A . n 
A 1 40  PHE 40  156  156  PHE PHE A . n 
A 1 41  ALA 41  157  157  ALA ALA A . n 
A 1 42  CYS 42  158  158  CYS CYS A . n 
A 1 43  THR 43  159  159  THR THR A . n 
A 1 44  GLY 44  160  160  GLY GLY A . n 
A 1 45  PHE 45  161  161  PHE PHE A . n 
A 1 46  ARG 46  162  162  ARG ARG A . n 
A 1 47  LYS 47  163  163  LYS LYS A . n 
A 1 48  LEU 48  164  164  LEU LEU A . n 
A 1 49  GLU 49  165  165  GLU GLU A . n 
A 1 50  PRO 50  166  166  PRO PRO A . n 
A 1 51  CYS 51  167  167  CYS CYS A . n 
A 1 52  ASP 52  168  168  ASP ASP A . n 
A 1 53  SER 53  169  169  SER SER A . n 
A 1 54  ASN 54  170  170  ASN ASN A . n 
A 1 55  GLU 55  171  171  GLU GLU A . n 
A 1 56  GLU 56  172  172  GLU GLU A . n 
A 1 57  LYS 57  173  173  LYS LYS A . n 
A 1 58  ARG 58  174  174  ARG ARG A . n 
A 1 59  LEU 59  175  175  LEU LEU A . n 
A 1 60  LYS 60  176  176  LYS LYS A . n 
A 1 61  LEU 61  177  177  LEU LEU A . n 
A 1 62  ALA 62  178  178  ALA ALA A . n 
A 1 63  ARG 63  179  179  ARG ARG A . n 
A 1 64  ALA 64  180  180  ALA ALA A . n 
A 1 65  ILE 65  181  181  ILE ILE A . n 
A 1 66  TYR 66  182  182  TYR TYR A . n 
A 1 67  ARG 67  183  183  ARG ARG A . n 
A 1 68  LYS 68  184  184  LYS LYS A . n 
A 1 69  TYR 69  185  185  TYR TYR A . n 
A 1 70  ILE 70  186  186  ILE ILE A . n 
A 1 71  LEU 71  187  187  LEU LEU A . n 
A 1 72  ASP 72  188  188  ASP ASP A . n 
A 1 73  ASN 73  189  189  ASN ASN A . n 
A 1 74  ASN 74  190  190  ASN ASN A . n 
A 1 75  GLY 75  191  191  GLY GLY A . n 
A 1 76  ILE 76  192  192  ILE ILE A . n 
A 1 77  VAL 77  193  193  VAL VAL A . n 
A 1 78  SER 78  194  194  SER SER A . n 
A 1 79  ARG 79  195  195  ARG ARG A . n 
A 1 80  GLN 80  196  196  GLN GLN A . n 
A 1 81  THR 81  197  197  THR THR A . n 
A 1 82  LYS 82  198  198  LYS LYS A . n 
A 1 83  PRO 83  199  199  PRO PRO A . n 
A 1 84  ALA 84  200  200  ALA ALA A . n 
A 1 85  THR 85  201  201  THR THR A . n 
A 1 86  LYS 86  202  202  LYS LYS A . n 
A 1 87  SER 87  203  203  SER SER A . n 
A 1 88  PHE 88  204  204  PHE PHE A . n 
A 1 89  ILE 89  205  205  ILE ILE A . n 
A 1 90  LYS 90  206  206  LYS LYS A . n 
A 1 91  GLY 91  207  207  GLY GLY A . n 
A 1 92  CYS 92  208  208  CYS CYS A . n 
A 1 93  ILE 93  209  209  ILE ILE A . n 
A 1 94  MET 94  210  210  MET MET A . n 
A 1 95  LYS 95  211  211  LYS LYS A . n 
A 1 96  GLN 96  212  212  GLN GLN A . n 
A 1 97  LEU 97  213  213  LEU LEU A . n 
A 1 98  ILE 98  214  214  ILE ILE A . n 
A 1 99  ASP 99  215  215  ASP ASP A . n 
A 1 100 PRO 100 216  216  PRO PRO A . n 
A 1 101 ALA 101 217  217  ALA ALA A . n 
A 1 102 MET 102 218  218  MET MET A . n 
A 1 103 PHE 103 219  219  PHE PHE A . n 
A 1 104 ASP 104 220  220  ASP ASP A . n 
A 1 105 GLN 105 221  221  GLN GLN A . n 
A 1 106 ALA 106 222  222  ALA ALA A . n 
A 1 107 GLN 107 223  223  GLN GLN A . n 
A 1 108 THR 108 224  224  THR THR A . n 
A 1 109 GLU 109 225  225  GLU GLU A . n 
A 1 110 ILE 110 226  226  ILE ILE A . n 
A 1 111 GLN 111 227  227  GLN GLN A . n 
A 1 112 ALA 112 228  228  ALA ALA A . n 
A 1 113 THR 113 229  229  THR THR A . n 
A 1 114 MET 114 230  230  MET MET A . n 
A 1 115 GLU 115 231  231  GLU GLU A . n 
A 1 116 GLU 116 232  232  GLU GLU A . n 
A 1 117 ASN 117 233  233  ASN ASN A . n 
A 1 118 THR 118 234  234  THR THR A . n 
A 1 119 TYR 119 235  235  TYR TYR A . n 
A 1 120 PRO 120 236  236  PRO PRO A . n 
A 1 121 SER 121 237  237  SER SER A . n 
A 1 122 PHE 122 238  238  PHE PHE A . n 
A 1 123 LEU 123 239  239  LEU LEU A . n 
A 1 124 LYS 124 240  240  LYS LYS A . n 
A 1 125 SER 125 241  241  SER SER A . n 
A 1 126 ASP 126 242  242  ASP ASP A . n 
A 1 127 ILE 127 243  243  ILE ILE A . n 
A 1 128 TYR 128 244  244  TYR TYR A . n 
A 1 129 LEU 129 245  245  LEU LEU A . n 
A 1 130 GLU 130 246  246  GLU GLU A . n 
A 1 131 TYR 131 247  247  TYR TYR A . n 
A 1 132 THR 132 248  248  THR THR A . n 
B 2 1   SER 1   2035 2035 SER SER B . n 
B 2 2   GLU 2   2036 2036 GLU GLU B . n 
B 2 3   ASP 3   2037 2037 ASP ASP B . n 
B 2 4   ASP 4   2038 2038 ASP ASP B . n 
B 2 5   LEU 5   2039 2039 LEU LEU B . n 
B 2 6   LEU 6   2040 2040 LEU LEU B . n 
B 2 7   GLN 7   2041 2041 GLN GLN B . n 
B 2 8   GLU 8   2042 2042 GLU GLU B . n 
B 2 9   CYS 9   2043 2043 CYS CYS B . n 
B 2 10  ILE 10  2044 2044 ILE ILE B . n 
B 2 11  SER 11  2045 2045 SER SER B . n 
B 2 12  SER 12  2046 2046 SER SER B . n 
B 2 13  ALA 13  2047 2047 ALA ALA B . n 
B 2 14  MET 14  2048 2048 MET MET B . n 
B 2 15  PRO 15  2049 2049 PRO PRO B . n 
B 2 16  LYS 16  2050 2050 LYS LYS B . n 
# 
loop_
_pdbx_nonpoly_scheme.asym_id 
_pdbx_nonpoly_scheme.entity_id 
_pdbx_nonpoly_scheme.mon_id 
_pdbx_nonpoly_scheme.ndb_seq_num 
_pdbx_nonpoly_scheme.pdb_seq_num 
_pdbx_nonpoly_scheme.auth_seq_num 
_pdbx_nonpoly_scheme.pdb_mon_id 
_pdbx_nonpoly_scheme.auth_mon_id 
_pdbx_nonpoly_scheme.pdb_strand_id 
_pdbx_nonpoly_scheme.pdb_ins_code 
C 3 GOL 1  501 501 GOL GOL A . 
D 3 GOL 1  502 502 GOL GOL A . 
E 3 GOL 1  503 503 GOL GOL A . 
F 3 GOL 1  504 504 GOL GOL A . 
G 3 GOL 1  505 505 GOL GOL A . 
H 3 GOL 1  506 506 GOL GOL A . 
I 3 GOL 1  507 507 GOL GOL A . 
J 4 HOH 1  301 301 HOH HOH A . 
J 4 HOH 2  302 302 HOH HOH A . 
J 4 HOH 3  303 303 HOH HOH A . 
J 4 HOH 4  304 304 HOH HOH A . 
J 4 HOH 5  305 305 HOH HOH A . 
J 4 HOH 6  306 306 HOH HOH A . 
J 4 HOH 7  307 307 HOH HOH A . 
J 4 HOH 8  308 308 HOH HOH A . 
J 4 HOH 9  309 309 HOH HOH A . 
J 4 HOH 10 310 310 HOH HOH A . 
J 4 HOH 11 311 311 HOH HOH A . 
J 4 HOH 12 312 312 HOH HOH A . 
J 4 HOH 13 313 313 HOH HOH A . 
J 4 HOH 14 314 314 HOH HOH A . 
J 4 HOH 15 315 315 HOH HOH A . 
J 4 HOH 16 316 316 HOH HOH A . 
J 4 HOH 17 317 317 HOH HOH A . 
J 4 HOH 18 318 318 HOH HOH A . 
J 4 HOH 19 319 319 HOH HOH A . 
J 4 HOH 20 320 320 HOH HOH A . 
J 4 HOH 21 321 321 HOH HOH A . 
J 4 HOH 22 322 322 HOH HOH A . 
J 4 HOH 23 323 323 HOH HOH A . 
J 4 HOH 24 324 324 HOH HOH A . 
J 4 HOH 25 325 325 HOH HOH A . 
J 4 HOH 26 326 326 HOH HOH A . 
J 4 HOH 27 328 328 HOH HOH A . 
J 4 HOH 28 329 329 HOH HOH A . 
J 4 HOH 29 330 330 HOH HOH A . 
J 4 HOH 30 331 331 HOH HOH A . 
J 4 HOH 31 333 333 HOH HOH A . 
J 4 HOH 32 334 334 HOH HOH A . 
J 4 HOH 33 335 335 HOH HOH A . 
J 4 HOH 34 336 336 HOH HOH A . 
J 4 HOH 35 337 337 HOH HOH A . 
J 4 HOH 36 338 338 HOH HOH A . 
J 4 HOH 37 339 339 HOH HOH A . 
J 4 HOH 38 340 340 HOH HOH A . 
J 4 HOH 39 342 342 HOH HOH A . 
J 4 HOH 40 343 343 HOH HOH A . 
J 4 HOH 41 344 344 HOH HOH A . 
J 4 HOH 42 345 345 HOH HOH A . 
J 4 HOH 43 346 346 HOH HOH A . 
J 4 HOH 44 347 347 HOH HOH A . 
J 4 HOH 45 348 348 HOH HOH A . 
J 4 HOH 46 349 349 HOH HOH A . 
J 4 HOH 47 351 351 HOH HOH A . 
J 4 HOH 48 352 352 HOH HOH A . 
J 4 HOH 49 353 353 HOH HOH A . 
J 4 HOH 50 354 354 HOH HOH A . 
J 4 HOH 51 356 356 HOH HOH A . 
J 4 HOH 52 357 357 HOH HOH A . 
J 4 HOH 53 358 358 HOH HOH A . 
J 4 HOH 54 359 359 HOH HOH A . 
J 4 HOH 55 360 360 HOH HOH A . 
J 4 HOH 56 361 361 HOH HOH A . 
K 4 HOH 1  327 327 HOH HOH B . 
K 4 HOH 2  332 332 HOH HOH B . 
K 4 HOH 3  341 341 HOH HOH B . 
K 4 HOH 4  350 350 HOH HOH B . 
K 4 HOH 5  355 355 HOH HOH B . 
# 
loop_
_software.name 
_software.classification 
_software.version 
_software.citation_id 
_software.pdbx_ordinal 
CNS       refinement       . ? 1 
DENZO     'data reduction' . ? 2 
SCALEPACK 'data scaling'   . ? 3 
CNS       phasing          . ? 4 
# 
_cell.entry_id           1EMU 
_cell.length_a           30.600 
_cell.length_b           69.980 
_cell.length_c           71.960 
_cell.angle_alpha        90.00 
_cell.angle_beta         90.00 
_cell.angle_gamma        90.00 
_cell.Z_PDB              4 
_cell.pdbx_unique_axis   ? 
# 
_symmetry.entry_id                         1EMU 
_symmetry.space_group_name_H-M             'P 21 21 21' 
_symmetry.pdbx_full_space_group_name_H-M   ? 
_symmetry.cell_setting                     ? 
_symmetry.Int_Tables_number                19 
# 
_exptl.entry_id          1EMU 
_exptl.method            'X-RAY DIFFRACTION' 
_exptl.crystals_number   2 
# 
_exptl_crystal.id                    1 
_exptl_crystal.density_meas          ? 
_exptl_crystal.density_percent_sol   45.33 
_exptl_crystal.density_Matthews      2.25 
_exptl_crystal.description           ? 
# 
_exptl_crystal_grow.crystal_id      1 
_exptl_crystal_grow.method          'VAPOR DIFFUSION, HANGING DROP' 
_exptl_crystal_grow.pH              5.5 
_exptl_crystal_grow.temp            293 
_exptl_crystal_grow.temp_details    ? 
_exptl_crystal_grow.pdbx_details    'MES, PEG 400, glycerol, DTT, pH 5.5, VAPOR DIFFUSION, HANGING DROP, temperature 293K' 
_exptl_crystal_grow.pdbx_pH_range   . 
# 
loop_
_diffrn.id 
_diffrn.ambient_temp 
_diffrn.ambient_temp_details 
_diffrn.crystal_id 
1 100 ? 1 
2 100 ? 1 
# 
loop_
_diffrn_detector.diffrn_id 
_diffrn_detector.detector 
_diffrn_detector.type 
_diffrn_detector.pdbx_collection_date 
_diffrn_detector.details 
1 CCD           'ADSC QUANTUM 4' 2000-02-02 ? 
2 'IMAGE PLATE' MARRESEARCH      2000-02-25 ? 
# 
_diffrn_radiation.diffrn_id                        1 
_diffrn_radiation.wavelength_id                    1 
_diffrn_radiation.monochromator                    ? 
_diffrn_radiation.pdbx_monochromatic_or_laue_m_l   M 
_diffrn_radiation.pdbx_diffrn_protocol             'SINGLE WAVELENGTH' 
_diffrn_radiation.pdbx_scattering_type             x-ray 
# 
loop_
_diffrn_radiation_wavelength.id 
_diffrn_radiation_wavelength.wavelength 
_diffrn_radiation_wavelength.wt 
1 0.98 1.0 
2 0.97 1.0 
# 
loop_
_diffrn_source.diffrn_id 
_diffrn_source.source 
_diffrn_source.type 
_diffrn_source.pdbx_wavelength 
_diffrn_source.pdbx_synchrotron_site 
_diffrn_source.pdbx_synchrotron_beamline 
_diffrn_source.pdbx_wavelength_list 
1 SYNCHROTRON 'SSRL BEAMLINE BL9-2' 0.98 SSRL BL9-2 ? 
2 SYNCHROTRON 'SSRL BEAMLINE BL9-1' 0.97 SSRL BL9-1 ? 
# 
_reflns.entry_id                     1EMU 
_reflns.observed_criterion_sigma_I   0 
_reflns.observed_criterion_sigma_F   ? 
_reflns.d_resolution_low             32.0 
_reflns.d_resolution_high            1.90 
_reflns.number_obs                   12617 
_reflns.number_all                   ? 
_reflns.percent_possible_obs         99.3 
_reflns.pdbx_Rmerge_I_obs            0.0500000 
_reflns.pdbx_Rsym_value              ? 
_reflns.pdbx_netI_over_sigmaI        19.3 
_reflns.B_iso_Wilson_estimate        14.9 
_reflns.pdbx_redundancy              3.2 
_reflns.R_free_details               ? 
_reflns.limit_h_max                  ? 
_reflns.limit_h_min                  ? 
_reflns.limit_k_max                  ? 
_reflns.limit_k_min                  ? 
_reflns.limit_l_max                  ? 
_reflns.limit_l_min                  ? 
_reflns.observed_criterion_F_max     ? 
_reflns.observed_criterion_F_min     ? 
_reflns.pdbx_ordinal                 1 
_reflns.pdbx_diffrn_id               1 
# 
_reflns_shell.d_res_high             1.90 
_reflns_shell.d_res_low              1.93 
_reflns_shell.percent_possible_obs   ? 
_reflns_shell.percent_possible_all   99.7 
_reflns_shell.Rmerge_I_obs           0.2950000 
_reflns_shell.meanI_over_sigI_obs    ? 
_reflns_shell.pdbx_Rsym_value        ? 
_reflns_shell.pdbx_redundancy        3.0 
_reflns_shell.number_unique_all      611 
_reflns_shell.pdbx_ordinal           1 
_reflns_shell.pdbx_diffrn_id         1 
# 
_refine.entry_id                                 1EMU 
_refine.ls_number_reflns_obs                     12069 
_refine.ls_number_reflns_all                     ? 
_refine.pdbx_ls_sigma_I                          ? 
_refine.pdbx_ls_sigma_F                          0.0 
_refine.pdbx_data_cutoff_high_absF               11160027.33 
_refine.pdbx_data_cutoff_low_absF                0.00 
_refine.ls_d_res_low                             32.00 
_refine.ls_d_res_high                            1.90 
_refine.ls_percent_reflns_obs                    95.0 
_refine.ls_R_factor_obs                          0.2050000 
_refine.ls_R_factor_all                          ? 
_refine.ls_R_factor_R_work                       0.2050000 
_refine.ls_R_factor_R_free                       0.2210000 
_refine.ls_R_factor_R_free_error                 0.006 
_refine.ls_R_factor_R_free_error_details         ? 
_refine.ls_percent_reflns_R_free                 9.9 
_refine.ls_number_reflns_R_free                  1199 
_refine.ls_number_parameters                     ? 
_refine.ls_number_restraints                     ? 
_refine.occupancy_min                            ? 
_refine.occupancy_max                            ? 
_refine.B_iso_mean                               27.4 
_refine.aniso_B[1][1]                            -1.42 
_refine.aniso_B[2][2]                            -3.13 
_refine.aniso_B[3][3]                            4.55 
_refine.aniso_B[1][2]                            0.00 
_refine.aniso_B[1][3]                            0.00 
_refine.aniso_B[2][3]                            0.00 
_refine.solvent_model_details                    'FLAT MODEL' 
_refine.solvent_model_param_ksol                 0.389 
_refine.solvent_model_param_bsol                 53.02 
_refine.pdbx_ls_cross_valid_method               THROUGHOUT 
_refine.details                                  ? 
_refine.pdbx_starting_model                      ? 
_refine.pdbx_method_to_determine_struct          ? 
_refine.pdbx_isotropic_thermal_model             RESTRAINED 
_refine.pdbx_stereochemistry_target_values       'Engh & Huber' 
_refine.pdbx_stereochem_target_val_spec_case     ? 
_refine.pdbx_R_Free_selection_details            RANDOM 
_refine.pdbx_overall_ESU_R_Free                  ? 
_refine.overall_SU_B                             ? 
_refine.ls_redundancy_reflns_obs                 ? 
_refine.B_iso_min                                ? 
_refine.B_iso_max                                ? 
_refine.overall_SU_ML                            ? 
_refine.pdbx_overall_ESU_R                       ? 
_refine.pdbx_data_cutoff_high_rms_absF           ? 
_refine.pdbx_refine_id                           'X-RAY DIFFRACTION' 
_refine.pdbx_diffrn_id                           1 
_refine.pdbx_TLS_residual_ADP_flag               ? 
_refine.correlation_coeff_Fo_to_Fc               ? 
_refine.correlation_coeff_Fo_to_Fc_free          ? 
_refine.pdbx_solvent_vdw_probe_radii             ? 
_refine.pdbx_solvent_ion_probe_radii             ? 
_refine.pdbx_solvent_shrinkage_radii             ? 
_refine.pdbx_overall_phase_error                 ? 
_refine.overall_SU_R_Cruickshank_DPI             ? 
_refine.pdbx_overall_SU_R_free_Cruickshank_DPI   ? 
_refine.pdbx_overall_SU_R_Blow_DPI               ? 
_refine.pdbx_overall_SU_R_free_Blow_DPI          ? 
# 
_refine_analyze.entry_id                        1EMU 
_refine_analyze.Luzzati_coordinate_error_obs    0.20 
_refine_analyze.Luzzati_sigma_a_obs             0.10 
_refine_analyze.Luzzati_d_res_low_obs           5.00 
_refine_analyze.Luzzati_coordinate_error_free   0.22 
_refine_analyze.Luzzati_sigma_a_free            0.14 
_refine_analyze.Luzzati_d_res_low_free          ? 
_refine_analyze.number_disordered_residues      ? 
_refine_analyze.occupancy_sum_hydrogen          ? 
_refine_analyze.occupancy_sum_non_hydrogen      ? 
_refine_analyze.pdbx_Luzzati_d_res_high_obs     ? 
_refine_analyze.pdbx_refine_id                  'X-RAY DIFFRACTION' 
# 
_refine_hist.pdbx_refine_id                   'X-RAY DIFFRACTION' 
_refine_hist.cycle_id                         LAST 
_refine_hist.pdbx_number_atoms_protein        1197 
_refine_hist.pdbx_number_atoms_nucleic_acid   0 
_refine_hist.pdbx_number_atoms_ligand         42 
_refine_hist.number_atoms_solvent             61 
_refine_hist.number_atoms_total               1300 
_refine_hist.d_res_high                       1.90 
_refine_hist.d_res_low                        32.00 
# 
loop_
_refine_ls_restr.type 
_refine_ls_restr.dev_ideal 
_refine_ls_restr.dev_ideal_target 
_refine_ls_restr.weight 
_refine_ls_restr.number 
_refine_ls_restr.pdbx_refine_id 
_refine_ls_restr.pdbx_restraint_function 
c_bond_d           0.006 ?    ? ? 'X-RAY DIFFRACTION' ? 
c_angle_deg        1.1   ?    ? ? 'X-RAY DIFFRACTION' ? 
c_dihedral_angle_d 18.4  ?    ? ? 'X-RAY DIFFRACTION' ? 
c_improper_angle_d 0.72  ?    ? ? 'X-RAY DIFFRACTION' ? 
c_mcbond_it        2.02  1.50 ? ? 'X-RAY DIFFRACTION' ? 
c_mcangle_it       2.88  2.00 ? ? 'X-RAY DIFFRACTION' ? 
c_scbond_it        2.72  2.50 ? ? 'X-RAY DIFFRACTION' ? 
c_scangle_it       4.38  3.00 ? ? 'X-RAY DIFFRACTION' ? 
# 
_refine_ls_shell.pdbx_total_number_of_bins_used   6 
_refine_ls_shell.d_res_high                       1.90 
_refine_ls_shell.d_res_low                        2.02 
_refine_ls_shell.number_reflns_R_work             1609 
_refine_ls_shell.R_factor_R_work                  0.2250000 
_refine_ls_shell.percent_reflns_obs               86.6 
_refine_ls_shell.R_factor_R_free                  0.2540000 
_refine_ls_shell.R_factor_R_free_error            0.019 
_refine_ls_shell.percent_reflns_R_free            10.4 
_refine_ls_shell.number_reflns_R_free             187 
_refine_ls_shell.redundancy_reflns_obs            ? 
_refine_ls_shell.number_reflns_all                ? 
_refine_ls_shell.number_reflns_obs                ? 
_refine_ls_shell.pdbx_refine_id                   'X-RAY DIFFRACTION' 
_refine_ls_shell.R_factor_all                     ? 
# 
loop_
_pdbx_xplor_file.serial_no 
_pdbx_xplor_file.param_file 
_pdbx_xplor_file.topol_file 
_pdbx_xplor_file.pdbx_refine_id 
1 PROTEIN_REP.PARAM PROTEIN.TOP 'X-RAY DIFFRACTION' 
2 WATER_REP.PARAM   WATER.TOP   'X-RAY DIFFRACTION' 
# 
_struct.entry_id                  1EMU 
_struct.title                     'STRUCTURE OF THE AXIN RGS-HOMOLOGOUS DOMAIN IN COMPLEX WITH A SAMP REPEAT FROM APC' 
_struct.pdbx_model_details        ? 
_struct.pdbx_CASP_flag            ? 
_struct.pdbx_model_type_details   ? 
# 
_struct_keywords.entry_id        1EMU 
_struct_keywords.pdbx_keywords   'SIGNALING PROTEIN' 
_struct_keywords.text            'RGS domain, SIGNALING PROTEIN' 
# 
loop_
_struct_asym.id 
_struct_asym.pdbx_blank_PDB_chainid_flag 
_struct_asym.pdbx_modified 
_struct_asym.entity_id 
_struct_asym.details 
A N N 1 ? 
B N N 2 ? 
C N N 3 ? 
D N N 3 ? 
E N N 3 ? 
F N N 3 ? 
G N N 3 ? 
H N N 3 ? 
I N N 3 ? 
J N N 4 ? 
K N N 4 ? 
# 
loop_
_struct_ref.id 
_struct_ref.db_code 
_struct_ref.db_name 
_struct_ref.entity_id 
_struct_ref.pdbx_db_accession 
_struct_ref.pdbx_align_begin 
_struct_ref.pdbx_seq_one_letter_code 
_struct_ref.pdbx_db_isoform 
1 AXN1_HUMAN UNP 1 O15169 117  
;PPYLKWAESLHSLLDDQDGISLFRTFLKQEGCADLLDFWFACTGFRKLEPCDSNEEKRLKLARAIYRKYILDNNGIVSRQ
TKPATKSFIKGCIMKQLIDPAMFDQAQTEIQATMEENTYPSFLKSDIYLEYT
;
? 
2 APC_HUMAN  UNP 2 P25054 2034 SEDDLLQECISSAMPK ? 
# 
loop_
_struct_ref_seq.align_id 
_struct_ref_seq.ref_id 
_struct_ref_seq.pdbx_PDB_id_code 
_struct_ref_seq.pdbx_strand_id 
_struct_ref_seq.seq_align_beg 
_struct_ref_seq.pdbx_seq_align_beg_ins_code 
_struct_ref_seq.seq_align_end 
_struct_ref_seq.pdbx_seq_align_end_ins_code 
_struct_ref_seq.pdbx_db_accession 
_struct_ref_seq.db_align_beg 
_struct_ref_seq.pdbx_db_align_beg_ins_code 
_struct_ref_seq.db_align_end 
_struct_ref_seq.pdbx_db_align_end_ins_code 
_struct_ref_seq.pdbx_auth_seq_align_beg 
_struct_ref_seq.pdbx_auth_seq_align_end 
1 1 1EMU A 1 ? 132 ? O15169 117  ? 248  ? 117  248  
2 2 1EMU B 1 ? 16  ? P25054 2034 ? 2049 ? 2035 2050 
# 
_pdbx_struct_assembly.id                   1 
_pdbx_struct_assembly.details              author_and_software_defined_assembly 
_pdbx_struct_assembly.method_details       PISA 
_pdbx_struct_assembly.oligomeric_details   dimeric 
_pdbx_struct_assembly.oligomeric_count     2 
# 
loop_
_pdbx_struct_assembly_prop.biol_id 
_pdbx_struct_assembly_prop.type 
_pdbx_struct_assembly_prop.value 
_pdbx_struct_assembly_prop.details 
1 'ABSA (A^2)' 2560 ? 
1 MORE         -15  ? 
1 'SSA (A^2)'  8490 ? 
# 
_pdbx_struct_assembly_gen.assembly_id       1 
_pdbx_struct_assembly_gen.oper_expression   1 
_pdbx_struct_assembly_gen.asym_id_list      A,B,C,D,E,F,G,H,I,J,K 
# 
_pdbx_struct_oper_list.id                   1 
_pdbx_struct_oper_list.type                 'identity operation' 
_pdbx_struct_oper_list.name                 1_555 
_pdbx_struct_oper_list.symmetry_operation   x,y,z 
_pdbx_struct_oper_list.matrix[1][1]         1.0000000000 
_pdbx_struct_oper_list.matrix[1][2]         0.0000000000 
_pdbx_struct_oper_list.matrix[1][3]         0.0000000000 
_pdbx_struct_oper_list.vector[1]            0.0000000000 
_pdbx_struct_oper_list.matrix[2][1]         0.0000000000 
_pdbx_struct_oper_list.matrix[2][2]         1.0000000000 
_pdbx_struct_oper_list.matrix[2][3]         0.0000000000 
_pdbx_struct_oper_list.vector[2]            0.0000000000 
_pdbx_struct_oper_list.matrix[3][1]         0.0000000000 
_pdbx_struct_oper_list.matrix[3][2]         0.0000000000 
_pdbx_struct_oper_list.matrix[3][3]         1.0000000000 
_pdbx_struct_oper_list.vector[3]            0.0000000000 
# 
_struct_biol.id   1 
# 
loop_
_struct_conf.conf_type_id 
_struct_conf.id 
_struct_conf.pdbx_PDB_helix_id 
_struct_conf.beg_label_comp_id 
_struct_conf.beg_label_asym_id 
_struct_conf.beg_label_seq_id 
_struct_conf.pdbx_beg_PDB_ins_code 
_struct_conf.end_label_comp_id 
_struct_conf.end_label_asym_id 
_struct_conf.end_label_seq_id 
_struct_conf.pdbx_end_PDB_ins_code 
_struct_conf.beg_auth_comp_id 
_struct_conf.beg_auth_asym_id 
_struct_conf.beg_auth_seq_id 
_struct_conf.end_auth_comp_id 
_struct_conf.end_auth_asym_id 
_struct_conf.end_auth_seq_id 
_struct_conf.pdbx_PDB_helix_class 
_struct_conf.details 
_struct_conf.pdbx_PDB_helix_length 
HELX_P HELX_P1  1  PRO A 1   ? TRP A 6   ? PRO A 117  TRP A 122  1 ? 6  
HELX_P HELX_P2  2  SER A 9   ? LEU A 14  ? SER A 125  LEU A 130  1 ? 6  
HELX_P HELX_P3  3  ASP A 16  ? GLU A 30  ? ASP A 132  GLU A 146  1 ? 15 
HELX_P HELX_P4  4  ALA A 33  ? LYS A 47  ? ALA A 149  LYS A 163  1 ? 15 
HELX_P HELX_P5  5  CYS A 51  ? SER A 53  ? CYS A 167  SER A 169  5 ? 3  
HELX_P HELX_P6  6  ASN A 54  ? ILE A 70  ? ASN A 170  ILE A 186  1 ? 17 
HELX_P HELX_P7  7  GLY A 75  ? GLN A 80  ? GLY A 191  GLN A 196  1 ? 6  
HELX_P HELX_P8  8  LYS A 82  ? GLN A 96  ? LYS A 198  GLN A 212  1 ? 15 
HELX_P HELX_P9  9  PHE A 103 ? ASN A 117 ? PHE A 219  ASN A 233  1 ? 15 
HELX_P HELX_P10 10 ASN A 117 ? LYS A 124 ? ASN A 233  LYS A 240  1 ? 8  
HELX_P HELX_P11 11 SER A 125 ? THR A 132 ? SER A 241  THR A 248  1 ? 8  
HELX_P HELX_P12 12 GLU B 2   ? ALA B 13  ? GLU B 2036 ALA B 2047 1 ? 12 
# 
_struct_conf_type.id          HELX_P 
_struct_conf_type.criteria    ? 
_struct_conf_type.reference   ? 
# 
loop_
_struct_site.id 
_struct_site.pdbx_evidence_code 
_struct_site.pdbx_auth_asym_id 
_struct_site.pdbx_auth_comp_id 
_struct_site.pdbx_auth_seq_id 
_struct_site.pdbx_auth_ins_code 
_struct_site.pdbx_num_residues 
_struct_site.details 
AC1 Software A GOL 501 ? 5 'BINDING SITE FOR RESIDUE GOL A 501' 
AC2 Software A GOL 502 ? 5 'BINDING SITE FOR RESIDUE GOL A 502' 
AC3 Software A GOL 503 ? 5 'BINDING SITE FOR RESIDUE GOL A 503' 
AC4 Software A GOL 504 ? 4 'BINDING SITE FOR RESIDUE GOL A 504' 
AC5 Software A GOL 505 ? 5 'BINDING SITE FOR RESIDUE GOL A 505' 
AC6 Software A GOL 506 ? 7 'BINDING SITE FOR RESIDUE GOL A 506' 
AC7 Software A GOL 507 ? 2 'BINDING SITE FOR RESIDUE GOL A 507' 
# 
loop_
_struct_site_gen.id 
_struct_site_gen.site_id 
_struct_site_gen.pdbx_num_res 
_struct_site_gen.label_comp_id 
_struct_site_gen.label_asym_id 
_struct_site_gen.label_seq_id 
_struct_site_gen.pdbx_auth_ins_code 
_struct_site_gen.auth_comp_id 
_struct_site_gen.auth_asym_id 
_struct_site_gen.auth_seq_id 
_struct_site_gen.label_atom_id 
_struct_site_gen.label_alt_id 
_struct_site_gen.symmetry 
_struct_site_gen.details 
1  AC1 5 PHE A 88  ? PHE A 204  . ? 1_555 ? 
2  AC1 5 GLY A 91  ? GLY A 207  . ? 1_555 ? 
3  AC1 5 CYS A 92  ? CYS A 208  . ? 1_555 ? 
4  AC1 5 LYS A 95  ? LYS A 211  . ? 1_555 ? 
5  AC1 5 GOL E .   ? GOL A 503  . ? 1_555 ? 
6  AC2 5 LEU A 4   ? LEU A 120  . ? 3_656 ? 
7  AC2 5 LYS A 95  ? LYS A 211  . ? 1_555 ? 
8  AC2 5 TYR A 128 ? TYR A 244  . ? 3_656 ? 
9  AC2 5 LEU A 129 ? LEU A 245  . ? 3_656 ? 
10 AC2 5 GOL E .   ? GOL A 503  . ? 1_555 ? 
11 AC3 5 LYS A 95  ? LYS A 211  . ? 1_555 ? 
12 AC3 5 LEU A 97  ? LEU A 213  . ? 1_555 ? 
13 AC3 5 LEU A 123 ? LEU A 239  . ? 3_656 ? 
14 AC3 5 GOL C .   ? GOL A 501  . ? 1_555 ? 
15 AC3 5 GOL D .   ? GOL A 502  . ? 1_555 ? 
16 AC4 4 ARG A 79  ? ARG A 195  . ? 1_555 ? 
17 AC4 4 THR A 81  ? THR A 197  . ? 1_555 ? 
18 AC4 4 LYS A 82  ? LYS A 198  . ? 1_555 ? 
19 AC4 4 PRO A 83  ? PRO A 199  . ? 1_555 ? 
20 AC5 5 GLN A 17  ? GLN A 133  . ? 1_555 ? 
21 AC5 5 ASP A 18  ? ASP A 134  . ? 1_555 ? 
22 AC5 5 SER A 21  ? SER A 137  . ? 1_555 ? 
23 AC5 5 GLU A 56  ? GLU A 172  . ? 4_567 ? 
24 AC5 5 LYS A 60  ? LYS A 176  . ? 4_567 ? 
25 AC6 7 LYS A 28  ? LYS A 144  . ? 1_455 ? 
26 AC6 7 LYS A 47  ? LYS A 163  . ? 1_555 ? 
27 AC6 7 LEU A 48  ? LEU A 164  . ? 1_555 ? 
28 AC6 7 GLU A 49  ? GLU A 165  . ? 1_555 ? 
29 AC6 7 ASN A 54  ? ASN A 170  . ? 1_555 ? 
30 AC6 7 HOH J .   ? HOH A 348  . ? 1_555 ? 
31 AC6 7 SER B 11  ? SER B 2045 . ? 4_467 ? 
32 AC7 2 LYS A 82  ? LYS A 198  . ? 1_555 ? 
33 AC7 2 TYR A 131 ? TYR A 247  . ? 2_664 ? 
# 
loop_
_pdbx_validate_torsion.id 
_pdbx_validate_torsion.PDB_model_num 
_pdbx_validate_torsion.auth_comp_id 
_pdbx_validate_torsion.auth_asym_id 
_pdbx_validate_torsion.auth_seq_id 
_pdbx_validate_torsion.PDB_ins_code 
_pdbx_validate_torsion.label_alt_id 
_pdbx_validate_torsion.phi 
_pdbx_validate_torsion.psi 
1 1 SER A 125  ? ? -170.64 146.45 
2 1 CYS A 148  ? ? -141.11 38.39  
3 1 LEU A 187  ? A -41.63  -93.18 
4 1 ASN A 189  ? A -76.34  25.76  
5 1 ASN A 189  ? B -147.56 -2.76  
6 1 ASN A 233  ? ? -128.49 -66.33 
7 1 GLU B 2036 ? ? 166.44  116.19 
# 
loop_
_chem_comp_atom.comp_id 
_chem_comp_atom.atom_id 
_chem_comp_atom.type_symbol 
_chem_comp_atom.pdbx_aromatic_flag 
_chem_comp_atom.pdbx_stereo_config 
_chem_comp_atom.pdbx_ordinal 
ALA N    N N N 1   
ALA CA   C N S 2   
ALA C    C N N 3   
ALA O    O N N 4   
ALA CB   C N N 5   
ALA OXT  O N N 6   
ALA H    H N N 7   
ALA H2   H N N 8   
ALA HA   H N N 9   
ALA HB1  H N N 10  
ALA HB2  H N N 11  
ALA HB3  H N N 12  
ALA HXT  H N N 13  
ARG N    N N N 14  
ARG CA   C N S 15  
ARG C    C N N 16  
ARG O    O N N 17  
ARG CB   C N N 18  
ARG CG   C N N 19  
ARG CD   C N N 20  
ARG NE   N N N 21  
ARG CZ   C N N 22  
ARG NH1  N N N 23  
ARG NH2  N N N 24  
ARG OXT  O N N 25  
ARG H    H N N 26  
ARG H2   H N N 27  
ARG HA   H N N 28  
ARG HB2  H N N 29  
ARG HB3  H N N 30  
ARG HG2  H N N 31  
ARG HG3  H N N 32  
ARG HD2  H N N 33  
ARG HD3  H N N 34  
ARG HE   H N N 35  
ARG HH11 H N N 36  
ARG HH12 H N N 37  
ARG HH21 H N N 38  
ARG HH22 H N N 39  
ARG HXT  H N N 40  
ASN N    N N N 41  
ASN CA   C N S 42  
ASN C    C N N 43  
ASN O    O N N 44  
ASN CB   C N N 45  
ASN CG   C N N 46  
ASN OD1  O N N 47  
ASN ND2  N N N 48  
ASN OXT  O N N 49  
ASN H    H N N 50  
ASN H2   H N N 51  
ASN HA   H N N 52  
ASN HB2  H N N 53  
ASN HB3  H N N 54  
ASN HD21 H N N 55  
ASN HD22 H N N 56  
ASN HXT  H N N 57  
ASP N    N N N 58  
ASP CA   C N S 59  
ASP C    C N N 60  
ASP O    O N N 61  
ASP CB   C N N 62  
ASP CG   C N N 63  
ASP OD1  O N N 64  
ASP OD2  O N N 65  
ASP OXT  O N N 66  
ASP H    H N N 67  
ASP H2   H N N 68  
ASP HA   H N N 69  
ASP HB2  H N N 70  
ASP HB3  H N N 71  
ASP HD2  H N N 72  
ASP HXT  H N N 73  
CYS N    N N N 74  
CYS CA   C N R 75  
CYS C    C N N 76  
CYS O    O N N 77  
CYS CB   C N N 78  
CYS SG   S N N 79  
CYS OXT  O N N 80  
CYS H    H N N 81  
CYS H2   H N N 82  
CYS HA   H N N 83  
CYS HB2  H N N 84  
CYS HB3  H N N 85  
CYS HG   H N N 86  
CYS HXT  H N N 87  
GLN N    N N N 88  
GLN CA   C N S 89  
GLN C    C N N 90  
GLN O    O N N 91  
GLN CB   C N N 92  
GLN CG   C N N 93  
GLN CD   C N N 94  
GLN OE1  O N N 95  
GLN NE2  N N N 96  
GLN OXT  O N N 97  
GLN H    H N N 98  
GLN H2   H N N 99  
GLN HA   H N N 100 
GLN HB2  H N N 101 
GLN HB3  H N N 102 
GLN HG2  H N N 103 
GLN HG3  H N N 104 
GLN HE21 H N N 105 
GLN HE22 H N N 106 
GLN HXT  H N N 107 
GLU N    N N N 108 
GLU CA   C N S 109 
GLU C    C N N 110 
GLU O    O N N 111 
GLU CB   C N N 112 
GLU CG   C N N 113 
GLU CD   C N N 114 
GLU OE1  O N N 115 
GLU OE2  O N N 116 
GLU OXT  O N N 117 
GLU H    H N N 118 
GLU H2   H N N 119 
GLU HA   H N N 120 
GLU HB2  H N N 121 
GLU HB3  H N N 122 
GLU HG2  H N N 123 
GLU HG3  H N N 124 
GLU HE2  H N N 125 
GLU HXT  H N N 126 
GLY N    N N N 127 
GLY CA   C N N 128 
GLY C    C N N 129 
GLY O    O N N 130 
GLY OXT  O N N 131 
GLY H    H N N 132 
GLY H2   H N N 133 
GLY HA2  H N N 134 
GLY HA3  H N N 135 
GLY HXT  H N N 136 
GOL C1   C N N 137 
GOL O1   O N N 138 
GOL C2   C N N 139 
GOL O2   O N N 140 
GOL C3   C N N 141 
GOL O3   O N N 142 
GOL H11  H N N 143 
GOL H12  H N N 144 
GOL HO1  H N N 145 
GOL H2   H N N 146 
GOL HO2  H N N 147 
GOL H31  H N N 148 
GOL H32  H N N 149 
GOL HO3  H N N 150 
HIS N    N N N 151 
HIS CA   C N S 152 
HIS C    C N N 153 
HIS O    O N N 154 
HIS CB   C N N 155 
HIS CG   C Y N 156 
HIS ND1  N Y N 157 
HIS CD2  C Y N 158 
HIS CE1  C Y N 159 
HIS NE2  N Y N 160 
HIS OXT  O N N 161 
HIS H    H N N 162 
HIS H2   H N N 163 
HIS HA   H N N 164 
HIS HB2  H N N 165 
HIS HB3  H N N 166 
HIS HD1  H N N 167 
HIS HD2  H N N 168 
HIS HE1  H N N 169 
HIS HE2  H N N 170 
HIS HXT  H N N 171 
HOH O    O N N 172 
HOH H1   H N N 173 
HOH H2   H N N 174 
ILE N    N N N 175 
ILE CA   C N S 176 
ILE C    C N N 177 
ILE O    O N N 178 
ILE CB   C N S 179 
ILE CG1  C N N 180 
ILE CG2  C N N 181 
ILE CD1  C N N 182 
ILE OXT  O N N 183 
ILE H    H N N 184 
ILE H2   H N N 185 
ILE HA   H N N 186 
ILE HB   H N N 187 
ILE HG12 H N N 188 
ILE HG13 H N N 189 
ILE HG21 H N N 190 
ILE HG22 H N N 191 
ILE HG23 H N N 192 
ILE HD11 H N N 193 
ILE HD12 H N N 194 
ILE HD13 H N N 195 
ILE HXT  H N N 196 
LEU N    N N N 197 
LEU CA   C N S 198 
LEU C    C N N 199 
LEU O    O N N 200 
LEU CB   C N N 201 
LEU CG   C N N 202 
LEU CD1  C N N 203 
LEU CD2  C N N 204 
LEU OXT  O N N 205 
LEU H    H N N 206 
LEU H2   H N N 207 
LEU HA   H N N 208 
LEU HB2  H N N 209 
LEU HB3  H N N 210 
LEU HG   H N N 211 
LEU HD11 H N N 212 
LEU HD12 H N N 213 
LEU HD13 H N N 214 
LEU HD21 H N N 215 
LEU HD22 H N N 216 
LEU HD23 H N N 217 
LEU HXT  H N N 218 
LYS N    N N N 219 
LYS CA   C N S 220 
LYS C    C N N 221 
LYS O    O N N 222 
LYS CB   C N N 223 
LYS CG   C N N 224 
LYS CD   C N N 225 
LYS CE   C N N 226 
LYS NZ   N N N 227 
LYS OXT  O N N 228 
LYS H    H N N 229 
LYS H2   H N N 230 
LYS HA   H N N 231 
LYS HB2  H N N 232 
LYS HB3  H N N 233 
LYS HG2  H N N 234 
LYS HG3  H N N 235 
LYS HD2  H N N 236 
LYS HD3  H N N 237 
LYS HE2  H N N 238 
LYS HE3  H N N 239 
LYS HZ1  H N N 240 
LYS HZ2  H N N 241 
LYS HZ3  H N N 242 
LYS HXT  H N N 243 
MET N    N N N 244 
MET CA   C N S 245 
MET C    C N N 246 
MET O    O N N 247 
MET CB   C N N 248 
MET CG   C N N 249 
MET SD   S N N 250 
MET CE   C N N 251 
MET OXT  O N N 252 
MET H    H N N 253 
MET H2   H N N 254 
MET HA   H N N 255 
MET HB2  H N N 256 
MET HB3  H N N 257 
MET HG2  H N N 258 
MET HG3  H N N 259 
MET HE1  H N N 260 
MET HE2  H N N 261 
MET HE3  H N N 262 
MET HXT  H N N 263 
PHE N    N N N 264 
PHE CA   C N S 265 
PHE C    C N N 266 
PHE O    O N N 267 
PHE CB   C N N 268 
PHE CG   C Y N 269 
PHE CD1  C Y N 270 
PHE CD2  C Y N 271 
PHE CE1  C Y N 272 
PHE CE2  C Y N 273 
PHE CZ   C Y N 274 
PHE OXT  O N N 275 
PHE H    H N N 276 
PHE H2   H N N 277 
PHE HA   H N N 278 
PHE HB2  H N N 279 
PHE HB3  H N N 280 
PHE HD1  H N N 281 
PHE HD2  H N N 282 
PHE HE1  H N N 283 
PHE HE2  H N N 284 
PHE HZ   H N N 285 
PHE HXT  H N N 286 
PRO N    N N N 287 
PRO CA   C N S 288 
PRO C    C N N 289 
PRO O    O N N 290 
PRO CB   C N N 291 
PRO CG   C N N 292 
PRO CD   C N N 293 
PRO OXT  O N N 294 
PRO H    H N N 295 
PRO HA   H N N 296 
PRO HB2  H N N 297 
PRO HB3  H N N 298 
PRO HG2  H N N 299 
PRO HG3  H N N 300 
PRO HD2  H N N 301 
PRO HD3  H N N 302 
PRO HXT  H N N 303 
SER N    N N N 304 
SER CA   C N S 305 
SER C    C N N 306 
SER O    O N N 307 
SER CB   C N N 308 
SER OG   O N N 309 
SER OXT  O N N 310 
SER H    H N N 311 
SER H2   H N N 312 
SER HA   H N N 313 
SER HB2  H N N 314 
SER HB3  H N N 315 
SER HG   H N N 316 
SER HXT  H N N 317 
THR N    N N N 318 
THR CA   C N S 319 
THR C    C N N 320 
THR O    O N N 321 
THR CB   C N R 322 
THR OG1  O N N 323 
THR CG2  C N N 324 
THR OXT  O N N 325 
THR H    H N N 326 
THR H2   H N N 327 
THR HA   H N N 328 
THR HB   H N N 329 
THR HG1  H N N 330 
THR HG21 H N N 331 
THR HG22 H N N 332 
THR HG23 H N N 333 
THR HXT  H N N 334 
TRP N    N N N 335 
TRP CA   C N S 336 
TRP C    C N N 337 
TRP O    O N N 338 
TRP CB   C N N 339 
TRP CG   C Y N 340 
TRP CD1  C Y N 341 
TRP CD2  C Y N 342 
TRP NE1  N Y N 343 
TRP CE2  C Y N 344 
TRP CE3  C Y N 345 
TRP CZ2  C Y N 346 
TRP CZ3  C Y N 347 
TRP CH2  C Y N 348 
TRP OXT  O N N 349 
TRP H    H N N 350 
TRP H2   H N N 351 
TRP HA   H N N 352 
TRP HB2  H N N 353 
TRP HB3  H N N 354 
TRP HD1  H N N 355 
TRP HE1  H N N 356 
TRP HE3  H N N 357 
TRP HZ2  H N N 358 
TRP HZ3  H N N 359 
TRP HH2  H N N 360 
TRP HXT  H N N 361 
TYR N    N N N 362 
TYR CA   C N S 363 
TYR C    C N N 364 
TYR O    O N N 365 
TYR CB   C N N 366 
TYR CG   C Y N 367 
TYR CD1  C Y N 368 
TYR CD2  C Y N 369 
TYR CE1  C Y N 370 
TYR CE2  C Y N 371 
TYR CZ   C Y N 372 
TYR OH   O N N 373 
TYR OXT  O N N 374 
TYR H    H N N 375 
TYR H2   H N N 376 
TYR HA   H N N 377 
TYR HB2  H N N 378 
TYR HB3  H N N 379 
TYR HD1  H N N 380 
TYR HD2  H N N 381 
TYR HE1  H N N 382 
TYR HE2  H N N 383 
TYR HH   H N N 384 
TYR HXT  H N N 385 
VAL N    N N N 386 
VAL CA   C N S 387 
VAL C    C N N 388 
VAL O    O N N 389 
VAL CB   C N N 390 
VAL CG1  C N N 391 
VAL CG2  C N N 392 
VAL OXT  O N N 393 
VAL H    H N N 394 
VAL H2   H N N 395 
VAL HA   H N N 396 
VAL HB   H N N 397 
VAL HG11 H N N 398 
VAL HG12 H N N 399 
VAL HG13 H N N 400 
VAL HG21 H N N 401 
VAL HG22 H N N 402 
VAL HG23 H N N 403 
VAL HXT  H N N 404 
# 
loop_
_chem_comp_bond.comp_id 
_chem_comp_bond.atom_id_1 
_chem_comp_bond.atom_id_2 
_chem_comp_bond.value_order 
_chem_comp_bond.pdbx_aromatic_flag 
_chem_comp_bond.pdbx_stereo_config 
_chem_comp_bond.pdbx_ordinal 
ALA N   CA   sing N N 1   
ALA N   H    sing N N 2   
ALA N   H2   sing N N 3   
ALA CA  C    sing N N 4   
ALA CA  CB   sing N N 5   
ALA CA  HA   sing N N 6   
ALA C   O    doub N N 7   
ALA C   OXT  sing N N 8   
ALA CB  HB1  sing N N 9   
ALA CB  HB2  sing N N 10  
ALA CB  HB3  sing N N 11  
ALA OXT HXT  sing N N 12  
ARG N   CA   sing N N 13  
ARG N   H    sing N N 14  
ARG N   H2   sing N N 15  
ARG CA  C    sing N N 16  
ARG CA  CB   sing N N 17  
ARG CA  HA   sing N N 18  
ARG C   O    doub N N 19  
ARG C   OXT  sing N N 20  
ARG CB  CG   sing N N 21  
ARG CB  HB2  sing N N 22  
ARG CB  HB3  sing N N 23  
ARG CG  CD   sing N N 24  
ARG CG  HG2  sing N N 25  
ARG CG  HG3  sing N N 26  
ARG CD  NE   sing N N 27  
ARG CD  HD2  sing N N 28  
ARG CD  HD3  sing N N 29  
ARG NE  CZ   sing N N 30  
ARG NE  HE   sing N N 31  
ARG CZ  NH1  sing N N 32  
ARG CZ  NH2  doub N N 33  
ARG NH1 HH11 sing N N 34  
ARG NH1 HH12 sing N N 35  
ARG NH2 HH21 sing N N 36  
ARG NH2 HH22 sing N N 37  
ARG OXT HXT  sing N N 38  
ASN N   CA   sing N N 39  
ASN N   H    sing N N 40  
ASN N   H2   sing N N 41  
ASN CA  C    sing N N 42  
ASN CA  CB   sing N N 43  
ASN CA  HA   sing N N 44  
ASN C   O    doub N N 45  
ASN C   OXT  sing N N 46  
ASN CB  CG   sing N N 47  
ASN CB  HB2  sing N N 48  
ASN CB  HB3  sing N N 49  
ASN CG  OD1  doub N N 50  
ASN CG  ND2  sing N N 51  
ASN ND2 HD21 sing N N 52  
ASN ND2 HD22 sing N N 53  
ASN OXT HXT  sing N N 54  
ASP N   CA   sing N N 55  
ASP N   H    sing N N 56  
ASP N   H2   sing N N 57  
ASP CA  C    sing N N 58  
ASP CA  CB   sing N N 59  
ASP CA  HA   sing N N 60  
ASP C   O    doub N N 61  
ASP C   OXT  sing N N 62  
ASP CB  CG   sing N N 63  
ASP CB  HB2  sing N N 64  
ASP CB  HB3  sing N N 65  
ASP CG  OD1  doub N N 66  
ASP CG  OD2  sing N N 67  
ASP OD2 HD2  sing N N 68  
ASP OXT HXT  sing N N 69  
CYS N   CA   sing N N 70  
CYS N   H    sing N N 71  
CYS N   H2   sing N N 72  
CYS CA  C    sing N N 73  
CYS CA  CB   sing N N 74  
CYS CA  HA   sing N N 75  
CYS C   O    doub N N 76  
CYS C   OXT  sing N N 77  
CYS CB  SG   sing N N 78  
CYS CB  HB2  sing N N 79  
CYS CB  HB3  sing N N 80  
CYS SG  HG   sing N N 81  
CYS OXT HXT  sing N N 82  
GLN N   CA   sing N N 83  
GLN N   H    sing N N 84  
GLN N   H2   sing N N 85  
GLN CA  C    sing N N 86  
GLN CA  CB   sing N N 87  
GLN CA  HA   sing N N 88  
GLN C   O    doub N N 89  
GLN C   OXT  sing N N 90  
GLN CB  CG   sing N N 91  
GLN CB  HB2  sing N N 92  
GLN CB  HB3  sing N N 93  
GLN CG  CD   sing N N 94  
GLN CG  HG2  sing N N 95  
GLN CG  HG3  sing N N 96  
GLN CD  OE1  doub N N 97  
GLN CD  NE2  sing N N 98  
GLN NE2 HE21 sing N N 99  
GLN NE2 HE22 sing N N 100 
GLN OXT HXT  sing N N 101 
GLU N   CA   sing N N 102 
GLU N   H    sing N N 103 
GLU N   H2   sing N N 104 
GLU CA  C    sing N N 105 
GLU CA  CB   sing N N 106 
GLU CA  HA   sing N N 107 
GLU C   O    doub N N 108 
GLU C   OXT  sing N N 109 
GLU CB  CG   sing N N 110 
GLU CB  HB2  sing N N 111 
GLU CB  HB3  sing N N 112 
GLU CG  CD   sing N N 113 
GLU CG  HG2  sing N N 114 
GLU CG  HG3  sing N N 115 
GLU CD  OE1  doub N N 116 
GLU CD  OE2  sing N N 117 
GLU OE2 HE2  sing N N 118 
GLU OXT HXT  sing N N 119 
GLY N   CA   sing N N 120 
GLY N   H    sing N N 121 
GLY N   H2   sing N N 122 
GLY CA  C    sing N N 123 
GLY CA  HA2  sing N N 124 
GLY CA  HA3  sing N N 125 
GLY C   O    doub N N 126 
GLY C   OXT  sing N N 127 
GLY OXT HXT  sing N N 128 
GOL C1  O1   sing N N 129 
GOL C1  C2   sing N N 130 
GOL C1  H11  sing N N 131 
GOL C1  H12  sing N N 132 
GOL O1  HO1  sing N N 133 
GOL C2  O2   sing N N 134 
GOL C2  C3   sing N N 135 
GOL C2  H2   sing N N 136 
GOL O2  HO2  sing N N 137 
GOL C3  O3   sing N N 138 
GOL C3  H31  sing N N 139 
GOL C3  H32  sing N N 140 
GOL O3  HO3  sing N N 141 
HIS N   CA   sing N N 142 
HIS N   H    sing N N 143 
HIS N   H2   sing N N 144 
HIS CA  C    sing N N 145 
HIS CA  CB   sing N N 146 
HIS CA  HA   sing N N 147 
HIS C   O    doub N N 148 
HIS C   OXT  sing N N 149 
HIS CB  CG   sing N N 150 
HIS CB  HB2  sing N N 151 
HIS CB  HB3  sing N N 152 
HIS CG  ND1  sing Y N 153 
HIS CG  CD2  doub Y N 154 
HIS ND1 CE1  doub Y N 155 
HIS ND1 HD1  sing N N 156 
HIS CD2 NE2  sing Y N 157 
HIS CD2 HD2  sing N N 158 
HIS CE1 NE2  sing Y N 159 
HIS CE1 HE1  sing N N 160 
HIS NE2 HE2  sing N N 161 
HIS OXT HXT  sing N N 162 
HOH O   H1   sing N N 163 
HOH O   H2   sing N N 164 
ILE N   CA   sing N N 165 
ILE N   H    sing N N 166 
ILE N   H2   sing N N 167 
ILE CA  C    sing N N 168 
ILE CA  CB   sing N N 169 
ILE CA  HA   sing N N 170 
ILE C   O    doub N N 171 
ILE C   OXT  sing N N 172 
ILE CB  CG1  sing N N 173 
ILE CB  CG2  sing N N 174 
ILE CB  HB   sing N N 175 
ILE CG1 CD1  sing N N 176 
ILE CG1 HG12 sing N N 177 
ILE CG1 HG13 sing N N 178 
ILE CG2 HG21 sing N N 179 
ILE CG2 HG22 sing N N 180 
ILE CG2 HG23 sing N N 181 
ILE CD1 HD11 sing N N 182 
ILE CD1 HD12 sing N N 183 
ILE CD1 HD13 sing N N 184 
ILE OXT HXT  sing N N 185 
LEU N   CA   sing N N 186 
LEU N   H    sing N N 187 
LEU N   H2   sing N N 188 
LEU CA  C    sing N N 189 
LEU CA  CB   sing N N 190 
LEU CA  HA   sing N N 191 
LEU C   O    doub N N 192 
LEU C   OXT  sing N N 193 
LEU CB  CG   sing N N 194 
LEU CB  HB2  sing N N 195 
LEU CB  HB3  sing N N 196 
LEU CG  CD1  sing N N 197 
LEU CG  CD2  sing N N 198 
LEU CG  HG   sing N N 199 
LEU CD1 HD11 sing N N 200 
LEU CD1 HD12 sing N N 201 
LEU CD1 HD13 sing N N 202 
LEU CD2 HD21 sing N N 203 
LEU CD2 HD22 sing N N 204 
LEU CD2 HD23 sing N N 205 
LEU OXT HXT  sing N N 206 
LYS N   CA   sing N N 207 
LYS N   H    sing N N 208 
LYS N   H2   sing N N 209 
LYS CA  C    sing N N 210 
LYS CA  CB   sing N N 211 
LYS CA  HA   sing N N 212 
LYS C   O    doub N N 213 
LYS C   OXT  sing N N 214 
LYS CB  CG   sing N N 215 
LYS CB  HB2  sing N N 216 
LYS CB  HB3  sing N N 217 
LYS CG  CD   sing N N 218 
LYS CG  HG2  sing N N 219 
LYS CG  HG3  sing N N 220 
LYS CD  CE   sing N N 221 
LYS CD  HD2  sing N N 222 
LYS CD  HD3  sing N N 223 
LYS CE  NZ   sing N N 224 
LYS CE  HE2  sing N N 225 
LYS CE  HE3  sing N N 226 
LYS NZ  HZ1  sing N N 227 
LYS NZ  HZ2  sing N N 228 
LYS NZ  HZ3  sing N N 229 
LYS OXT HXT  sing N N 230 
MET N   CA   sing N N 231 
MET N   H    sing N N 232 
MET N   H2   sing N N 233 
MET CA  C    sing N N 234 
MET CA  CB   sing N N 235 
MET CA  HA   sing N N 236 
MET C   O    doub N N 237 
MET C   OXT  sing N N 238 
MET CB  CG   sing N N 239 
MET CB  HB2  sing N N 240 
MET CB  HB3  sing N N 241 
MET CG  SD   sing N N 242 
MET CG  HG2  sing N N 243 
MET CG  HG3  sing N N 244 
MET SD  CE   sing N N 245 
MET CE  HE1  sing N N 246 
MET CE  HE2  sing N N 247 
MET CE  HE3  sing N N 248 
MET OXT HXT  sing N N 249 
PHE N   CA   sing N N 250 
PHE N   H    sing N N 251 
PHE N   H2   sing N N 252 
PHE CA  C    sing N N 253 
PHE CA  CB   sing N N 254 
PHE CA  HA   sing N N 255 
PHE C   O    doub N N 256 
PHE C   OXT  sing N N 257 
PHE CB  CG   sing N N 258 
PHE CB  HB2  sing N N 259 
PHE CB  HB3  sing N N 260 
PHE CG  CD1  doub Y N 261 
PHE CG  CD2  sing Y N 262 
PHE CD1 CE1  sing Y N 263 
PHE CD1 HD1  sing N N 264 
PHE CD2 CE2  doub Y N 265 
PHE CD2 HD2  sing N N 266 
PHE CE1 CZ   doub Y N 267 
PHE CE1 HE1  sing N N 268 
PHE CE2 CZ   sing Y N 269 
PHE CE2 HE2  sing N N 270 
PHE CZ  HZ   sing N N 271 
PHE OXT HXT  sing N N 272 
PRO N   CA   sing N N 273 
PRO N   CD   sing N N 274 
PRO N   H    sing N N 275 
PRO CA  C    sing N N 276 
PRO CA  CB   sing N N 277 
PRO CA  HA   sing N N 278 
PRO C   O    doub N N 279 
PRO C   OXT  sing N N 280 
PRO CB  CG   sing N N 281 
PRO CB  HB2  sing N N 282 
PRO CB  HB3  sing N N 283 
PRO CG  CD   sing N N 284 
PRO CG  HG2  sing N N 285 
PRO CG  HG3  sing N N 286 
PRO CD  HD2  sing N N 287 
PRO CD  HD3  sing N N 288 
PRO OXT HXT  sing N N 289 
SER N   CA   sing N N 290 
SER N   H    sing N N 291 
SER N   H2   sing N N 292 
SER CA  C    sing N N 293 
SER CA  CB   sing N N 294 
SER CA  HA   sing N N 295 
SER C   O    doub N N 296 
SER C   OXT  sing N N 297 
SER CB  OG   sing N N 298 
SER CB  HB2  sing N N 299 
SER CB  HB3  sing N N 300 
SER OG  HG   sing N N 301 
SER OXT HXT  sing N N 302 
THR N   CA   sing N N 303 
THR N   H    sing N N 304 
THR N   H2   sing N N 305 
THR CA  C    sing N N 306 
THR CA  CB   sing N N 307 
THR CA  HA   sing N N 308 
THR C   O    doub N N 309 
THR C   OXT  sing N N 310 
THR CB  OG1  sing N N 311 
THR CB  CG2  sing N N 312 
THR CB  HB   sing N N 313 
THR OG1 HG1  sing N N 314 
THR CG2 HG21 sing N N 315 
THR CG2 HG22 sing N N 316 
THR CG2 HG23 sing N N 317 
THR OXT HXT  sing N N 318 
TRP N   CA   sing N N 319 
TRP N   H    sing N N 320 
TRP N   H2   sing N N 321 
TRP CA  C    sing N N 322 
TRP CA  CB   sing N N 323 
TRP CA  HA   sing N N 324 
TRP C   O    doub N N 325 
TRP C   OXT  sing N N 326 
TRP CB  CG   sing N N 327 
TRP CB  HB2  sing N N 328 
TRP CB  HB3  sing N N 329 
TRP CG  CD1  doub Y N 330 
TRP CG  CD2  sing Y N 331 
TRP CD1 NE1  sing Y N 332 
TRP CD1 HD1  sing N N 333 
TRP CD2 CE2  doub Y N 334 
TRP CD2 CE3  sing Y N 335 
TRP NE1 CE2  sing Y N 336 
TRP NE1 HE1  sing N N 337 
TRP CE2 CZ2  sing Y N 338 
TRP CE3 CZ3  doub Y N 339 
TRP CE3 HE3  sing N N 340 
TRP CZ2 CH2  doub Y N 341 
TRP CZ2 HZ2  sing N N 342 
TRP CZ3 CH2  sing Y N 343 
TRP CZ3 HZ3  sing N N 344 
TRP CH2 HH2  sing N N 345 
TRP OXT HXT  sing N N 346 
TYR N   CA   sing N N 347 
TYR N   H    sing N N 348 
TYR N   H2   sing N N 349 
TYR CA  C    sing N N 350 
TYR CA  CB   sing N N 351 
TYR CA  HA   sing N N 352 
TYR C   O    doub N N 353 
TYR C   OXT  sing N N 354 
TYR CB  CG   sing N N 355 
TYR CB  HB2  sing N N 356 
TYR CB  HB3  sing N N 357 
TYR CG  CD1  doub Y N 358 
TYR CG  CD2  sing Y N 359 
TYR CD1 CE1  sing Y N 360 
TYR CD1 HD1  sing N N 361 
TYR CD2 CE2  doub Y N 362 
TYR CD2 HD2  sing N N 363 
TYR CE1 CZ   doub Y N 364 
TYR CE1 HE1  sing N N 365 
TYR CE2 CZ   sing Y N 366 
TYR CE2 HE2  sing N N 367 
TYR CZ  OH   sing N N 368 
TYR OH  HH   sing N N 369 
TYR OXT HXT  sing N N 370 
VAL N   CA   sing N N 371 
VAL N   H    sing N N 372 
VAL N   H2   sing N N 373 
VAL CA  C    sing N N 374 
VAL CA  CB   sing N N 375 
VAL CA  HA   sing N N 376 
VAL C   O    doub N N 377 
VAL C   OXT  sing N N 378 
VAL CB  CG1  sing N N 379 
VAL CB  CG2  sing N N 380 
VAL CB  HB   sing N N 381 
VAL CG1 HG11 sing N N 382 
VAL CG1 HG12 sing N N 383 
VAL CG1 HG13 sing N N 384 
VAL CG2 HG21 sing N N 385 
VAL CG2 HG22 sing N N 386 
VAL CG2 HG23 sing N N 387 
VAL OXT HXT  sing N N 388 
# 
_atom_sites.entry_id                    1EMU 
_atom_sites.fract_transf_matrix[1][1]   -0.00982755 
_atom_sites.fract_transf_matrix[1][2]   0.03071931 
_atom_sites.fract_transf_matrix[1][3]   0.00526553 
_atom_sites.fract_transf_matrix[2][1]   0.01025495 
_atom_sites.fract_transf_matrix[2][2]   0.00159698 
_atom_sites.fract_transf_matrix[2][3]   0.00982292 
_atom_sites.fract_transf_matrix[3][1]   0.00872940 
_atom_sites.fract_transf_matrix[3][2]   0.00447959 
_atom_sites.fract_transf_matrix[3][3]   -0.00984162 
_atom_sites.fract_transf_vector[1]      0.557431 
_atom_sites.fract_transf_vector[2]      0.660039 
_atom_sites.fract_transf_vector[3]      0.838971 
# 
loop_
_atom_type.symbol 
C 
N 
O 
S 
# 
loop_
_atom_site.group_PDB 
_atom_site.id 
_atom_site.type_symbol 
_atom_site.label_atom_id 
_atom_site.label_alt_id 
_atom_site.label_comp_id 
_atom_site.label_asym_id 
_atom_site.label_entity_id 
_atom_site.label_seq_id 
_atom_site.pdbx_PDB_ins_code 
_atom_site.Cartn_x 
_atom_site.Cartn_y 
_atom_site.Cartn_z 
_atom_site.occupancy 
_atom_site.B_iso_or_equiv 
_atom_site.pdbx_formal_charge 
_atom_site.auth_seq_id 
_atom_site.auth_comp_id 
_atom_site.auth_asym_id 
_atom_site.auth_atom_id 
_atom_site.pdbx_PDB_model_num 
ATOM   1    N N   . PRO A 1 1   ? -8.617  3.714   -24.971 1.00 41.62 ? 117  PRO A N   1 
ATOM   2    C CA  . PRO A 1 1   ? -7.934  4.792   -24.220 1.00 39.21 ? 117  PRO A CA  1 
ATOM   3    C C   . PRO A 1 1   ? -7.688  4.335   -22.788 1.00 37.76 ? 117  PRO A C   1 
ATOM   4    O O   . PRO A 1 1   ? -8.609  3.906   -22.099 1.00 35.36 ? 117  PRO A O   1 
ATOM   5    C CB  . PRO A 1 1   ? -8.852  6.004   -24.243 1.00 40.66 ? 117  PRO A CB  1 
ATOM   6    C CG  . PRO A 1 1   ? -9.691  5.728   -25.490 1.00 41.65 ? 117  PRO A CG  1 
ATOM   7    C CD  . PRO A 1 1   ? -9.907  4.209   -25.487 1.00 41.32 ? 117  PRO A CD  1 
ATOM   8    N N   . PRO A 1 2   ? -6.435  4.424   -22.321 1.00 35.84 ? 118  PRO A N   1 
ATOM   9    C CA  . PRO A 1 2   ? -6.101  4.006   -20.957 1.00 33.83 ? 118  PRO A CA  1 
ATOM   10   C C   . PRO A 1 2   ? -7.035  4.554   -19.878 1.00 31.09 ? 118  PRO A C   1 
ATOM   11   O O   . PRO A 1 2   ? -7.511  3.804   -19.029 1.00 27.90 ? 118  PRO A O   1 
ATOM   12   C CB  . PRO A 1 2   ? -4.669  4.506   -20.790 1.00 34.84 ? 118  PRO A CB  1 
ATOM   13   C CG  . PRO A 1 2   ? -4.114  4.387   -22.185 1.00 35.32 ? 118  PRO A CG  1 
ATOM   14   C CD  . PRO A 1 2   ? -5.243  4.934   -23.026 1.00 35.40 ? 118  PRO A CD  1 
ATOM   15   N N   . TYR A 1 3   ? -7.292  5.860   -19.921 1.00 27.75 ? 119  TYR A N   1 
ATOM   16   C CA  . TYR A 1 3   ? -8.138  6.521   -18.930 1.00 29.43 ? 119  TYR A CA  1 
ATOM   17   C C   . TYR A 1 3   ? -9.513  5.891   -18.780 1.00 29.01 ? 119  TYR A C   1 
ATOM   18   O O   . TYR A 1 3   ? -10.123 5.947   -17.704 1.00 26.49 ? 119  TYR A O   1 
ATOM   19   C CB  . TYR A 1 3   ? -8.267  8.015   -19.263 1.00 32.94 ? 119  TYR A CB  1 
ATOM   20   C CG  . TYR A 1 3   ? -9.220  8.370   -20.388 1.00 35.65 ? 119  TYR A CG  1 
ATOM   21   C CD1 . TYR A 1 3   ? -10.602 8.358   -20.190 1.00 36.84 ? 119  TYR A CD1 1 
ATOM   22   C CD2 . TYR A 1 3   ? -8.740  8.744   -21.644 1.00 37.11 ? 119  TYR A CD2 1 
ATOM   23   C CE1 . TYR A 1 3   ? -11.484 8.709   -21.213 1.00 39.07 ? 119  TYR A CE1 1 
ATOM   24   C CE2 . TYR A 1 3   ? -9.614  9.097   -22.675 1.00 38.21 ? 119  TYR A CE2 1 
ATOM   25   C CZ  . TYR A 1 3   ? -10.985 9.076   -22.454 1.00 39.81 ? 119  TYR A CZ  1 
ATOM   26   O OH  . TYR A 1 3   ? -11.847 9.426   -23.476 1.00 43.64 ? 119  TYR A OH  1 
ATOM   27   N N   . LEU A 1 4   ? -10.006 5.290   -19.855 1.00 27.92 ? 120  LEU A N   1 
ATOM   28   C CA  . LEU A 1 4   ? -11.317 4.641   -19.821 1.00 30.06 ? 120  LEU A CA  1 
ATOM   29   C C   . LEU A 1 4   ? -11.230 3.306   -19.109 1.00 27.64 ? 120  LEU A C   1 
ATOM   30   O O   . LEU A 1 4   ? -12.156 2.893   -18.408 1.00 29.01 ? 120  LEU A O   1 
ATOM   31   C CB  . LEU A 1 4   ? -11.852 4.412   -21.230 1.00 34.09 ? 120  LEU A CB  1 
ATOM   32   C CG  . LEU A 1 4   ? -12.487 5.621   -21.925 1.00 40.16 ? 120  LEU A CG  1 
ATOM   33   C CD1 . LEU A 1 4   ? -12.981 5.189   -23.295 1.00 38.47 ? 120  LEU A CD1 1 
ATOM   34   C CD2 . LEU A 1 4   ? -13.640 6.172   -21.087 1.00 41.21 ? 120  LEU A CD2 1 
ATOM   35   N N   . LYS A 1 5   ? -10.111 2.631   -19.301 1.00 25.08 ? 121  LYS A N   1 
ATOM   36   C CA  . LYS A 1 5   ? -9.894  1.346   -18.656 1.00 26.58 ? 121  LYS A CA  1 
ATOM   37   C C   . LYS A 1 5   ? -9.787  1.537   -17.142 1.00 24.70 ? 121  LYS A C   1 
ATOM   38   O O   . LYS A 1 5   ? -10.232 0.690   -16.369 1.00 26.17 ? 121  LYS A O   1 
ATOM   39   C CB  . LYS A 1 5   ? -8.607  0.708   -19.177 1.00 31.71 ? 121  LYS A CB  1 
ATOM   40   C CG  . LYS A 1 5   ? -8.644  0.290   -20.639 1.00 40.01 ? 121  LYS A CG  1 
ATOM   41   C CD  . LYS A 1 5   ? -7.327  -0.370  -21.025 1.00 44.44 ? 121  LYS A CD  1 
ATOM   42   C CE  . LYS A 1 5   ? -7.310  -0.802  -22.484 1.00 48.04 ? 121  LYS A CE  1 
ATOM   43   N NZ  . LYS A 1 5   ? -6.009  -1.427  -22.858 1.00 48.35 ? 121  LYS A NZ  1 
ATOM   44   N N   . TRP A 1 6   ? -9.203  2.653   -16.717 1.00 22.30 ? 122  TRP A N   1 
ATOM   45   C CA  . TRP A 1 6   ? -9.043  2.910   -15.289 1.00 19.25 ? 122  TRP A CA  1 
ATOM   46   C C   . TRP A 1 6   ? -10.381 3.012   -14.564 1.00 20.20 ? 122  TRP A C   1 
ATOM   47   O O   . TRP A 1 6   ? -10.456 2.778   -13.355 1.00 19.86 ? 122  TRP A O   1 
ATOM   48   C CB  . TRP A 1 6   ? -8.254  4.199   -15.049 1.00 18.23 ? 122  TRP A CB  1 
ATOM   49   C CG  . TRP A 1 6   ? -6.940  4.273   -15.759 1.00 19.25 ? 122  TRP A CG  1 
ATOM   50   C CD1 . TRP A 1 6   ? -6.202  3.234   -16.246 1.00 20.57 ? 122  TRP A CD1 1 
ATOM   51   C CD2 . TRP A 1 6   ? -6.199  5.464   -16.046 1.00 20.15 ? 122  TRP A CD2 1 
ATOM   52   N NE1 . TRP A 1 6   ? -5.044  3.705   -16.826 1.00 20.18 ? 122  TRP A NE1 1 
ATOM   53   C CE2 . TRP A 1 6   ? -5.019  5.070   -16.717 1.00 19.31 ? 122  TRP A CE2 1 
ATOM   54   C CE3 . TRP A 1 6   ? -6.418  6.827   -15.807 1.00 20.11 ? 122  TRP A CE3 1 
ATOM   55   C CZ2 . TRP A 1 6   ? -4.059  5.992   -17.146 1.00 21.10 ? 122  TRP A CZ2 1 
ATOM   56   C CZ3 . TRP A 1 6   ? -5.463  7.743   -16.236 1.00 22.80 ? 122  TRP A CZ3 1 
ATOM   57   C CH2 . TRP A 1 6   ? -4.299  7.318   -16.901 1.00 19.91 ? 122  TRP A CH2 1 
ATOM   58   N N   . ALA A 1 7   ? -11.435 3.361   -15.296 1.00 19.38 ? 123  ALA A N   1 
ATOM   59   C CA  . ALA A 1 7   ? -12.760 3.495   -14.698 1.00 21.15 ? 123  ALA A CA  1 
ATOM   60   C C   . ALA A 1 7   ? -13.495 2.158   -14.647 1.00 24.69 ? 123  ALA A C   1 
ATOM   61   O O   . ALA A 1 7   ? -14.592 2.069   -14.100 1.00 25.94 ? 123  ALA A O   1 
ATOM   62   C CB  . ALA A 1 7   ? -13.585 4.518   -15.474 1.00 22.75 ? 123  ALA A CB  1 
ATOM   63   N N   . GLU A 1 8   ? -12.881 1.120   -15.208 1.00 24.75 ? 124  GLU A N   1 
ATOM   64   C CA  . GLU A 1 8   ? -13.481 -0.212  -15.222 1.00 27.37 ? 124  GLU A CA  1 
ATOM   65   C C   . GLU A 1 8   ? -13.041 -1.089  -14.048 1.00 27.38 ? 124  GLU A C   1 
ATOM   66   O O   . GLU A 1 8   ? -13.733 -2.042  -13.688 1.00 25.19 ? 124  GLU A O   1 
ATOM   67   C CB  . GLU A 1 8   ? -13.164 -0.913  -16.546 1.00 29.85 ? 124  GLU A CB  1 
ATOM   68   C CG  . GLU A 1 8   ? -14.060 -0.466  -17.697 1.00 35.15 ? 124  GLU A CG  1 
ATOM   69   C CD  . GLU A 1 8   ? -13.622 -1.028  -19.037 1.00 39.13 ? 124  GLU A CD  1 
ATOM   70   O OE1 . GLU A 1 8   ? -13.127 -2.175  -19.070 1.00 42.55 ? 124  GLU A OE1 1 
ATOM   71   O OE2 . GLU A 1 8   ? -13.785 -0.327  -20.057 1.00 40.22 ? 124  GLU A OE2 1 
ATOM   72   N N   . SER A 1 9   ? -11.893 -0.769  -13.455 1.00 23.85 ? 125  SER A N   1 
ATOM   73   C CA  . SER A 1 9   ? -11.380 -1.523  -12.310 1.00 22.94 ? 125  SER A CA  1 
ATOM   74   C C   . SER A 1 9   ? -10.183 -0.829  -11.675 1.00 21.00 ? 125  SER A C   1 
ATOM   75   O O   . SER A 1 9   ? -9.386  -0.193  -12.361 1.00 19.65 ? 125  SER A O   1 
ATOM   76   C CB  . SER A 1 9   ? -10.960 -2.937  -12.730 1.00 26.28 ? 125  SER A CB  1 
ATOM   77   O OG  A SER A 1 9   ? -10.352 -3.635  -11.658 0.50 24.69 ? 125  SER A OG  1 
ATOM   78   O OG  B SER A 1 9   ? -9.795  -2.913  -13.535 0.50 24.58 ? 125  SER A OG  1 
ATOM   79   N N   . LEU A 1 10  ? -10.062 -0.959  -10.360 1.00 22.73 ? 126  LEU A N   1 
ATOM   80   C CA  . LEU A 1 10  ? -8.949  -0.359  -9.644  1.00 23.10 ? 126  LEU A CA  1 
ATOM   81   C C   . LEU A 1 10  ? -7.644  -1.014  -10.097 1.00 24.29 ? 126  LEU A C   1 
ATOM   82   O O   . LEU A 1 10  ? -6.593  -0.365  -10.149 1.00 25.32 ? 126  LEU A O   1 
ATOM   83   C CB  . LEU A 1 10  ? -9.126  -0.552  -8.140  1.00 22.50 ? 126  LEU A CB  1 
ATOM   84   C CG  . LEU A 1 10  ? -7.963  -0.038  -7.290  1.00 23.91 ? 126  LEU A CG  1 
ATOM   85   C CD1 . LEU A 1 10  ? -7.739  1.443   -7.554  1.00 22.12 ? 126  LEU A CD1 1 
ATOM   86   C CD2 . LEU A 1 10  ? -8.260  -0.285  -5.818  1.00 24.89 ? 126  LEU A CD2 1 
ATOM   87   N N   . HIS A 1 11  ? -7.715  -2.300  -10.422 1.00 25.19 ? 127  HIS A N   1 
ATOM   88   C CA  . HIS A 1 11  ? -6.539  -3.034  -10.872 1.00 28.77 ? 127  HIS A CA  1 
ATOM   89   C C   . HIS A 1 11  ? -6.017  -2.515  -12.202 1.00 25.72 ? 127  HIS A C   1 
ATOM   90   O O   . HIS A 1 11  ? -4.820  -2.554  -12.466 1.00 23.32 ? 127  HIS A O   1 
ATOM   91   C CB  . HIS A 1 11  ? -6.862  -4.523  -10.963 1.00 34.88 ? 127  HIS A CB  1 
ATOM   92   C CG  . HIS A 1 11  ? -6.855  -5.211  -9.630  1.00 41.61 ? 127  HIS A CG  1 
ATOM   93   N ND1 . HIS A 1 11  ? -5.725  -5.282  -8.854  1.00 44.19 ? 127  HIS A ND1 1 
ATOM   94   C CD2 . HIS A 1 11  ? -7.843  -5.814  -8.929  1.00 43.96 ? 127  HIS A CD2 1 
ATOM   95   C CE1 . HIS A 1 11  ? -6.015  -5.894  -7.715  1.00 45.85 ? 127  HIS A CE1 1 
ATOM   96   N NE2 . HIS A 1 11  ? -7.291  -6.224  -7.741  1.00 46.48 ? 127  HIS A NE2 1 
ATOM   97   N N   . SER A 1 12  ? -6.920  -2.021  -13.037 1.00 24.18 ? 128  SER A N   1 
ATOM   98   C CA  . SER A 1 12  ? -6.520  -1.467  -14.321 1.00 25.64 ? 128  SER A CA  1 
ATOM   99   C C   . SER A 1 12  ? -5.829  -0.127  -14.085 1.00 24.45 ? 128  SER A C   1 
ATOM   100  O O   . SER A 1 12  ? -4.828  0.192   -14.724 1.00 22.05 ? 128  SER A O   1 
ATOM   101  C CB  . SER A 1 12  ? -7.740  -1.271  -15.217 1.00 26.21 ? 128  SER A CB  1 
ATOM   102  O OG  . SER A 1 12  ? -8.306  -2.528  -15.562 1.00 33.52 ? 128  SER A OG  1 
ATOM   103  N N   . LEU A 1 13  ? -6.367  0.653   -13.154 1.00 22.86 ? 129  LEU A N   1 
ATOM   104  C CA  . LEU A 1 13  ? -5.794  1.951   -12.830 1.00 23.13 ? 129  LEU A CA  1 
ATOM   105  C C   . LEU A 1 13  ? -4.381  1.792   -12.283 1.00 23.52 ? 129  LEU A C   1 
ATOM   106  O O   . LEU A 1 13  ? -3.454  2.471   -12.727 1.00 24.96 ? 129  LEU A O   1 
ATOM   107  C CB  . LEU A 1 13  ? -6.666  2.667   -11.788 1.00 20.87 ? 129  LEU A CB  1 
ATOM   108  C CG  . LEU A 1 13  ? -6.161  4.019   -11.261 1.00 20.49 ? 129  LEU A CG  1 
ATOM   109  C CD1 . LEU A 1 13  ? -6.097  5.032   -12.393 1.00 20.07 ? 129  LEU A CD1 1 
ATOM   110  C CD2 . LEU A 1 13  ? -7.093  4.522   -10.168 1.00 17.42 ? 129  LEU A CD2 1 
ATOM   111  N N   . LEU A 1 14  ? -4.222  0.879   -11.330 1.00 20.95 ? 130  LEU A N   1 
ATOM   112  C CA  . LEU A 1 14  ? -2.928  0.638   -10.689 1.00 25.25 ? 130  LEU A CA  1 
ATOM   113  C C   . LEU A 1 14  ? -1.932  -0.176  -11.514 1.00 24.52 ? 130  LEU A C   1 
ATOM   114  O O   . LEU A 1 14  ? -0.860  -0.538  -11.025 1.00 23.76 ? 130  LEU A O   1 
ATOM   115  C CB  . LEU A 1 14  ? -3.148  -0.037  -9.329  1.00 25.25 ? 130  LEU A CB  1 
ATOM   116  C CG  . LEU A 1 14  ? -4.071  0.739   -8.381  1.00 27.08 ? 130  LEU A CG  1 
ATOM   117  C CD1 . LEU A 1 14  ? -4.180  0.009   -7.049  1.00 27.72 ? 130  LEU A CD1 1 
ATOM   118  C CD2 . LEU A 1 14  ? -3.526  2.146   -8.171  1.00 27.74 ? 130  LEU A CD2 1 
ATOM   119  N N   . ASP A 1 15  ? -2.283  -0.465  -12.761 1.00 27.02 ? 131  ASP A N   1 
ATOM   120  C CA  . ASP A 1 15  ? -1.396  -1.220  -13.640 1.00 27.42 ? 131  ASP A CA  1 
ATOM   121  C C   . ASP A 1 15  ? -0.850  -0.291  -14.717 1.00 26.90 ? 131  ASP A C   1 
ATOM   122  O O   . ASP A 1 15  ? -0.181  -0.721  -15.655 1.00 25.72 ? 131  ASP A O   1 
ATOM   123  C CB  . ASP A 1 15  ? -2.152  -2.382  -14.284 1.00 33.19 ? 131  ASP A CB  1 
ATOM   124  C CG  . ASP A 1 15  ? -1.263  -3.233  -15.167 1.00 38.44 ? 131  ASP A CG  1 
ATOM   125  O OD1 . ASP A 1 15  ? -0.200  -3.682  -14.684 1.00 39.00 ? 131  ASP A OD1 1 
ATOM   126  O OD2 . ASP A 1 15  ? -1.629  -3.454  -16.341 1.00 42.24 ? 131  ASP A OD2 1 
ATOM   127  N N   . ASP A 1 16  ? -1.139  0.995   -14.553 1.00 25.50 ? 132  ASP A N   1 
ATOM   128  C CA  . ASP A 1 16  ? -0.718  2.030   -15.483 1.00 26.91 ? 132  ASP A CA  1 
ATOM   129  C C   . ASP A 1 16  ? -0.016  3.122   -14.679 1.00 24.85 ? 132  ASP A C   1 
ATOM   130  O O   . ASP A 1 16  ? -0.590  3.664   -13.741 1.00 23.91 ? 132  ASP A O   1 
ATOM   131  C CB  . ASP A 1 16  ? -1.957  2.600   -16.179 1.00 29.38 ? 132  ASP A CB  1 
ATOM   132  C CG  . ASP A 1 16  ? -1.619  3.628   -17.232 1.00 30.38 ? 132  ASP A CG  1 
ATOM   133  O OD1 . ASP A 1 16  ? -0.831  4.549   -16.940 1.00 30.19 ? 132  ASP A OD1 1 
ATOM   134  O OD2 . ASP A 1 16  ? -2.155  3.520   -18.353 1.00 33.05 ? 132  ASP A OD2 1 
ATOM   135  N N   . GLN A 1 17  ? 1.219   3.451   -15.041 1.00 25.62 ? 133  GLN A N   1 
ATOM   136  C CA  . GLN A 1 17  ? 1.955   4.473   -14.309 1.00 26.34 ? 133  GLN A CA  1 
ATOM   137  C C   . GLN A 1 17  ? 1.360   5.873   -14.386 1.00 26.09 ? 133  GLN A C   1 
ATOM   138  O O   . GLN A 1 17  ? 1.536   6.675   -13.464 1.00 26.16 ? 133  GLN A O   1 
ATOM   139  C CB  . GLN A 1 17  ? 3.416   4.494   -14.749 1.00 29.68 ? 133  GLN A CB  1 
ATOM   140  C CG  . GLN A 1 17  ? 4.223   3.362   -14.154 1.00 33.26 ? 133  GLN A CG  1 
ATOM   141  C CD  . GLN A 1 17  ? 5.667   3.747   -13.942 1.00 37.13 ? 133  GLN A CD  1 
ATOM   142  O OE1 . GLN A 1 17  ? 5.958   4.809   -13.389 1.00 37.72 ? 133  GLN A OE1 1 
ATOM   143  N NE2 . GLN A 1 17  ? 6.585   2.885   -14.371 1.00 37.27 ? 133  GLN A NE2 1 
ATOM   144  N N   . ASP A 1 18  ? 0.666   6.182   -15.477 1.00 21.85 ? 134  ASP A N   1 
ATOM   145  C CA  . ASP A 1 18  ? 0.037   7.491   -15.596 1.00 22.75 ? 134  ASP A CA  1 
ATOM   146  C C   . ASP A 1 18  ? -1.161  7.487   -14.654 1.00 19.68 ? 134  ASP A C   1 
ATOM   147  O O   . ASP A 1 18  ? -1.470  8.490   -14.012 1.00 19.76 ? 134  ASP A O   1 
ATOM   148  C CB  . ASP A 1 18  ? -0.450  7.744   -17.023 1.00 25.93 ? 134  ASP A CB  1 
ATOM   149  C CG  . ASP A 1 18  ? 0.679   7.767   -18.028 1.00 31.02 ? 134  ASP A CG  1 
ATOM   150  O OD1 . ASP A 1 18  ? 1.642   8.531   -17.817 1.00 35.11 ? 134  ASP A OD1 1 
ATOM   151  O OD2 . ASP A 1 18  ? 0.603   7.022   -19.027 1.00 33.31 ? 134  ASP A OD2 1 
ATOM   152  N N   . GLY A 1 19  ? -1.840  6.347   -14.588 1.00 19.05 ? 135  GLY A N   1 
ATOM   153  C CA  . GLY A 1 19  ? -2.995  6.229   -13.719 1.00 19.71 ? 135  GLY A CA  1 
ATOM   154  C C   . GLY A 1 19  ? -2.571  6.332   -12.268 1.00 18.85 ? 135  GLY A C   1 
ATOM   155  O O   . GLY A 1 19  ? -3.200  7.027   -11.469 1.00 18.23 ? 135  GLY A O   1 
ATOM   156  N N   . ILE A 1 20  ? -1.494  5.634   -11.929 1.00 18.28 ? 136  ILE A N   1 
ATOM   157  C CA  . ILE A 1 20  ? -0.975  5.647   -10.565 1.00 19.36 ? 136  ILE A CA  1 
ATOM   158  C C   . ILE A 1 20  ? -0.588  7.067   -10.159 1.00 19.96 ? 136  ILE A C   1 
ATOM   159  O O   . ILE A 1 20  ? -0.943  7.530   -9.080  1.00 18.79 ? 136  ILE A O   1 
ATOM   160  C CB  . ILE A 1 20  ? 0.256   4.727   -10.433 1.00 17.74 ? 136  ILE A CB  1 
ATOM   161  C CG1 . ILE A 1 20  ? -0.159  3.268   -10.651 1.00 18.87 ? 136  ILE A CG1 1 
ATOM   162  C CG2 . ILE A 1 20  ? 0.895   4.899   -9.058  1.00 21.11 ? 136  ILE A CG2 1 
ATOM   163  C CD1 . ILE A 1 20  ? 1.012   2.308   -10.727 1.00 20.43 ? 136  ILE A CD1 1 
ATOM   164  N N   . SER A 1 21  ? 0.141   7.756   -11.034 1.00 19.05 ? 137  SER A N   1 
ATOM   165  C CA  . SER A 1 21  ? 0.571   9.124   -10.762 1.00 19.94 ? 137  SER A CA  1 
ATOM   166  C C   . SER A 1 21  ? -0.600  10.068  -10.510 1.00 18.92 ? 137  SER A C   1 
ATOM   167  O O   . SER A 1 21  ? -0.583  10.846  -9.555  1.00 19.67 ? 137  SER A O   1 
ATOM   168  C CB  . SER A 1 21  ? 1.403   9.657   -11.927 1.00 23.72 ? 137  SER A CB  1 
ATOM   169  O OG  . SER A 1 21  ? 1.733   11.015  -11.710 1.00 30.69 ? 137  SER A OG  1 
ATOM   170  N N   . LEU A 1 22  ? -1.605  10.009  -11.380 1.00 18.10 ? 138  LEU A N   1 
ATOM   171  C CA  . LEU A 1 22  ? -2.786  10.855  -11.245 1.00 20.86 ? 138  LEU A CA  1 
ATOM   172  C C   . LEU A 1 22  ? -3.541  10.526  -9.967  1.00 17.07 ? 138  LEU A C   1 
ATOM   173  O O   . LEU A 1 22  ? -3.945  11.414  -9.214  1.00 20.43 ? 138  LEU A O   1 
ATOM   174  C CB  . LEU A 1 22  ? -3.726  10.657  -12.437 1.00 23.52 ? 138  LEU A CB  1 
ATOM   175  C CG  . LEU A 1 22  ? -3.343  11.340  -13.746 1.00 28.96 ? 138  LEU A CG  1 
ATOM   176  C CD1 . LEU A 1 22  ? -4.279  10.890  -14.856 1.00 30.85 ? 138  LEU A CD1 1 
ATOM   177  C CD2 . LEU A 1 22  ? -3.412  12.847  -13.560 1.00 27.45 ? 138  LEU A CD2 1 
ATOM   178  N N   . PHE A 1 23  ? -3.732  9.238   -9.728  1.00 16.92 ? 139  PHE A N   1 
ATOM   179  C CA  . PHE A 1 23  ? -4.456  8.810   -8.545  1.00 15.15 ? 139  PHE A CA  1 
ATOM   180  C C   . PHE A 1 23  ? -3.705  9.210   -7.277  1.00 16.22 ? 139  PHE A C   1 
ATOM   181  O O   . PHE A 1 23  ? -4.314  9.679   -6.321  1.00 15.09 ? 139  PHE A O   1 
ATOM   182  C CB  . PHE A 1 23  ? -4.683  7.301   -8.595  1.00 10.90 ? 139  PHE A CB  1 
ATOM   183  C CG  . PHE A 1 23  ? -5.574  6.783   -7.500  1.00 14.37 ? 139  PHE A CG  1 
ATOM   184  C CD1 . PHE A 1 23  ? -6.709  7.491   -7.109  1.00 14.32 ? 139  PHE A CD1 1 
ATOM   185  C CD2 . PHE A 1 23  ? -5.288  5.576   -6.870  1.00 14.97 ? 139  PHE A CD2 1 
ATOM   186  C CE1 . PHE A 1 23  ? -7.540  7.010   -6.103  1.00 15.36 ? 139  PHE A CE1 1 
ATOM   187  C CE2 . PHE A 1 23  ? -6.116  5.086   -5.862  1.00 16.83 ? 139  PHE A CE2 1 
ATOM   188  C CZ  . PHE A 1 23  ? -7.242  5.803   -5.480  1.00 16.51 ? 139  PHE A CZ  1 
ATOM   189  N N   . ARG A 1 24  ? -2.383  9.050   -7.262  1.00 15.76 ? 140  ARG A N   1 
ATOM   190  C CA  . ARG A 1 24  ? -1.642  9.426   -6.065  1.00 16.55 ? 140  ARG A CA  1 
ATOM   191  C C   . ARG A 1 24  ? -1.713  10.937  -5.822  1.00 17.13 ? 140  ARG A C   1 
ATOM   192  O O   . ARG A 1 24  ? -1.750  11.381  -4.675  1.00 18.17 ? 140  ARG A O   1 
ATOM   193  C CB  . ARG A 1 24  ? -0.176  8.977   -6.149  1.00 17.44 ? 140  ARG A CB  1 
ATOM   194  C CG  . ARG A 1 24  ? 0.528   9.072   -4.794  1.00 18.37 ? 140  ARG A CG  1 
ATOM   195  C CD  . ARG A 1 24  ? 1.969   8.573   -4.832  1.00 20.71 ? 140  ARG A CD  1 
ATOM   196  N NE  . ARG A 1 24  ? 2.534   8.509   -3.485  1.00 19.59 ? 140  ARG A NE  1 
ATOM   197  C CZ  . ARG A 1 24  ? 2.879   9.567   -2.759  1.00 22.59 ? 140  ARG A CZ  1 
ATOM   198  N NH1 . ARG A 1 24  ? 2.731   10.798  -3.244  1.00 23.29 ? 140  ARG A NH1 1 
ATOM   199  N NH2 . ARG A 1 24  ? 3.362   9.400   -1.539  1.00 19.92 ? 140  ARG A NH2 1 
ATOM   200  N N   . THR A 1 25  ? -1.730  11.725  -6.895  1.00 16.16 ? 141  THR A N   1 
ATOM   201  C CA  . THR A 1 25  ? -1.830  13.179  -6.769  1.00 17.52 ? 141  THR A CA  1 
ATOM   202  C C   . THR A 1 25  ? -3.152  13.518  -6.079  1.00 18.08 ? 141  THR A C   1 
ATOM   203  O O   . THR A 1 25  ? -3.208  14.350  -5.169  1.00 15.74 ? 141  THR A O   1 
ATOM   204  C CB  . THR A 1 25  ? -1.790  13.859  -8.151  1.00 23.71 ? 141  THR A CB  1 
ATOM   205  O OG1 . THR A 1 25  ? -0.519  13.609  -8.761  1.00 27.11 ? 141  THR A OG1 1 
ATOM   206  C CG2 . THR A 1 25  ? -1.998  15.370  -8.020  1.00 24.58 ? 141  THR A CG2 1 
ATOM   207  N N   . PHE A 1 26  ? -4.217  12.860  -6.520  1.00 15.63 ? 142  PHE A N   1 
ATOM   208  C CA  . PHE A 1 26  ? -5.538  13.054  -5.939  1.00 17.30 ? 142  PHE A CA  1 
ATOM   209  C C   . PHE A 1 26  ? -5.518  12.669  -4.456  1.00 17.66 ? 142  PHE A C   1 
ATOM   210  O O   . PHE A 1 26  ? -6.006  13.414  -3.609  1.00 18.72 ? 142  PHE A O   1 
ATOM   211  C CB  . PHE A 1 26  ? -6.558  12.188  -6.681  1.00 16.75 ? 142  PHE A CB  1 
ATOM   212  C CG  . PHE A 1 26  ? -7.923  12.177  -6.046  1.00 18.23 ? 142  PHE A CG  1 
ATOM   213  C CD1 . PHE A 1 26  ? -8.779  13.269  -6.176  1.00 19.48 ? 142  PHE A CD1 1 
ATOM   214  C CD2 . PHE A 1 26  ? -8.340  11.082  -5.294  1.00 19.71 ? 142  PHE A CD2 1 
ATOM   215  C CE1 . PHE A 1 26  ? -10.034 13.268  -5.566  1.00 20.21 ? 142  PHE A CE1 1 
ATOM   216  C CE2 . PHE A 1 26  ? -9.591  11.071  -4.680  1.00 18.91 ? 142  PHE A CE2 1 
ATOM   217  C CZ  . PHE A 1 26  ? -10.438 12.166  -4.816  1.00 19.15 ? 142  PHE A CZ  1 
ATOM   218  N N   . LEU A 1 27  ? -4.956  11.501  -4.146  1.00 13.37 ? 143  LEU A N   1 
ATOM   219  C CA  . LEU A 1 27  ? -4.892  11.037  -2.765  1.00 14.42 ? 143  LEU A CA  1 
ATOM   220  C C   . LEU A 1 27  ? -4.067  11.982  -1.899  1.00 15.46 ? 143  LEU A C   1 
ATOM   221  O O   . LEU A 1 27  ? -4.403  12.239  -0.743  1.00 15.73 ? 143  LEU A O   1 
ATOM   222  C CB  . LEU A 1 27  ? -4.293  9.625   -2.704  1.00 14.28 ? 143  LEU A CB  1 
ATOM   223  C CG  . LEU A 1 27  ? -5.117  8.508   -3.363  1.00 13.62 ? 143  LEU A CG  1 
ATOM   224  C CD1 . LEU A 1 27  ? -4.304  7.215   -3.377  1.00 14.75 ? 143  LEU A CD1 1 
ATOM   225  C CD2 . LEU A 1 27  ? -6.430  8.315   -2.608  1.00 15.50 ? 143  LEU A CD2 1 
ATOM   226  N N   . LYS A 1 28  ? -2.976  12.488  -2.459  1.00 17.36 ? 144  LYS A N   1 
ATOM   227  C CA  . LYS A 1 28  ? -2.120  13.403  -1.718  1.00 18.45 ? 144  LYS A CA  1 
ATOM   228  C C   . LYS A 1 28  ? -2.918  14.643  -1.328  1.00 16.77 ? 144  LYS A C   1 
ATOM   229  O O   . LYS A 1 28  ? -2.849  15.096  -0.192  1.00 15.83 ? 144  LYS A O   1 
ATOM   230  C CB  . LYS A 1 28  ? -0.915  13.813  -2.565  1.00 22.29 ? 144  LYS A CB  1 
ATOM   231  C CG  . LYS A 1 28  ? 0.084   14.679  -1.820  1.00 28.14 ? 144  LYS A CG  1 
ATOM   232  C CD  . LYS A 1 28  ? 1.247   15.081  -2.716  1.00 32.41 ? 144  LYS A CD  1 
ATOM   233  C CE  . LYS A 1 28  ? 0.788   16.012  -3.824  1.00 35.85 ? 144  LYS A CE  1 
ATOM   234  N NZ  . LYS A 1 28  ? 0.296   17.312  -3.285  1.00 42.62 ? 144  LYS A NZ  1 
ATOM   235  N N   . GLN A 1 29  ? -3.681  15.185  -2.272  1.00 15.56 ? 145  GLN A N   1 
ATOM   236  C CA  . GLN A 1 29  ? -4.472  16.376  -1.995  1.00 20.26 ? 145  GLN A CA  1 
ATOM   237  C C   . GLN A 1 29  ? -5.547  16.098  -0.954  1.00 19.71 ? 145  GLN A C   1 
ATOM   238  O O   . GLN A 1 29  ? -5.934  16.993  -0.205  1.00 18.04 ? 145  GLN A O   1 
ATOM   239  C CB  . GLN A 1 29  ? -5.104  16.911  -3.283  1.00 24.09 ? 145  GLN A CB  1 
ATOM   240  C CG  . GLN A 1 29  ? -4.075  17.223  -4.364  1.00 30.73 ? 145  GLN A CG  1 
ATOM   241  C CD  . GLN A 1 29  ? -4.657  17.978  -5.544  1.00 32.83 ? 145  GLN A CD  1 
ATOM   242  O OE1 . GLN A 1 29  ? -5.798  17.755  -5.941  1.00 37.10 ? 145  GLN A OE1 1 
ATOM   243  N NE2 . GLN A 1 29  ? -3.860  18.867  -6.123  1.00 36.53 ? 145  GLN A NE2 1 
ATOM   244  N N   . GLU A 1 30  ? -6.019  14.855  -0.905  1.00 16.33 ? 146  GLU A N   1 
ATOM   245  C CA  . GLU A 1 30  ? -7.040  14.459  0.059   1.00 17.73 ? 146  GLU A CA  1 
ATOM   246  C C   . GLU A 1 30  ? -6.413  13.982  1.369   1.00 17.95 ? 146  GLU A C   1 
ATOM   247  O O   . GLU A 1 30  ? -7.112  13.523  2.272   1.00 17.95 ? 146  GLU A O   1 
ATOM   248  C CB  . GLU A 1 30  ? -7.921  13.355  -0.528  1.00 21.22 ? 146  GLU A CB  1 
ATOM   249  C CG  . GLU A 1 30  ? -8.753  13.813  -1.713  1.00 27.88 ? 146  GLU A CG  1 
ATOM   250  C CD  . GLU A 1 30  ? -9.722  14.919  -1.339  1.00 33.09 ? 146  GLU A CD  1 
ATOM   251  O OE1 . GLU A 1 30  ? -10.699 14.637  -0.615  1.00 37.06 ? 146  GLU A OE1 1 
ATOM   252  O OE2 . GLU A 1 30  ? -9.504  16.074  -1.762  1.00 36.48 ? 146  GLU A OE2 1 
ATOM   253  N N   . GLY A 1 31  ? -5.090  14.078  1.455   1.00 14.05 ? 147  GLY A N   1 
ATOM   254  C CA  . GLY A 1 31  ? -4.388  13.681  2.664   1.00 13.53 ? 147  GLY A CA  1 
ATOM   255  C C   . GLY A 1 31  ? -4.312  12.196  2.979   1.00 17.52 ? 147  GLY A C   1 
ATOM   256  O O   . GLY A 1 31  ? -4.172  11.826  4.142   1.00 20.02 ? 147  GLY A O   1 
ATOM   257  N N   . CYS A 1 32  ? -4.388  11.335  1.969   1.00 16.36 ? 148  CYS A N   1 
ATOM   258  C CA  . CYS A 1 32  ? -4.320  9.899   2.231   1.00 17.17 ? 148  CYS A CA  1 
ATOM   259  C C   . CYS A 1 32  ? -3.528  9.087   1.214   1.00 16.86 ? 148  CYS A C   1 
ATOM   260  O O   . CYS A 1 32  ? -3.910  7.967   0.869   1.00 14.13 ? 148  CYS A O   1 
ATOM   261  C CB  . CYS A 1 32  ? -5.730  9.326   2.352   1.00 20.85 ? 148  CYS A CB  1 
ATOM   262  S SG  . CYS A 1 32  ? -6.822  9.771   1.001   1.00 25.56 ? 148  CYS A SG  1 
ATOM   263  N N   . ALA A 1 33  ? -2.424  9.646   0.732   1.00 14.73 ? 149  ALA A N   1 
ATOM   264  C CA  . ALA A 1 33  ? -1.593  8.932   -0.233  1.00 17.77 ? 149  ALA A CA  1 
ATOM   265  C C   . ALA A 1 33  ? -1.013  7.658   0.393   1.00 15.56 ? 149  ALA A C   1 
ATOM   266  O O   . ALA A 1 33  ? -0.639  6.720   -0.319  1.00 13.42 ? 149  ALA A O   1 
ATOM   267  C CB  . ALA A 1 33  ? -0.472  9.832   -0.722  1.00 16.26 ? 149  ALA A CB  1 
ATOM   268  N N   . ASP A 1 34  ? -0.933  7.619   1.721   1.00 15.09 ? 150  ASP A N   1 
ATOM   269  C CA  . ASP A 1 34  ? -0.400  6.436   2.405   1.00 14.92 ? 150  ASP A CA  1 
ATOM   270  C C   . ASP A 1 34  ? -1.149  5.169   1.999   1.00 16.25 ? 150  ASP A C   1 
ATOM   271  O O   . ASP A 1 34  ? -0.574  4.082   1.978   1.00 16.56 ? 150  ASP A O   1 
ATOM   272  C CB  . ASP A 1 34  ? -0.492  6.593   3.928   1.00 17.42 ? 150  ASP A CB  1 
ATOM   273  C CG  . ASP A 1 34  ? 0.621   7.449   4.503   1.00 21.47 ? 150  ASP A CG  1 
ATOM   274  O OD1 . ASP A 1 34  ? 0.629   7.643   5.735   1.00 25.73 ? 150  ASP A OD1 1 
ATOM   275  O OD2 . ASP A 1 34  ? 1.484   7.922   3.734   1.00 22.10 ? 150  ASP A OD2 1 
ATOM   276  N N   . LEU A 1 35  ? -2.436  5.301   1.688   1.00 13.82 ? 151  LEU A N   1 
ATOM   277  C CA  . LEU A 1 35  ? -3.225  4.139   1.295   1.00 16.52 ? 151  LEU A CA  1 
ATOM   278  C C   . LEU A 1 35  ? -2.604  3.433   0.092   1.00 17.06 ? 151  LEU A C   1 
ATOM   279  O O   . LEU A 1 35  ? -2.467  2.212   0.079   1.00 14.32 ? 151  LEU A O   1 
ATOM   280  C CB  . LEU A 1 35  ? -4.660  4.554   0.949   1.00 18.23 ? 151  LEU A CB  1 
ATOM   281  C CG  . LEU A 1 35  ? -5.536  5.091   2.085   1.00 16.77 ? 151  LEU A CG  1 
ATOM   282  C CD1 . LEU A 1 35  ? -6.836  5.614   1.500   1.00 19.38 ? 151  LEU A CD1 1 
ATOM   283  C CD2 . LEU A 1 35  ? -5.818  3.988   3.100   1.00 20.09 ? 151  LEU A CD2 1 
ATOM   284  N N   . LEU A 1 36  ? -2.220  4.215   -0.911  1.00 14.85 ? 152  LEU A N   1 
ATOM   285  C CA  . LEU A 1 36  ? -1.636  3.668   -2.129  1.00 14.59 ? 152  LEU A CA  1 
ATOM   286  C C   . LEU A 1 36  ? -0.194  3.218   -1.925  1.00 12.90 ? 152  LEU A C   1 
ATOM   287  O O   . LEU A 1 36  ? 0.203   2.160   -2.415  1.00 11.96 ? 152  LEU A O   1 
ATOM   288  C CB  . LEU A 1 36  ? -1.719  4.706   -3.257  1.00 16.72 ? 152  LEU A CB  1 
ATOM   289  C CG  . LEU A 1 36  ? -1.296  4.243   -4.657  1.00 18.15 ? 152  LEU A CG  1 
ATOM   290  C CD1 . LEU A 1 36  ? -2.172  3.075   -5.107  1.00 20.16 ? 152  LEU A CD1 1 
ATOM   291  C CD2 . LEU A 1 36  ? -1.425  5.404   -5.636  1.00 19.56 ? 152  LEU A CD2 1 
ATOM   292  N N   . ASP A 1 37  ? 0.594   4.015   -1.206  1.00 14.07 ? 153  ASP A N   1 
ATOM   293  C CA  . ASP A 1 37  ? 1.987   3.649   -0.946  1.00 15.78 ? 153  ASP A CA  1 
ATOM   294  C C   . ASP A 1 37  ? 2.041   2.305   -0.224  1.00 13.99 ? 153  ASP A C   1 
ATOM   295  O O   . ASP A 1 37  ? 2.853   1.443   -0.556  1.00 14.46 ? 153  ASP A O   1 
ATOM   296  C CB  . ASP A 1 37  ? 2.687   4.712   -0.085  1.00 16.55 ? 153  ASP A CB  1 
ATOM   297  C CG  . ASP A 1 37  ? 2.876   6.025   -0.818  1.00 19.80 ? 153  ASP A CG  1 
ATOM   298  O OD1 . ASP A 1 37  ? 2.657   6.055   -2.047  1.00 18.64 ? 153  ASP A OD1 1 
ATOM   299  O OD2 . ASP A 1 37  ? 3.253   7.025   -0.166  1.00 21.50 ? 153  ASP A OD2 1 
ATOM   300  N N   . PHE A 1 38  ? 1.176   2.138   0.772   1.00 11.15 ? 154  PHE A N   1 
ATOM   301  C CA  . PHE A 1 38  ? 1.123   0.896   1.541   1.00 13.34 ? 154  PHE A CA  1 
ATOM   302  C C   . PHE A 1 38  ? 0.741   -0.274  0.643   1.00 12.01 ? 154  PHE A C   1 
ATOM   303  O O   . PHE A 1 38  ? 1.307   -1.362  0.745   1.00 16.27 ? 154  PHE A O   1 
ATOM   304  C CB  . PHE A 1 38  ? 0.092   1.020   2.668   1.00 15.89 ? 154  PHE A CB  1 
ATOM   305  C CG  . PHE A 1 38  ? -0.108  -0.250  3.457   1.00 13.37 ? 154  PHE A CG  1 
ATOM   306  C CD1 . PHE A 1 38  ? 0.895   -0.736  4.287   1.00 13.62 ? 154  PHE A CD1 1 
ATOM   307  C CD2 . PHE A 1 38  ? -1.311  -0.948  3.380   1.00 16.53 ? 154  PHE A CD2 1 
ATOM   308  C CE1 . PHE A 1 38  ? 0.703   -1.907  5.038   1.00 15.50 ? 154  PHE A CE1 1 
ATOM   309  C CE2 . PHE A 1 38  ? -1.513  -2.113  4.120   1.00 15.91 ? 154  PHE A CE2 1 
ATOM   310  C CZ  . PHE A 1 38  ? -0.500  -2.592  4.953   1.00 16.16 ? 154  PHE A CZ  1 
ATOM   311  N N   . TRP A 1 39  ? -0.230  -0.047  -0.235  1.00 13.83 ? 155  TRP A N   1 
ATOM   312  C CA  . TRP A 1 39  ? -0.683  -1.095  -1.136  1.00 15.00 ? 155  TRP A CA  1 
ATOM   313  C C   . TRP A 1 39  ? 0.492   -1.602  -1.967  1.00 15.91 ? 155  TRP A C   1 
ATOM   314  O O   . TRP A 1 39  ? 0.701   -2.809  -2.099  1.00 12.60 ? 155  TRP A O   1 
ATOM   315  C CB  . TRP A 1 39  ? -1.782  -0.562  -2.056  1.00 14.92 ? 155  TRP A CB  1 
ATOM   316  C CG  . TRP A 1 39  ? -2.475  -1.625  -2.846  1.00 17.61 ? 155  TRP A CG  1 
ATOM   317  C CD1 . TRP A 1 39  ? -3.484  -2.438  -2.421  1.00 18.30 ? 155  TRP A CD1 1 
ATOM   318  C CD2 . TRP A 1 39  ? -2.197  -1.998  -4.199  1.00 19.30 ? 155  TRP A CD2 1 
ATOM   319  N NE1 . TRP A 1 39  ? -3.854  -3.300  -3.427  1.00 19.75 ? 155  TRP A NE1 1 
ATOM   320  C CE2 . TRP A 1 39  ? -3.077  -3.056  -4.529  1.00 21.46 ? 155  TRP A CE2 1 
ATOM   321  C CE3 . TRP A 1 39  ? -1.284  -1.552  -5.164  1.00 22.32 ? 155  TRP A CE3 1 
ATOM   322  C CZ2 . TRP A 1 39  ? -3.077  -3.668  -5.788  1.00 25.12 ? 155  TRP A CZ2 1 
ATOM   323  C CZ3 . TRP A 1 39  ? -1.282  -2.160  -6.418  1.00 26.15 ? 155  TRP A CZ3 1 
ATOM   324  C CH2 . TRP A 1 39  ? -2.173  -3.211  -6.716  1.00 27.98 ? 155  TRP A CH2 1 
ATOM   325  N N   . PHE A 1 40  ? 1.268   -0.680  -2.526  1.00 16.12 ? 156  PHE A N   1 
ATOM   326  C CA  . PHE A 1 40  ? 2.416   -1.085  -3.330  1.00 12.52 ? 156  PHE A CA  1 
ATOM   327  C C   . PHE A 1 40  ? 3.531   -1.679  -2.490  1.00 15.22 ? 156  PHE A C   1 
ATOM   328  O O   . PHE A 1 40  ? 4.247   -2.569  -2.949  1.00 14.56 ? 156  PHE A O   1 
ATOM   329  C CB  . PHE A 1 40  ? 2.955   0.093   -4.146  1.00 15.00 ? 156  PHE A CB  1 
ATOM   330  C CG  . PHE A 1 40  ? 2.170   0.366   -5.393  1.00 18.74 ? 156  PHE A CG  1 
ATOM   331  C CD1 . PHE A 1 40  ? 1.212   1.374   -5.424  1.00 20.87 ? 156  PHE A CD1 1 
ATOM   332  C CD2 . PHE A 1 40  ? 2.362   -0.415  -6.528  1.00 19.36 ? 156  PHE A CD2 1 
ATOM   333  C CE1 . PHE A 1 40  ? 0.453   1.600   -6.571  1.00 21.32 ? 156  PHE A CE1 1 
ATOM   334  C CE2 . PHE A 1 40  ? 1.609   -0.199  -7.681  1.00 21.48 ? 156  PHE A CE2 1 
ATOM   335  C CZ  . PHE A 1 40  ? 0.651   0.813   -7.701  1.00 22.52 ? 156  PHE A CZ  1 
ATOM   336  N N   . ALA A 1 41  ? 3.689   -1.189  -1.262  1.00 10.81 ? 157  ALA A N   1 
ATOM   337  C CA  . ALA A 1 41  ? 4.730   -1.715  -0.384  1.00 14.30 ? 157  ALA A CA  1 
ATOM   338  C C   . ALA A 1 41  ? 4.477   -3.187  -0.060  1.00 15.42 ? 157  ALA A C   1 
ATOM   339  O O   . ALA A 1 41  ? 5.416   -3.981  0.018   1.00 13.95 ? 157  ALA A O   1 
ATOM   340  C CB  . ALA A 1 41  ? 4.800   -0.898  0.903   1.00 16.10 ? 157  ALA A CB  1 
ATOM   341  N N   . CYS A 1 42  ? 3.212   -3.554  0.141   1.00 13.18 ? 158  CYS A N   1 
ATOM   342  C CA  . CYS A 1 42  ? 2.893   -4.947  0.449   1.00 16.52 ? 158  CYS A CA  1 
ATOM   343  C C   . CYS A 1 42  ? 3.248   -5.819  -0.750  1.00 16.41 ? 158  CYS A C   1 
ATOM   344  O O   . CYS A 1 42  ? 3.840   -6.891  -0.605  1.00 17.94 ? 158  CYS A O   1 
ATOM   345  C CB  . CYS A 1 42  ? 1.408   -5.101  0.790   1.00 18.06 ? 158  CYS A CB  1 
ATOM   346  S SG  . CYS A 1 42  ? 0.920   -4.283  2.334   1.00 18.84 ? 158  CYS A SG  1 
ATOM   347  N N   . THR A 1 43  ? 2.894   -5.345  -1.938  1.00 14.08 ? 159  THR A N   1 
ATOM   348  C CA  . THR A 1 43  ? 3.189   -6.074  -3.165  1.00 17.03 ? 159  THR A CA  1 
ATOM   349  C C   . THR A 1 43  ? 4.702   -6.236  -3.329  1.00 18.00 ? 159  THR A C   1 
ATOM   350  O O   . THR A 1 43  ? 5.187   -7.318  -3.678  1.00 16.37 ? 159  THR A O   1 
ATOM   351  C CB  . THR A 1 43  ? 2.613   -5.325  -4.387  1.00 19.14 ? 159  THR A CB  1 
ATOM   352  O OG1 . THR A 1 43  ? 1.180   -5.328  -4.309  1.00 22.13 ? 159  THR A OG1 1 
ATOM   353  C CG2 . THR A 1 43  ? 3.054   -5.983  -5.691  1.00 18.13 ? 159  THR A CG2 1 
ATOM   354  N N   . GLY A 1 44  ? 5.446   -5.161  -3.075  1.00 14.13 ? 160  GLY A N   1 
ATOM   355  C CA  . GLY A 1 44  ? 6.895   -5.222  -3.201  1.00 18.03 ? 160  GLY A CA  1 
ATOM   356  C C   . GLY A 1 44  ? 7.522   -6.167  -2.191  1.00 21.08 ? 160  GLY A C   1 
ATOM   357  O O   . GLY A 1 44  ? 8.463   -6.906  -2.498  1.00 17.62 ? 160  GLY A O   1 
ATOM   358  N N   . PHE A 1 45  ? 7.004   -6.148  -0.969  1.00 19.15 ? 161  PHE A N   1 
ATOM   359  C CA  . PHE A 1 45  ? 7.528   -7.021  0.068   1.00 17.19 ? 161  PHE A CA  1 
ATOM   360  C C   . PHE A 1 45  ? 7.278   -8.480  -0.288  1.00 14.92 ? 161  PHE A C   1 
ATOM   361  O O   . PHE A 1 45  ? 8.180   -9.319  -0.216  1.00 16.73 ? 161  PHE A O   1 
ATOM   362  C CB  . PHE A 1 45  ? 6.852   -6.728  1.408   1.00 16.35 ? 161  PHE A CB  1 
ATOM   363  C CG  . PHE A 1 45  ? 7.190   -7.727  2.474   1.00 18.27 ? 161  PHE A CG  1 
ATOM   364  C CD1 . PHE A 1 45  ? 8.399   -7.652  3.161   1.00 18.51 ? 161  PHE A CD1 1 
ATOM   365  C CD2 . PHE A 1 45  ? 6.312   -8.763  2.775   1.00 17.22 ? 161  PHE A CD2 1 
ATOM   366  C CE1 . PHE A 1 45  ? 8.729   -8.598  4.124   1.00 22.23 ? 161  PHE A CE1 1 
ATOM   367  C CE2 . PHE A 1 45  ? 6.636   -9.716  3.737   1.00 18.72 ? 161  PHE A CE2 1 
ATOM   368  C CZ  . PHE A 1 45  ? 7.845   -9.631  4.415   1.00 20.16 ? 161  PHE A CZ  1 
ATOM   369  N N   . ARG A 1 46  ? 6.045   -8.774  -0.676  1.00 12.60 ? 162  ARG A N   1 
ATOM   370  C CA  . ARG A 1 46  ? 5.661   -10.138 -1.003  1.00 16.70 ? 162  ARG A CA  1 
ATOM   371  C C   . ARG A 1 46  ? 6.481   -10.788 -2.117  1.00 17.69 ? 162  ARG A C   1 
ATOM   372  O O   . ARG A 1 46  ? 6.719   -11.995 -2.073  1.00 17.91 ? 162  ARG A O   1 
ATOM   373  C CB  . ARG A 1 46  ? 4.169   -10.191 -1.354  1.00 17.21 ? 162  ARG A CB  1 
ATOM   374  C CG  . ARG A 1 46  ? 3.634   -11.603 -1.603  1.00 18.75 ? 162  ARG A CG  1 
ATOM   375  C CD  . ARG A 1 46  ? 2.124   -11.595 -1.835  1.00 17.36 ? 162  ARG A CD  1 
ATOM   376  N NE  . ARG A 1 46  ? 1.764   -10.829 -3.022  1.00 21.23 ? 162  ARG A NE  1 
ATOM   377  C CZ  . ARG A 1 46  ? 0.939   -9.785  -3.018  1.00 24.12 ? 162  ARG A CZ  1 
ATOM   378  N NH1 . ARG A 1 46  ? 0.384   -9.376  -1.886  1.00 24.05 ? 162  ARG A NH1 1 
ATOM   379  N NH2 . ARG A 1 46  ? 0.681   -9.142  -4.146  1.00 23.18 ? 162  ARG A NH2 1 
ATOM   380  N N   . LYS A 1 47  ? 6.918   -10.006 -3.106  1.00 15.76 ? 163  LYS A N   1 
ATOM   381  C CA  . LYS A 1 47  ? 7.690   -10.576 -4.212  1.00 17.29 ? 163  LYS A CA  1 
ATOM   382  C C   . LYS A 1 47  ? 9.142   -10.908 -3.870  1.00 20.03 ? 163  LYS A C   1 
ATOM   383  O O   . LYS A 1 47  ? 9.859   -11.480 -4.689  1.00 18.37 ? 163  LYS A O   1 
ATOM   384  C CB  . LYS A 1 47  ? 7.625   -9.661  -5.446  1.00 22.10 ? 163  LYS A CB  1 
ATOM   385  C CG  . LYS A 1 47  ? 8.223   -8.276  -5.251  1.00 24.20 ? 163  LYS A CG  1 
ATOM   386  C CD  . LYS A 1 47  ? 7.954   -7.384  -6.465  1.00 27.58 ? 163  LYS A CD  1 
ATOM   387  C CE  . LYS A 1 47  ? 8.626   -7.908  -7.724  1.00 29.38 ? 163  LYS A CE  1 
ATOM   388  N NZ  . LYS A 1 47  ? 8.432   -6.980  -8.883  1.00 29.81 ? 163  LYS A NZ  1 
ATOM   389  N N   . LEU A 1 48  ? 9.578   -10.552 -2.667  1.00 18.61 ? 164  LEU A N   1 
ATOM   390  C CA  . LEU A 1 48  ? 10.938  -10.865 -2.245  1.00 19.98 ? 164  LEU A CA  1 
ATOM   391  C C   . LEU A 1 48  ? 10.933  -12.314 -1.774  1.00 21.23 ? 164  LEU A C   1 
ATOM   392  O O   . LEU A 1 48  ? 10.118  -12.696 -0.932  1.00 20.56 ? 164  LEU A O   1 
ATOM   393  C CB  . LEU A 1 48  ? 11.375  -9.955  -1.090  1.00 21.85 ? 164  LEU A CB  1 
ATOM   394  C CG  . LEU A 1 48  ? 11.503  -8.460  -1.394  1.00 23.69 ? 164  LEU A CG  1 
ATOM   395  C CD1 . LEU A 1 48  ? 11.727  -7.686  -0.104  1.00 24.58 ? 164  LEU A CD1 1 
ATOM   396  C CD2 . LEU A 1 48  ? 12.658  -8.235  -2.355  1.00 28.83 ? 164  LEU A CD2 1 
ATOM   397  N N   . GLU A 1 49  ? 11.835  -13.121 -2.315  1.00 21.59 ? 165  GLU A N   1 
ATOM   398  C CA  . GLU A 1 49  ? 11.899  -14.525 -1.930  1.00 23.56 ? 165  GLU A CA  1 
ATOM   399  C C   . GLU A 1 49  ? 12.460  -14.719 -0.531  1.00 20.44 ? 165  GLU A C   1 
ATOM   400  O O   . GLU A 1 49  ? 13.421  -14.059 -0.143  1.00 18.88 ? 165  GLU A O   1 
ATOM   401  C CB  . GLU A 1 49  ? 12.729  -15.300 -2.949  1.00 25.73 ? 165  GLU A CB  1 
ATOM   402  C CG  . GLU A 1 49  ? 12.058  -15.385 -4.299  1.00 29.60 ? 165  GLU A CG  1 
ATOM   403  C CD  . GLU A 1 49  ? 12.792  -16.294 -5.242  1.00 33.92 ? 165  GLU A CD  1 
ATOM   404  O OE1 . GLU A 1 49  ? 13.157  -17.407 -4.805  1.00 36.83 ? 165  GLU A OE1 1 
ATOM   405  O OE2 . GLU A 1 49  ? 12.997  -15.908 -6.413  1.00 34.31 ? 165  GLU A OE2 1 
ATOM   406  N N   . PRO A 1 50  ? 11.867  -15.645 0.242   1.00 21.04 ? 166  PRO A N   1 
ATOM   407  C CA  . PRO A 1 50  ? 12.281  -15.953 1.612   1.00 22.61 ? 166  PRO A CA  1 
ATOM   408  C C   . PRO A 1 50  ? 13.517  -16.843 1.716   1.00 24.61 ? 166  PRO A C   1 
ATOM   409  O O   . PRO A 1 50  ? 13.468  -17.888 2.362   1.00 26.62 ? 166  PRO A O   1 
ATOM   410  C CB  . PRO A 1 50  ? 11.044  -16.630 2.216   1.00 22.92 ? 166  PRO A CB  1 
ATOM   411  C CG  . PRO A 1 50  ? 10.078  -16.854 1.037   1.00 23.49 ? 166  PRO A CG  1 
ATOM   412  C CD  . PRO A 1 50  ? 10.849  -16.605 -0.213  1.00 21.39 ? 166  PRO A CD  1 
ATOM   413  N N   . CYS A 1 51  ? 14.609  -16.445 1.075   1.00 25.44 ? 167  CYS A N   1 
ATOM   414  C CA  . CYS A 1 51  ? 15.850  -17.216 1.134   1.00 25.73 ? 167  CYS A CA  1 
ATOM   415  C C   . CYS A 1 51  ? 16.796  -16.572 2.143   1.00 26.84 ? 167  CYS A C   1 
ATOM   416  O O   . CYS A 1 51  ? 16.584  -15.432 2.558   1.00 21.07 ? 167  CYS A O   1 
ATOM   417  C CB  . CYS A 1 51  ? 16.519  -17.269 -0.244  1.00 28.65 ? 167  CYS A CB  1 
ATOM   418  S SG  . CYS A 1 51  ? 16.851  -15.666 -1.009  1.00 34.34 ? 167  CYS A SG  1 
ATOM   419  N N   . ASP A 1 52  ? 17.842  -17.295 2.543   1.00 25.75 ? 168  ASP A N   1 
ATOM   420  C CA  . ASP A 1 52  ? 18.805  -16.765 3.514   1.00 26.98 ? 168  ASP A CA  1 
ATOM   421  C C   . ASP A 1 52  ? 19.385  -15.408 3.134   1.00 23.85 ? 168  ASP A C   1 
ATOM   422  O O   . ASP A 1 52  ? 19.478  -14.508 3.958   1.00 22.18 ? 168  ASP A O   1 
ATOM   423  C CB  . ASP A 1 52  ? 19.974  -17.725 3.711   1.00 33.99 ? 168  ASP A CB  1 
ATOM   424  C CG  . ASP A 1 52  ? 19.580  -19.000 4.417   1.00 39.41 ? 168  ASP A CG  1 
ATOM   425  O OD1 . ASP A 1 52  ? 18.689  -18.944 5.295   1.00 41.45 ? 168  ASP A OD1 1 
ATOM   426  O OD2 . ASP A 1 52  ? 20.177  -20.057 4.106   1.00 42.86 ? 168  ASP A OD2 1 
ATOM   427  N N   . SER A 1 53  ? 19.794  -15.283 1.880   1.00 24.58 ? 169  SER A N   1 
ATOM   428  C CA  . SER A 1 53  ? 20.394  -14.052 1.388   1.00 25.12 ? 169  SER A CA  1 
ATOM   429  C C   . SER A 1 53  ? 19.497  -12.817 1.506   1.00 23.69 ? 169  SER A C   1 
ATOM   430  O O   . SER A 1 53  ? 19.997  -11.697 1.589   1.00 24.68 ? 169  SER A O   1 
ATOM   431  C CB  . SER A 1 53  ? 20.813  -14.249 -0.070  1.00 26.06 ? 169  SER A CB  1 
ATOM   432  O OG  A SER A 1 53  ? 19.701  -14.607 -0.874  0.50 24.69 ? 169  SER A OG  1 
ATOM   433  O OG  B SER A 1 53  ? 21.847  -15.218 -0.166  0.50 29.79 ? 169  SER A OG  1 
ATOM   434  N N   . ASN A 1 54  ? 18.181  -13.021 1.508   1.00 21.07 ? 170  ASN A N   1 
ATOM   435  C CA  . ASN A 1 54  ? 17.225  -11.911 1.612   1.00 22.01 ? 170  ASN A CA  1 
ATOM   436  C C   . ASN A 1 54  ? 16.682  -11.699 3.028   1.00 22.27 ? 170  ASN A C   1 
ATOM   437  O O   . ASN A 1 54  ? 15.996  -10.716 3.285   1.00 20.29 ? 170  ASN A O   1 
ATOM   438  C CB  . ASN A 1 54  ? 16.027  -12.154 0.691   1.00 22.56 ? 170  ASN A CB  1 
ATOM   439  C CG  . ASN A 1 54  ? 16.373  -12.021 -0.773  1.00 27.10 ? 170  ASN A CG  1 
ATOM   440  O OD1 . ASN A 1 54  ? 15.580  -12.391 -1.638  1.00 27.96 ? 170  ASN A OD1 1 
ATOM   441  N ND2 . ASN A 1 54  ? 17.553  -11.488 -1.063  1.00 24.02 ? 170  ASN A ND2 1 
ATOM   442  N N   . GLU A 1 55  ? 16.982  -12.627 3.930   1.00 25.85 ? 171  GLU A N   1 
ATOM   443  C CA  . GLU A 1 55  ? 16.479  -12.567 5.304   1.00 27.15 ? 171  GLU A CA  1 
ATOM   444  C C   . GLU A 1 55  ? 16.580  -11.208 6.006   1.00 27.96 ? 171  GLU A C   1 
ATOM   445  O O   . GLU A 1 55  ? 15.578  -10.665 6.478   1.00 23.78 ? 171  GLU A O   1 
ATOM   446  C CB  . GLU A 1 55  ? 17.182  -13.625 6.152   1.00 34.79 ? 171  GLU A CB  1 
ATOM   447  C CG  . GLU A 1 55  ? 16.542  -13.850 7.515   1.00 43.24 ? 171  GLU A CG  1 
ATOM   448  C CD  . GLU A 1 55  ? 17.246  -14.922 8.324   1.00 49.25 ? 171  GLU A CD  1 
ATOM   449  O OE1 . GLU A 1 55  ? 18.221  -15.512 7.816   1.00 53.06 ? 171  GLU A OE1 1 
ATOM   450  O OE2 . GLU A 1 55  ? 16.822  -15.174 9.473   1.00 53.70 ? 171  GLU A OE2 1 
ATOM   451  N N   . GLU A 1 56  ? 17.788  -10.660 6.078   1.00 27.39 ? 172  GLU A N   1 
ATOM   452  C CA  . GLU A 1 56  ? 17.987  -9.377  6.736   1.00 27.55 ? 172  GLU A CA  1 
ATOM   453  C C   . GLU A 1 56  ? 17.232  -8.236  6.055   1.00 25.91 ? 172  GLU A C   1 
ATOM   454  O O   . GLU A 1 56  ? 16.637  -7.396  6.732   1.00 25.11 ? 172  GLU A O   1 
ATOM   455  C CB  . GLU A 1 56  ? 19.485  -9.079  6.827   1.00 33.65 ? 172  GLU A CB  1 
ATOM   456  C CG  . GLU A 1 56  ? 20.203  -10.063 7.751   1.00 40.64 ? 172  GLU A CG  1 
ATOM   457  C CD  . GLU A 1 56  ? 21.494  -10.607 7.169   1.00 45.38 ? 172  GLU A CD  1 
ATOM   458  O OE1 . GLU A 1 56  ? 21.507  -10.939 5.964   1.00 50.16 ? 172  GLU A OE1 1 
ATOM   459  O OE2 . GLU A 1 56  ? 22.490  -10.720 7.915   1.00 49.05 ? 172  GLU A OE2 1 
ATOM   460  N N   . LYS A 1 57  ? 17.248  -8.202  4.725   1.00 21.65 ? 173  LYS A N   1 
ATOM   461  C CA  . LYS A 1 57  ? 16.532  -7.149  4.010   1.00 21.96 ? 173  LYS A CA  1 
ATOM   462  C C   . LYS A 1 57  ? 15.029  -7.269  4.260   1.00 21.81 ? 173  LYS A C   1 
ATOM   463  O O   . LYS A 1 57  ? 14.341  -6.273  4.507   1.00 19.02 ? 173  LYS A O   1 
ATOM   464  C CB  . LYS A 1 57  ? 16.796  -7.230  2.500   1.00 22.04 ? 173  LYS A CB  1 
ATOM   465  C CG  . LYS A 1 57  ? 15.959  -6.230  1.703   1.00 27.13 ? 173  LYS A CG  1 
ATOM   466  C CD  . LYS A 1 57  ? 16.187  -6.318  0.195   1.00 29.95 ? 173  LYS A CD  1 
ATOM   467  C CE  . LYS A 1 57  ? 17.538  -5.744  -0.209  1.00 32.22 ? 173  LYS A CE  1 
ATOM   468  N NZ  . LYS A 1 57  ? 17.635  -5.597  -1.693  1.00 34.59 ? 173  LYS A NZ  1 
ATOM   469  N N   . ARG A 1 58  ? 14.519  -8.494  4.197   1.00 18.99 ? 174  ARG A N   1 
ATOM   470  C CA  . ARG A 1 58  ? 13.097  -8.713  4.411   1.00 19.95 ? 174  ARG A CA  1 
ATOM   471  C C   . ARG A 1 58  ? 12.634  -8.316  5.811   1.00 18.92 ? 174  ARG A C   1 
ATOM   472  O O   . ARG A 1 58  ? 11.566  -7.723  5.966   1.00 19.76 ? 174  ARG A O   1 
ATOM   473  C CB  . ARG A 1 58  ? 12.748  -10.176 4.105   1.00 19.01 ? 174  ARG A CB  1 
ATOM   474  C CG  . ARG A 1 58  ? 12.983  -10.516 2.637   1.00 21.38 ? 174  ARG A CG  1 
ATOM   475  C CD  . ARG A 1 58  ? 12.606  -11.949 2.307   1.00 22.34 ? 174  ARG A CD  1 
ATOM   476  N NE  . ARG A 1 58  ? 11.185  -12.179 2.503   1.00 21.75 ? 174  ARG A NE  1 
ATOM   477  C CZ  . ARG A 1 58  ? 10.675  -12.916 3.484   1.00 22.12 ? 174  ARG A CZ  1 
ATOM   478  N NH1 . ARG A 1 58  ? 11.474  -13.508 4.363   1.00 20.01 ? 174  ARG A NH1 1 
ATOM   479  N NH2 . ARG A 1 58  ? 9.363   -13.052 3.587   1.00 17.99 ? 174  ARG A NH2 1 
ATOM   480  N N   . LEU A 1 59  ? 13.430  -8.630  6.829   1.00 17.90 ? 175  LEU A N   1 
ATOM   481  C CA  . LEU A 1 59  ? 13.062  -8.266  8.198   1.00 19.86 ? 175  LEU A CA  1 
ATOM   482  C C   . LEU A 1 59  ? 13.035  -6.746  8.364   1.00 20.11 ? 175  LEU A C   1 
ATOM   483  O O   . LEU A 1 59  ? 12.105  -6.193  8.961   1.00 18.32 ? 175  LEU A O   1 
ATOM   484  C CB  . LEU A 1 59  ? 14.045  -8.885  9.198   1.00 23.26 ? 175  LEU A CB  1 
ATOM   485  C CG  . LEU A 1 59  ? 13.804  -8.581  10.681  1.00 24.91 ? 175  LEU A CG  1 
ATOM   486  C CD1 . LEU A 1 59  ? 12.400  -9.025  11.087  1.00 28.10 ? 175  LEU A CD1 1 
ATOM   487  C CD2 . LEU A 1 59  ? 14.853  -9.303  11.520  1.00 26.75 ? 175  LEU A CD2 1 
ATOM   488  N N   . LYS A 1 60  ? 14.054  -6.070  7.838   1.00 20.25 ? 176  LYS A N   1 
ATOM   489  C CA  . LYS A 1 60  ? 14.124  -4.612  7.915   1.00 22.90 ? 176  LYS A CA  1 
ATOM   490  C C   . LYS A 1 60  ? 12.953  -3.983  7.165   1.00 21.96 ? 176  LYS A C   1 
ATOM   491  O O   . LYS A 1 60  ? 12.399  -2.966  7.590   1.00 19.82 ? 176  LYS A O   1 
ATOM   492  C CB  . LYS A 1 60  ? 15.431  -4.093  7.308   1.00 28.08 ? 176  LYS A CB  1 
ATOM   493  C CG  . LYS A 1 60  ? 16.658  -4.232  8.187   1.00 35.92 ? 176  LYS A CG  1 
ATOM   494  C CD  . LYS A 1 60  ? 17.833  -3.484  7.565   1.00 40.24 ? 176  LYS A CD  1 
ATOM   495  C CE  . LYS A 1 60  ? 19.055  -3.494  8.467   1.00 44.23 ? 176  LYS A CE  1 
ATOM   496  N NZ  . LYS A 1 60  ? 20.179  -2.712  7.869   1.00 46.98 ? 176  LYS A NZ  1 
ATOM   497  N N   . LEU A 1 61  ? 12.579  -4.583  6.039   1.00 19.67 ? 177  LEU A N   1 
ATOM   498  C CA  . LEU A 1 61  ? 11.468  -4.057  5.254   1.00 18.81 ? 177  LEU A CA  1 
ATOM   499  C C   . LEU A 1 61  ? 10.139  -4.267  5.977   1.00 17.93 ? 177  LEU A C   1 
ATOM   500  O O   . LEU A 1 61  ? 9.304   -3.361  6.046   1.00 18.95 ? 177  LEU A O   1 
ATOM   501  C CB  . LEU A 1 61  ? 11.426  -4.725  3.876   1.00 19.92 ? 177  LEU A CB  1 
ATOM   502  C CG  . LEU A 1 61  ? 10.292  -4.246  2.961   1.00 23.05 ? 177  LEU A CG  1 
ATOM   503  C CD1 . LEU A 1 61  ? 10.311  -2.721  2.867   1.00 25.25 ? 177  LEU A CD1 1 
ATOM   504  C CD2 . LEU A 1 61  ? 10.442  -4.876  1.583   1.00 25.19 ? 177  LEU A CD2 1 
ATOM   505  N N   . ALA A 1 62  ? 9.944   -5.466  6.517   1.00 16.15 ? 178  ALA A N   1 
ATOM   506  C CA  . ALA A 1 62  ? 8.716   -5.775  7.241   1.00 16.69 ? 178  ALA A CA  1 
ATOM   507  C C   . ALA A 1 62  ? 8.567   -4.800  8.405   1.00 16.46 ? 178  ALA A C   1 
ATOM   508  O O   . ALA A 1 62  ? 7.487   -4.265  8.641   1.00 13.31 ? 178  ALA A O   1 
ATOM   509  C CB  . ALA A 1 62  ? 8.753   -7.213  7.752   1.00 14.88 ? 178  ALA A CB  1 
ATOM   510  N N   . ARG A 1 63  ? 9.657   -4.565  9.128   1.00 16.14 ? 179  ARG A N   1 
ATOM   511  C CA  . ARG A 1 63  ? 9.630   -3.638  10.257  1.00 19.51 ? 179  ARG A CA  1 
ATOM   512  C C   . ARG A 1 63  ? 9.286   -2.225  9.806   1.00 17.00 ? 179  ARG A C   1 
ATOM   513  O O   . ARG A 1 63  ? 8.513   -1.529  10.462  1.00 16.59 ? 179  ARG A O   1 
ATOM   514  C CB  . ARG A 1 63  ? 10.983  -3.620  10.967  1.00 23.26 ? 179  ARG A CB  1 
ATOM   515  C CG  . ARG A 1 63  ? 11.311  -4.895  11.700  1.00 30.69 ? 179  ARG A CG  1 
ATOM   516  C CD  . ARG A 1 63  ? 12.709  -4.826  12.285  1.00 37.46 ? 179  ARG A CD  1 
ATOM   517  N NE  . ARG A 1 63  ? 13.028  -6.022  13.058  1.00 41.43 ? 179  ARG A NE  1 
ATOM   518  C CZ  . ARG A 1 63  ? 14.232  -6.288  13.551  1.00 44.86 ? 179  ARG A CZ  1 
ATOM   519  N NH1 . ARG A 1 63  ? 15.236  -5.443  13.349  1.00 46.30 ? 179  ARG A NH1 1 
ATOM   520  N NH2 . ARG A 1 63  ? 14.430  -7.398  14.245  1.00 45.63 ? 179  ARG A NH2 1 
ATOM   521  N N   . ALA A 1 64  ? 9.874   -1.805  8.687   1.00 16.54 ? 180  ALA A N   1 
ATOM   522  C CA  . ALA A 1 64  ? 9.633   -0.468  8.142   1.00 17.86 ? 180  ALA A CA  1 
ATOM   523  C C   . ALA A 1 64  ? 8.155   -0.236  7.792   1.00 18.37 ? 180  ALA A C   1 
ATOM   524  O O   . ALA A 1 64  ? 7.588   0.815   8.104   1.00 16.66 ? 180  ALA A O   1 
ATOM   525  C CB  . ALA A 1 64  ? 10.506  -0.250  6.900   1.00 18.38 ? 180  ALA A CB  1 
ATOM   526  N N   . ILE A 1 65  ? 7.549   -1.212  7.121   1.00 14.31 ? 181  ILE A N   1 
ATOM   527  C CA  . ILE A 1 65  ? 6.147   -1.128  6.737   1.00 15.35 ? 181  ILE A CA  1 
ATOM   528  C C   . ILE A 1 65  ? 5.300   -1.087  8.009   1.00 16.12 ? 181  ILE A C   1 
ATOM   529  O O   . ILE A 1 65  ? 4.370   -0.288  8.132   1.00 14.92 ? 181  ILE A O   1 
ATOM   530  C CB  . ILE A 1 65  ? 5.740   -2.356  5.889   1.00 15.06 ? 181  ILE A CB  1 
ATOM   531  C CG1 . ILE A 1 65  ? 6.551   -2.368  4.587   1.00 13.76 ? 181  ILE A CG1 1 
ATOM   532  C CG2 . ILE A 1 65  ? 4.244   -2.325  5.594   1.00 15.66 ? 181  ILE A CG2 1 
ATOM   533  C CD1 . ILE A 1 65  ? 6.316   -3.595  3.696   1.00 16.10 ? 181  ILE A CD1 1 
ATOM   534  N N   . TYR A 1 66  ? 5.634   -1.956  8.954   1.00 17.73 ? 182  TYR A N   1 
ATOM   535  C CA  . TYR A 1 66  ? 4.923   -2.008  10.225  1.00 18.21 ? 182  TYR A CA  1 
ATOM   536  C C   . TYR A 1 66  ? 5.031   -0.670  10.951  1.00 20.86 ? 182  TYR A C   1 
ATOM   537  O O   . TYR A 1 66  ? 4.011   -0.093  11.339  1.00 19.35 ? 182  TYR A O   1 
ATOM   538  C CB  . TYR A 1 66  ? 5.501   -3.123  11.108  1.00 22.37 ? 182  TYR A CB  1 
ATOM   539  C CG  . TYR A 1 66  ? 5.272   -2.958  12.603  1.00 28.31 ? 182  TYR A CG  1 
ATOM   540  C CD1 . TYR A 1 66  ? 4.002   -3.104  13.166  1.00 31.11 ? 182  TYR A CD1 1 
ATOM   541  C CD2 . TYR A 1 66  ? 6.340   -2.692  13.457  1.00 30.79 ? 182  TYR A CD2 1 
ATOM   542  C CE1 . TYR A 1 66  ? 3.808   -2.995  14.552  1.00 34.42 ? 182  TYR A CE1 1 
ATOM   543  C CE2 . TYR A 1 66  ? 6.156   -2.580  14.841  1.00 34.99 ? 182  TYR A CE2 1 
ATOM   544  C CZ  . TYR A 1 66  ? 4.892   -2.735  15.377  1.00 35.91 ? 182  TYR A CZ  1 
ATOM   545  O OH  . TYR A 1 66  ? 4.723   -2.650  16.740  1.00 43.08 ? 182  TYR A OH  1 
ATOM   546  N N   . ARG A 1 67  ? 6.255   -0.182  11.134  1.00 20.31 ? 183  ARG A N   1 
ATOM   547  C CA  . ARG A 1 67  ? 6.461   1.078   11.837  1.00 21.09 ? 183  ARG A CA  1 
ATOM   548  C C   . ARG A 1 67  ? 5.730   2.262   11.212  1.00 21.91 ? 183  ARG A C   1 
ATOM   549  O O   . ARG A 1 67  ? 5.095   3.038   11.921  1.00 21.67 ? 183  ARG A O   1 
ATOM   550  C CB  . ARG A 1 67  ? 7.955   1.400   11.948  1.00 24.41 ? 183  ARG A CB  1 
ATOM   551  C CG  . ARG A 1 67  ? 8.705   0.480   12.890  1.00 30.38 ? 183  ARG A CG  1 
ATOM   552  C CD  . ARG A 1 67  ? 10.163  0.867   13.007  1.00 35.36 ? 183  ARG A CD  1 
ATOM   553  N NE  . ARG A 1 67  ? 10.913  -0.160  13.718  1.00 40.33 ? 183  ARG A NE  1 
ATOM   554  C CZ  . ARG A 1 67  ? 12.235  -0.182  13.798  1.00 42.78 ? 183  ARG A CZ  1 
ATOM   555  N NH1 . ARG A 1 67  ? 12.939  0.771   13.207  1.00 44.60 ? 183  ARG A NH1 1 
ATOM   556  N NH2 . ARG A 1 67  ? 12.850  -1.153  14.461  1.00 44.58 ? 183  ARG A NH2 1 
ATOM   557  N N   . LYS A 1 68  ? 5.808   2.417   9.896   1.00 21.30 ? 184  LYS A N   1 
ATOM   558  C CA  . LYS A 1 68  ? 5.131   3.553   9.277   1.00 22.91 ? 184  LYS A CA  1 
ATOM   559  C C   . LYS A 1 68  ? 3.617   3.465   9.106   1.00 22.18 ? 184  LYS A C   1 
ATOM   560  O O   . LYS A 1 68  ? 2.925   4.462   9.292   1.00 22.64 ? 184  LYS A O   1 
ATOM   561  C CB  . LYS A 1 68  ? 5.732   3.872   7.907   1.00 23.39 ? 184  LYS A CB  1 
ATOM   562  C CG  . LYS A 1 68  ? 5.028   5.068   7.243   1.00 28.50 ? 184  LYS A CG  1 
ATOM   563  C CD  . LYS A 1 68  ? 5.901   5.720   6.196   1.00 32.13 ? 184  LYS A CD  1 
ATOM   564  C CE  . LYS A 1 68  ? 5.225   6.931   5.552   1.00 32.10 ? 184  LYS A CE  1 
ATOM   565  N NZ  . LYS A 1 68  ? 4.809   7.942   6.558   1.00 34.17 ? 184  LYS A NZ  1 
ATOM   566  N N   . TYR A 1 69  ? 3.096   2.288   8.773   1.00 17.76 ? 185  TYR A N   1 
ATOM   567  C CA  . TYR A 1 69  ? 1.662   2.160   8.512   1.00 18.95 ? 185  TYR A CA  1 
ATOM   568  C C   . TYR A 1 69  ? 0.810   1.401   9.519   1.00 21.60 ? 185  TYR A C   1 
ATOM   569  O O   . TYR A 1 69  ? -0.405  1.613   9.597   1.00 22.76 ? 185  TYR A O   1 
ATOM   570  C CB  . TYR A 1 69  ? 1.457   1.519   7.133   1.00 20.29 ? 185  TYR A CB  1 
ATOM   571  C CG  . TYR A 1 69  ? 2.203   2.217   6.015   1.00 17.62 ? 185  TYR A CG  1 
ATOM   572  C CD1 . TYR A 1 69  ? 3.352   1.659   5.457   1.00 17.89 ? 185  TYR A CD1 1 
ATOM   573  C CD2 . TYR A 1 69  ? 1.746   3.432   5.507   1.00 18.23 ? 185  TYR A CD2 1 
ATOM   574  C CE1 . TYR A 1 69  ? 4.032   2.293   4.413   1.00 16.76 ? 185  TYR A CE1 1 
ATOM   575  C CE2 . TYR A 1 69  ? 2.420   4.076   4.462   1.00 17.36 ? 185  TYR A CE2 1 
ATOM   576  C CZ  . TYR A 1 69  ? 3.559   3.499   3.921   1.00 17.75 ? 185  TYR A CZ  1 
ATOM   577  O OH  . TYR A 1 69  ? 4.213   4.125   2.879   1.00 19.91 ? 185  TYR A OH  1 
ATOM   578  N N   . ILE A 1 70  ? 1.437   0.523   10.291  1.00 20.87 ? 186  ILE A N   1 
ATOM   579  C CA  . ILE A 1 70  ? 0.691   -0.275  11.247  1.00 23.84 ? 186  ILE A CA  1 
ATOM   580  C C   . ILE A 1 70  ? 0.839   0.140   12.700  1.00 26.99 ? 186  ILE A C   1 
ATOM   581  O O   . ILE A 1 70  ? -0.155  0.243   13.402  1.00 27.46 ? 186  ILE A O   1 
ATOM   582  C CB  . ILE A 1 70  ? 1.058   -1.772  11.127  1.00 22.80 ? 186  ILE A CB  1 
ATOM   583  C CG1 . ILE A 1 70  ? 0.886   -2.245  9.680   1.00 22.71 ? 186  ILE A CG1 1 
ATOM   584  C CG2 . ILE A 1 70  ? 0.176   -2.598  12.054  1.00 24.76 ? 186  ILE A CG2 1 
ATOM   585  C CD1 . ILE A 1 70  ? -0.529  -2.104  9.137   1.00 24.53 ? 186  ILE A CD1 1 
ATOM   586  N N   A LEU A 1 71  ? 2.065   0.432   13.139  0.50 28.01 ? 187  LEU A N   1 
ATOM   587  N N   B LEU A 1 71  ? 2.087   0.315   13.155  0.50 28.45 ? 187  LEU A N   1 
ATOM   588  C CA  A LEU A 1 71  ? 2.320   0.825   14.526  0.50 32.80 ? 187  LEU A CA  1 
ATOM   589  C CA  B LEU A 1 71  ? 2.356   0.708   14.540  0.50 32.67 ? 187  LEU A CA  1 
ATOM   590  C C   A LEU A 1 71  ? 1.301   1.791   15.140  0.50 34.49 ? 187  LEU A C   1 
ATOM   591  C C   B LEU A 1 71  ? 1.382   1.815   14.863  0.50 34.78 ? 187  LEU A C   1 
ATOM   592  O O   A LEU A 1 71  ? 0.288   1.356   15.691  0.50 34.56 ? 187  LEU A O   1 
ATOM   593  O O   B LEU A 1 71  ? 0.908   1.956   15.992  0.50 33.02 ? 187  LEU A O   1 
ATOM   594  C CB  A LEU A 1 71  ? 3.726   1.417   14.652  0.50 32.97 ? 187  LEU A CB  1 
ATOM   595  C CB  B LEU A 1 71  ? 3.790   1.219   14.693  0.50 32.89 ? 187  LEU A CB  1 
ATOM   596  C CG  A LEU A 1 71  ? 4.192   1.762   16.071  0.50 34.26 ? 187  LEU A CG  1 
ATOM   597  C CG  B LEU A 1 71  ? 4.182   1.764   16.070  0.50 34.35 ? 187  LEU A CG  1 
ATOM   598  C CD1 A LEU A 1 71  ? 4.048   0.546   16.976  0.50 35.58 ? 187  LEU A CD1 1 
ATOM   599  C CD1 B LEU A 1 71  ? 3.982   0.695   17.130  0.50 35.73 ? 187  LEU A CD1 1 
ATOM   600  C CD2 A LEU A 1 71  ? 5.636   2.233   16.031  0.50 34.82 ? 187  LEU A CD2 1 
ATOM   601  C CD2 B LEU A 1 71  ? 5.631   2.225   16.038  0.50 35.23 ? 187  LEU A CD2 1 
ATOM   602  N N   A ASP A 1 72  ? 1.570   3.092   15.064  0.50 35.44 ? 188  ASP A N   1 
ATOM   603  N N   B ASP A 1 72  ? 1.096   2.602   13.836  0.50 36.49 ? 188  ASP A N   1 
ATOM   604  C CA  A ASP A 1 72  ? 0.658   4.080   15.634  0.50 37.16 ? 188  ASP A CA  1 
ATOM   605  C CA  B ASP A 1 72  ? 0.149   3.682   13.953  0.50 39.96 ? 188  ASP A CA  1 
ATOM   606  C C   A ASP A 1 72  ? -0.725  3.913   15.028  0.50 35.42 ? 188  ASP A C   1 
ATOM   607  C C   B ASP A 1 72  ? -1.159  3.054   14.399  0.50 41.16 ? 188  ASP A C   1 
ATOM   608  O O   A ASP A 1 72  ? -0.901  4.006   13.812  0.50 32.54 ? 188  ASP A O   1 
ATOM   609  O O   B ASP A 1 72  ? -1.368  1.851   14.274  0.50 43.73 ? 188  ASP A O   1 
ATOM   610  C CB  A ASP A 1 72  ? 1.148   5.507   15.378  0.50 40.38 ? 188  ASP A CB  1 
ATOM   611  C CB  B ASP A 1 72  ? -0.067  4.352   12.589  0.50 41.12 ? 188  ASP A CB  1 
ATOM   612  C CG  A ASP A 1 72  ? 0.369   6.539   16.178  0.50 43.07 ? 188  ASP A CG  1 
ATOM   613  C CG  B ASP A 1 72  ? 1.049   5.307   12.215  0.50 41.90 ? 188  ASP A CG  1 
ATOM   614  O OD1 A ASP A 1 72  ? -0.861  6.376   16.325  0.50 45.06 ? 188  ASP A OD1 1 
ATOM   615  O OD1 B ASP A 1 72  ? 2.164   5.169   12.758  0.50 42.96 ? 188  ASP A OD1 1 
ATOM   616  O OD2 A ASP A 1 72  ? 0.983   7.519   16.653  0.50 43.95 ? 188  ASP A OD2 1 
ATOM   617  O OD2 B ASP A 1 72  ? 0.812   6.192   11.365  0.50 43.58 ? 188  ASP A OD2 1 
ATOM   618  N N   A ASN A 1 73  ? -1.706  3.675   15.890  0.50 34.92 ? 189  ASN A N   1 
ATOM   619  N N   B ASN A 1 73  ? -2.018  3.888   14.952  0.50 40.22 ? 189  ASN A N   1 
ATOM   620  C CA  A ASN A 1 73  ? -3.079  3.474   15.456  0.50 36.29 ? 189  ASN A CA  1 
ATOM   621  C CA  B ASN A 1 73  ? -3.355  3.514   15.379  0.50 39.33 ? 189  ASN A CA  1 
ATOM   622  C C   A ASN A 1 73  ? -3.787  4.771   15.068  0.50 36.00 ? 189  ASN A C   1 
ATOM   623  C C   B ASN A 1 73  ? -4.007  4.852   15.088  0.50 38.49 ? 189  ASN A C   1 
ATOM   624  O O   A ASN A 1 73  ? -5.012  4.850   15.134  0.50 38.79 ? 189  ASN A O   1 
ATOM   625  O O   B ASN A 1 73  ? -5.215  5.038   15.204  0.50 40.66 ? 189  ASN A O   1 
ATOM   626  C CB  A ASN A 1 73  ? -3.870  2.770   16.563  0.50 38.22 ? 189  ASN A CB  1 
ATOM   627  C CB  B ASN A 1 73  ? -3.406  3.189   16.877  0.50 39.58 ? 189  ASN A CB  1 
ATOM   628  C CG  A ASN A 1 73  ? -3.173  1.525   17.078  0.50 40.06 ? 189  ASN A CG  1 
ATOM   629  C CG  B ASN A 1 73  ? -2.979  1.761   17.184  0.50 40.40 ? 189  ASN A CG  1 
ATOM   630  O OD1 A ASN A 1 73  ? -2.901  0.593   16.322  0.50 40.82 ? 189  ASN A OD1 1 
ATOM   631  O OD1 B ASN A 1 73  ? -3.419  0.815   16.528  0.50 39.98 ? 189  ASN A OD1 1 
ATOM   632  N ND2 A ASN A 1 73  ? -2.877  1.507   18.373  0.50 39.77 ? 189  ASN A ND2 1 
ATOM   633  N ND2 B ASN A 1 73  ? -2.130  1.598   18.192  0.50 39.47 ? 189  ASN A ND2 1 
ATOM   634  N N   A ASN A 1 74  ? -3.026  5.784   14.657  0.50 35.11 ? 190  ASN A N   1 
ATOM   635  N N   B ASN A 1 74  ? -3.135  5.759   14.656  0.50 37.33 ? 190  ASN A N   1 
ATOM   636  C CA  A ASN A 1 74  ? -3.626  7.056   14.264  0.50 33.96 ? 190  ASN A CA  1 
ATOM   637  C CA  B ASN A 1 74  ? -3.434  7.140   14.324  0.50 36.14 ? 190  ASN A CA  1 
ATOM   638  C C   A ASN A 1 74  ? -3.510  7.340   12.768  0.50 34.31 ? 190  ASN A C   1 
ATOM   639  C C   B ASN A 1 74  ? -3.411  7.426   12.821  0.50 35.38 ? 190  ASN A C   1 
ATOM   640  O O   A ASN A 1 74  ? -4.317  8.089   12.219  0.50 35.17 ? 190  ASN A O   1 
ATOM   641  O O   B ASN A 1 74  ? -4.195  8.232   12.319  0.50 35.27 ? 190  ASN A O   1 
ATOM   642  C CB  A ASN A 1 74  ? -3.014  8.213   15.057  0.50 32.40 ? 190  ASN A CB  1 
ATOM   643  C CB  B ASN A 1 74  ? -2.401  8.018   15.027  0.50 37.23 ? 190  ASN A CB  1 
ATOM   644  C CG  A ASN A 1 74  ? -3.796  9.503   14.895  0.50 29.59 ? 190  ASN A CG  1 
ATOM   645  C CG  B ASN A 1 74  ? -0.992  7.440   14.930  0.50 35.69 ? 190  ASN A CG  1 
ATOM   646  O OD1 A ASN A 1 74  ? -4.983  9.568   15.216  0.50 28.66 ? 190  ASN A OD1 1 
ATOM   647  O OD1 B ASN A 1 74  ? -0.240  7.751   14.007  0.50 36.74 ? 190  ASN A OD1 1 
ATOM   648  N ND2 A ASN A 1 74  ? -3.134  10.538  14.394  0.50 28.39 ? 190  ASN A ND2 1 
ATOM   649  N ND2 B ASN A 1 74  ? -0.642  6.576   15.875  0.50 36.16 ? 190  ASN A ND2 1 
ATOM   650  N N   . GLY A 1 75  ? -2.505  6.760   12.110  1.00 34.30 ? 191  GLY A N   1 
ATOM   651  C CA  . GLY A 1 75  ? -2.362  6.969   10.674  1.00 29.60 ? 191  GLY A CA  1 
ATOM   652  C C   . GLY A 1 75  ? -3.555  6.420   9.910   1.00 25.37 ? 191  GLY A C   1 
ATOM   653  O O   . GLY A 1 75  ? -4.268  5.560   10.425  1.00 22.87 ? 191  GLY A O   1 
ATOM   654  N N   . ILE A 1 76  ? -3.779  6.886   8.682   1.00 23.40 ? 192  ILE A N   1 
ATOM   655  C CA  . ILE A 1 76  ? -4.937  6.412   7.928   1.00 24.78 ? 192  ILE A CA  1 
ATOM   656  C C   . ILE A 1 76  ? -4.933  4.912   7.635   1.00 20.72 ? 192  ILE A C   1 
ATOM   657  O O   . ILE A 1 76  ? -5.976  4.270   7.712   1.00 21.61 ? 192  ILE A O   1 
ATOM   658  C CB  . ILE A 1 76  ? -5.136  7.185   6.602   1.00 27.26 ? 192  ILE A CB  1 
ATOM   659  C CG1 . ILE A 1 76  ? -6.517  6.839   6.032   1.00 30.42 ? 192  ILE A CG1 1 
ATOM   660  C CG2 . ILE A 1 76  ? -4.025  6.848   5.606   1.00 26.40 ? 192  ILE A CG2 1 
ATOM   661  C CD1 . ILE A 1 76  ? -6.899  7.609   4.793   1.00 31.83 ? 192  ILE A CD1 1 
ATOM   662  N N   . VAL A 1 77  ? -3.776  4.341   7.314   1.00 20.29 ? 193  VAL A N   1 
ATOM   663  C CA  . VAL A 1 77  ? -3.724  2.905   7.044   1.00 18.33 ? 193  VAL A CA  1 
ATOM   664  C C   . VAL A 1 77  ? -4.081  2.142   8.313   1.00 22.00 ? 193  VAL A C   1 
ATOM   665  O O   . VAL A 1 77  ? -4.898  1.223   8.287   1.00 20.29 ? 193  VAL A O   1 
ATOM   666  C CB  . VAL A 1 77  ? -2.325  2.453   6.569   1.00 18.85 ? 193  VAL A CB  1 
ATOM   667  C CG1 . VAL A 1 77  ? -2.245  0.928   6.553   1.00 16.78 ? 193  VAL A CG1 1 
ATOM   668  C CG2 . VAL A 1 77  ? -2.053  2.996   5.177   1.00 17.71 ? 193  VAL A CG2 1 
ATOM   669  N N   . SER A 1 78  ? -3.476  2.534   9.429   1.00 24.89 ? 194  SER A N   1 
ATOM   670  C CA  . SER A 1 78  ? -3.753  1.871   10.693  1.00 28.21 ? 194  SER A CA  1 
ATOM   671  C C   . SER A 1 78  ? -5.226  1.971   11.068  1.00 27.80 ? 194  SER A C   1 
ATOM   672  O O   . SER A 1 78  ? -5.807  1.006   11.570  1.00 29.97 ? 194  SER A O   1 
ATOM   673  C CB  . SER A 1 78  ? -2.910  2.473   11.811  1.00 31.79 ? 194  SER A CB  1 
ATOM   674  O OG  . SER A 1 78  ? -3.227  1.849   13.040  1.00 33.47 ? 194  SER A OG  1 
ATOM   675  N N   . ARG A 1 79  ? -5.823  3.136   10.824  1.00 27.49 ? 195  ARG A N   1 
ATOM   676  C CA  . ARG A 1 79  ? -7.235  3.360   11.137  1.00 27.32 ? 195  ARG A CA  1 
ATOM   677  C C   . ARG A 1 79  ? -8.153  2.510   10.268  1.00 26.54 ? 195  ARG A C   1 
ATOM   678  O O   . ARG A 1 79  ? -9.255  2.155   10.683  1.00 25.68 ? 195  ARG A O   1 
ATOM   679  C CB  . ARG A 1 79  ? -7.635  4.830   10.922  1.00 28.84 ? 195  ARG A CB  1 
ATOM   680  C CG  . ARG A 1 79  ? -6.910  5.860   11.769  1.00 31.23 ? 195  ARG A CG  1 
ATOM   681  C CD  . ARG A 1 79  ? -7.701  7.176   11.806  1.00 34.36 ? 195  ARG A CD  1 
ATOM   682  N NE  . ARG A 1 79  ? -7.938  7.769   10.485  1.00 33.27 ? 195  ARG A NE  1 
ATOM   683  C CZ  . ARG A 1 79  ? -7.079  8.560   9.847   1.00 32.77 ? 195  ARG A CZ  1 
ATOM   684  N NH1 . ARG A 1 79  ? -5.910  8.865   10.392  1.00 29.73 ? 195  ARG A NH1 1 
ATOM   685  N NH2 . ARG A 1 79  ? -7.398  9.065   8.664   1.00 33.71 ? 195  ARG A NH2 1 
ATOM   686  N N   . GLN A 1 80  ? -7.700  2.200   9.057   1.00 22.81 ? 196  GLN A N   1 
ATOM   687  C CA  . GLN A 1 80  ? -8.504  1.429   8.115   1.00 22.84 ? 196  GLN A CA  1 
ATOM   688  C C   . GLN A 1 80  ? -8.209  -0.069  8.079   1.00 24.00 ? 196  GLN A C   1 
ATOM   689  O O   . GLN A 1 80  ? -8.699  -0.778  7.205   1.00 25.39 ? 196  GLN A O   1 
ATOM   690  C CB  . GLN A 1 80  ? -8.353  2.022   6.708   1.00 24.15 ? 196  GLN A CB  1 
ATOM   691  C CG  . GLN A 1 80  ? -8.925  3.423   6.585   1.00 28.72 ? 196  GLN A CG  1 
ATOM   692  C CD  . GLN A 1 80  ? -10.435 3.443   6.728   1.00 30.46 ? 196  GLN A CD  1 
ATOM   693  O OE1 . GLN A 1 80  ? -11.000 4.341   7.350   1.00 36.30 ? 196  GLN A OE1 1 
ATOM   694  N NE2 . GLN A 1 80  ? -11.098 2.456   6.139   1.00 31.57 ? 196  GLN A NE2 1 
ATOM   695  N N   . THR A 1 81  ? -7.398  -0.546  9.015   1.00 24.12 ? 197  THR A N   1 
ATOM   696  C CA  . THR A 1 81  ? -7.087  -1.970  9.081   1.00 23.14 ? 197  THR A CA  1 
ATOM   697  C C   . THR A 1 81  ? -7.685  -2.505  10.380  1.00 21.77 ? 197  THR A C   1 
ATOM   698  O O   . THR A 1 81  ? -7.727  -1.799  11.381  1.00 21.66 ? 197  THR A O   1 
ATOM   699  C CB  . THR A 1 81  ? -5.563  -2.222  9.063   1.00 25.37 ? 197  THR A CB  1 
ATOM   700  O OG1 A THR A 1 81  ? -4.945  -1.501  10.135  0.50 26.94 ? 197  THR A OG1 1 
ATOM   701  O OG1 B THR A 1 81  ? -4.944  -1.495  10.130  0.50 26.94 ? 197  THR A OG1 1 
ATOM   702  C CG2 A THR A 1 81  ? -4.965  -1.772  7.738   0.50 24.28 ? 197  THR A CG2 1 
ATOM   703  C CG2 B THR A 1 81  ? -4.966  -1.781  7.735   0.50 24.28 ? 197  THR A CG2 1 
ATOM   704  N N   . LYS A 1 82  ? -8.146  -3.751  10.361  1.00 21.60 ? 198  LYS A N   1 
ATOM   705  C CA  . LYS A 1 82  ? -8.768  -4.354  11.540  1.00 24.30 ? 198  LYS A CA  1 
ATOM   706  C C   . LYS A 1 82  ? -7.818  -4.692  12.688  1.00 24.72 ? 198  LYS A C   1 
ATOM   707  O O   . LYS A 1 82  ? -6.660  -5.047  12.471  1.00 20.92 ? 198  LYS A O   1 
ATOM   708  C CB  . LYS A 1 82  ? -9.530  -5.617  11.131  1.00 25.13 ? 198  LYS A CB  1 
ATOM   709  C CG  . LYS A 1 82  ? -10.642 -5.367  10.128  1.00 27.40 ? 198  LYS A CG  1 
ATOM   710  C CD  . LYS A 1 82  ? -11.656 -4.384  10.693  1.00 31.30 ? 198  LYS A CD  1 
ATOM   711  C CE  . LYS A 1 82  ? -12.826 -4.182  9.751   1.00 34.86 ? 198  LYS A CE  1 
ATOM   712  N NZ  . LYS A 1 82  ? -13.794 -3.215  10.331  1.00 36.50 ? 198  LYS A NZ  1 
ATOM   713  N N   . PRO A 1 83  ? -8.311  -4.599  13.934  1.00 24.45 ? 199  PRO A N   1 
ATOM   714  C CA  . PRO A 1 83  ? -7.503  -4.901  15.121  1.00 24.72 ? 199  PRO A CA  1 
ATOM   715  C C   . PRO A 1 83  ? -6.803  -6.262  15.035  1.00 24.59 ? 199  PRO A C   1 
ATOM   716  O O   . PRO A 1 83  ? -5.589  -6.353  15.217  1.00 25.50 ? 199  PRO A O   1 
ATOM   717  C CB  . PRO A 1 83  ? -8.525  -4.839  16.252  1.00 27.00 ? 199  PRO A CB  1 
ATOM   718  C CG  . PRO A 1 83  ? -9.449  -3.744  15.786  1.00 26.86 ? 199  PRO A CG  1 
ATOM   719  C CD  . PRO A 1 83  ? -9.643  -4.091  14.318  1.00 26.14 ? 199  PRO A CD  1 
ATOM   720  N N   . ALA A 1 84  ? -7.572  -7.313  14.758  1.00 23.80 ? 200  ALA A N   1 
ATOM   721  C CA  . ALA A 1 84  ? -7.021  -8.664  14.650  1.00 23.85 ? 200  ALA A CA  1 
ATOM   722  C C   . ALA A 1 84  ? -5.984  -8.763  13.532  1.00 23.74 ? 200  ALA A C   1 
ATOM   723  O O   . ALA A 1 84  ? -5.020  -9.521  13.631  1.00 24.60 ? 200  ALA A O   1 
ATOM   724  C CB  . ALA A 1 84  ? -8.141  -9.663  14.404  1.00 25.35 ? 200  ALA A CB  1 
ATOM   725  N N   . THR A 1 85  ? -6.192  -8.005  12.464  1.00 22.99 ? 201  THR A N   1 
ATOM   726  C CA  . THR A 1 85  ? -5.259  -8.008  11.347  1.00 20.99 ? 201  THR A CA  1 
ATOM   727  C C   . THR A 1 85  ? -3.935  -7.399  11.807  1.00 21.00 ? 201  THR A C   1 
ATOM   728  O O   . THR A 1 85  ? -2.866  -7.959  11.559  1.00 19.27 ? 201  THR A O   1 
ATOM   729  C CB  . THR A 1 85  ? -5.826  -7.212  10.157  1.00 21.15 ? 201  THR A CB  1 
ATOM   730  O OG1 . THR A 1 85  ? -6.995  -7.881  9.663   1.00 20.16 ? 201  THR A OG1 1 
ATOM   731  C CG2 . THR A 1 85  ? -4.791  -7.091  9.038   1.00 17.54 ? 201  THR A CG2 1 
ATOM   732  N N   . LYS A 1 86  ? -4.007  -6.258  12.486  1.00 19.46 ? 202  LYS A N   1 
ATOM   733  C CA  . LYS A 1 86  ? -2.796  -5.607  12.980  1.00 20.95 ? 202  LYS A CA  1 
ATOM   734  C C   . LYS A 1 86  ? -2.116  -6.471  14.041  1.00 21.88 ? 202  LYS A C   1 
ATOM   735  O O   . LYS A 1 86  ? -0.888  -6.549  14.098  1.00 20.37 ? 202  LYS A O   1 
ATOM   736  C CB  . LYS A 1 86  ? -3.126  -4.213  13.537  1.00 22.02 ? 202  LYS A CB  1 
ATOM   737  C CG  . LYS A 1 86  ? -3.513  -3.206  12.448  1.00 21.29 ? 202  LYS A CG  1 
ATOM   738  C CD  . LYS A 1 86  ? -3.767  -1.796  12.993  1.00 20.43 ? 202  LYS A CD  1 
ATOM   739  C CE  . LYS A 1 86  ? -5.092  -1.685  13.731  1.00 21.57 ? 202  LYS A CE  1 
ATOM   740  N NZ  . LYS A 1 86  ? -5.407  -0.255  14.060  1.00 22.76 ? 202  LYS A NZ  1 
ATOM   741  N N   . SER A 1 87  ? -2.914  -7.134  14.873  1.00 22.02 ? 203  SER A N   1 
ATOM   742  C CA  . SER A 1 87  ? -2.360  -8.004  15.908  1.00 20.80 ? 203  SER A CA  1 
ATOM   743  C C   . SER A 1 87  ? -1.485  -9.091  15.285  1.00 22.34 ? 203  SER A C   1 
ATOM   744  O O   . SER A 1 87  ? -0.354  -9.320  15.724  1.00 23.40 ? 203  SER A O   1 
ATOM   745  C CB  . SER A 1 87  ? -3.487  -8.658  16.712  1.00 23.92 ? 203  SER A CB  1 
ATOM   746  O OG  A SER A 1 87  ? -4.260  -7.687  17.392  0.50 21.03 ? 203  SER A OG  1 
ATOM   747  O OG  B SER A 1 87  ? -2.968  -9.620  17.612  0.50 23.93 ? 203  SER A OG  1 
ATOM   748  N N   . PHE A 1 88  ? -2.013  -9.755  14.260  1.00 20.29 ? 204  PHE A N   1 
ATOM   749  C CA  . PHE A 1 88  ? -1.289  -10.818 13.573  1.00 21.02 ? 204  PHE A CA  1 
ATOM   750  C C   . PHE A 1 88  ? 0.020   -10.288 12.999  1.00 20.73 ? 204  PHE A C   1 
ATOM   751  O O   . PHE A 1 88  ? 1.066   -10.925 13.129  1.00 17.08 ? 204  PHE A O   1 
ATOM   752  C CB  . PHE A 1 88  ? -2.138  -11.401 12.438  1.00 24.72 ? 204  PHE A CB  1 
ATOM   753  C CG  . PHE A 1 88  ? -1.437  -12.470 11.647  1.00 26.58 ? 204  PHE A CG  1 
ATOM   754  C CD1 . PHE A 1 88  ? -1.276  -13.750 12.169  1.00 28.32 ? 204  PHE A CD1 1 
ATOM   755  C CD2 . PHE A 1 88  ? -0.911  -12.189 10.389  1.00 28.47 ? 204  PHE A CD2 1 
ATOM   756  C CE1 . PHE A 1 88  ? -0.599  -14.737 11.452  1.00 28.36 ? 204  PHE A CE1 1 
ATOM   757  C CE2 . PHE A 1 88  ? -0.232  -13.168 9.662   1.00 29.35 ? 204  PHE A CE2 1 
ATOM   758  C CZ  . PHE A 1 88  ? -0.077  -14.445 10.196  1.00 30.41 ? 204  PHE A CZ  1 
ATOM   759  N N   . ILE A 1 89  ? -0.043  -9.126  12.354  1.00 17.91 ? 205  ILE A N   1 
ATOM   760  C CA  . ILE A 1 89  ? 1.154   -8.529  11.777  1.00 16.85 ? 205  ILE A CA  1 
ATOM   761  C C   . ILE A 1 89  ? 2.190   -8.243  12.870  1.00 19.45 ? 205  ILE A C   1 
ATOM   762  O O   . ILE A 1 89  ? 3.364   -8.554  12.707  1.00 19.19 ? 205  ILE A O   1 
ATOM   763  C CB  . ILE A 1 89  ? 0.809   -7.228  11.014  1.00 16.42 ? 205  ILE A CB  1 
ATOM   764  C CG1 . ILE A 1 89  ? 0.007   -7.577  9.753   1.00 16.18 ? 205  ILE A CG1 1 
ATOM   765  C CG2 . ILE A 1 89  ? 2.079   -6.474  10.660  1.00 17.97 ? 205  ILE A CG2 1 
ATOM   766  C CD1 . ILE A 1 89  ? -0.469  -6.373  8.967   1.00 17.31 ? 205  ILE A CD1 1 
ATOM   767  N N   . LYS A 1 90  ? 1.754   -7.671  13.990  1.00 20.14 ? 206  LYS A N   1 
ATOM   768  C CA  . LYS A 1 90  ? 2.678   -7.375  15.087  1.00 20.17 ? 206  LYS A CA  1 
ATOM   769  C C   . LYS A 1 90  ? 3.362   -8.655  15.560  1.00 19.56 ? 206  LYS A C   1 
ATOM   770  O O   . LYS A 1 90  ? 4.560   -8.661  15.838  1.00 19.24 ? 206  LYS A O   1 
ATOM   771  C CB  . LYS A 1 90  ? 1.936   -6.732  16.262  1.00 21.90 ? 206  LYS A CB  1 
ATOM   772  C CG  . LYS A 1 90  ? 1.420   -5.335  15.972  1.00 25.41 ? 206  LYS A CG  1 
ATOM   773  C CD  . LYS A 1 90  ? 0.649   -4.773  17.154  1.00 24.09 ? 206  LYS A CD  1 
ATOM   774  C CE  . LYS A 1 90  ? 0.160   -3.369  16.855  1.00 26.82 ? 206  LYS A CE  1 
ATOM   775  N NZ  . LYS A 1 90  ? -0.723  -2.841  17.928  1.00 22.65 ? 206  LYS A NZ  1 
ATOM   776  N N   . GLY A 1 91  ? 2.588   -9.732  15.642  1.00 21.22 ? 207  GLY A N   1 
ATOM   777  C CA  . GLY A 1 91  ? 3.122   -11.010 16.076  1.00 19.88 ? 207  GLY A CA  1 
ATOM   778  C C   . GLY A 1 91  ? 4.199   -11.526 15.143  1.00 20.43 ? 207  GLY A C   1 
ATOM   779  O O   . GLY A 1 91  ? 5.214   -12.057 15.588  1.00 17.51 ? 207  GLY A O   1 
ATOM   780  N N   . CYS A 1 92  ? 3.978   -11.380 13.840  1.00 18.31 ? 208  CYS A N   1 
ATOM   781  C CA  . CYS A 1 92  ? 4.955   -11.831 12.853  1.00 18.13 ? 208  CYS A CA  1 
ATOM   782  C C   . CYS A 1 92  ? 6.250   -11.048 13.032  1.00 17.60 ? 208  CYS A C   1 
ATOM   783  O O   . CYS A 1 92  ? 7.340   -11.613 13.004  1.00 18.28 ? 208  CYS A O   1 
ATOM   784  C CB  . CYS A 1 92  ? 4.420   -11.608 11.437  1.00 17.81 ? 208  CYS A CB  1 
ATOM   785  S SG  . CYS A 1 92  ? 3.025   -12.660 10.990  1.00 22.02 ? 208  CYS A SG  1 
ATOM   786  N N   . ILE A 1 93  ? 6.117   -9.740  13.216  1.00 16.31 ? 209  ILE A N   1 
ATOM   787  C CA  . ILE A 1 93  ? 7.274   -8.874  13.397  1.00 15.31 ? 209  ILE A CA  1 
ATOM   788  C C   . ILE A 1 93  ? 8.091   -9.251  14.639  1.00 18.47 ? 209  ILE A C   1 
ATOM   789  O O   . ILE A 1 93  ? 9.304   -9.434  14.559  1.00 17.85 ? 209  ILE A O   1 
ATOM   790  C CB  . ILE A 1 93  ? 6.834   -7.392  13.525  1.00 15.40 ? 209  ILE A CB  1 
ATOM   791  C CG1 . ILE A 1 93  ? 6.137   -6.938  12.235  1.00 19.43 ? 209  ILE A CG1 1 
ATOM   792  C CG2 . ILE A 1 93  ? 8.046   -6.509  13.827  1.00 18.92 ? 209  ILE A CG2 1 
ATOM   793  C CD1 . ILE A 1 93  ? 7.033   -6.934  11.009  1.00 21.46 ? 209  ILE A CD1 1 
ATOM   794  N N   . MET A 1 94  ? 7.418   -9.370  15.781  1.00 18.89 ? 210  MET A N   1 
ATOM   795  C CA  . MET A 1 94  ? 8.090   -9.697  17.042  1.00 20.68 ? 210  MET A CA  1 
ATOM   796  C C   . MET A 1 94  ? 8.710   -11.091 17.091  1.00 21.06 ? 210  MET A C   1 
ATOM   797  O O   . MET A 1 94  ? 9.750   -11.289 17.723  1.00 22.19 ? 210  MET A O   1 
ATOM   798  C CB  . MET A 1 94  ? 7.114   -9.534  18.206  1.00 19.60 ? 210  MET A CB  1 
ATOM   799  C CG  . MET A 1 94  ? 6.446   -8.165  18.260  1.00 23.00 ? 210  MET A CG  1 
ATOM   800  S SD  . MET A 1 94  ? 7.611   -6.805  18.015  1.00 28.16 ? 210  MET A SD  1 
ATOM   801  C CE  . MET A 1 94  ? 6.517   -5.572  17.256  1.00 27.51 ? 210  MET A CE  1 
ATOM   802  N N   . LYS A 1 95  ? 8.063   -12.058 16.447  1.00 18.94 ? 211  LYS A N   1 
ATOM   803  C CA  . LYS A 1 95  ? 8.576   -13.427 16.417  1.00 20.06 ? 211  LYS A CA  1 
ATOM   804  C C   . LYS A 1 95  ? 9.626   -13.573 15.328  1.00 21.79 ? 211  LYS A C   1 
ATOM   805  O O   . LYS A 1 95  ? 10.369  -14.553 15.292  1.00 18.73 ? 211  LYS A O   1 
ATOM   806  C CB  . LYS A 1 95  ? 7.451   -14.421 16.125  1.00 21.14 ? 211  LYS A CB  1 
ATOM   807  C CG  . LYS A 1 95  ? 6.348   -14.481 17.164  1.00 19.27 ? 211  LYS A CG  1 
ATOM   808  C CD  . LYS A 1 95  ? 5.258   -15.432 16.698  1.00 22.75 ? 211  LYS A CD  1 
ATOM   809  C CE  . LYS A 1 95  ? 4.164   -15.598 17.738  1.00 25.97 ? 211  LYS A CE  1 
ATOM   810  N NZ  . LYS A 1 95  ? 3.101   -16.513 17.237  1.00 25.57 ? 211  LYS A NZ  1 
ATOM   811  N N   . GLN A 1 96  ? 9.678   -12.583 14.443  1.00 19.22 ? 212  GLN A N   1 
ATOM   812  C CA  . GLN A 1 96  ? 10.596  -12.592 13.312  1.00 19.90 ? 212  GLN A CA  1 
ATOM   813  C C   . GLN A 1 96  ? 10.254  -13.758 12.393  1.00 19.81 ? 212  GLN A C   1 
ATOM   814  O O   . GLN A 1 96  ? 11.130  -14.417 11.829  1.00 18.82 ? 212  GLN A O   1 
ATOM   815  C CB  . GLN A 1 96  ? 12.056  -12.657 13.778  1.00 22.36 ? 212  GLN A CB  1 
ATOM   816  C CG  . GLN A 1 96  ? 12.444  -11.457 14.632  1.00 25.08 ? 212  GLN A CG  1 
ATOM   817  C CD  . GLN A 1 96  ? 13.942  -11.251 14.733  1.00 25.82 ? 212  GLN A CD  1 
ATOM   818  O OE1 . GLN A 1 96  ? 14.716  -12.194 14.626  1.00 29.02 ? 212  GLN A OE1 1 
ATOM   819  N NE2 . GLN A 1 96  ? 14.354  -10.011 14.960  1.00 25.99 ? 212  GLN A NE2 1 
ATOM   820  N N   . LEU A 1 97  ? 8.956   -14.015 12.275  1.00 16.24 ? 213  LEU A N   1 
ATOM   821  C CA  . LEU A 1 97  ? 8.443   -15.051 11.387  1.00 21.64 ? 213  LEU A CA  1 
ATOM   822  C C   . LEU A 1 97  ? 7.683   -14.227 10.364  1.00 21.30 ? 213  LEU A C   1 
ATOM   823  O O   . LEU A 1 97  ? 6.498   -13.943 10.530  1.00 20.41 ? 213  LEU A O   1 
ATOM   824  C CB  . LEU A 1 97  ? 7.494   -15.995 12.132  1.00 24.65 ? 213  LEU A CB  1 
ATOM   825  C CG  . LEU A 1 97  ? 8.190   -16.916 13.141  1.00 26.41 ? 213  LEU A CG  1 
ATOM   826  C CD1 . LEU A 1 97  ? 7.157   -17.752 13.883  1.00 24.85 ? 213  LEU A CD1 1 
ATOM   827  C CD2 . LEU A 1 97  ? 9.179   -17.817 12.405  1.00 25.78 ? 213  LEU A CD2 1 
ATOM   828  N N   . ILE A 1 98  ? 8.381   -13.819 9.315   1.00 20.36 ? 214  ILE A N   1 
ATOM   829  C CA  . ILE A 1 98  ? 7.762   -12.975 8.310   1.00 23.82 ? 214  ILE A CA  1 
ATOM   830  C C   . ILE A 1 98  ? 7.541   -13.645 6.962   1.00 24.39 ? 214  ILE A C   1 
ATOM   831  O O   . ILE A 1 98  ? 8.373   -13.574 6.057   1.00 23.75 ? 214  ILE A O   1 
ATOM   832  C CB  . ILE A 1 98  ? 8.578   -11.683 8.131   1.00 28.06 ? 214  ILE A CB  1 
ATOM   833  C CG1 . ILE A 1 98  ? 10.025  -12.021 7.780   1.00 26.64 ? 214  ILE A CG1 1 
ATOM   834  C CG2 . ILE A 1 98  ? 8.539   -10.866 9.435   1.00 27.20 ? 214  ILE A CG2 1 
ATOM   835  C CD1 . ILE A 1 98  ? 10.861  -10.808 7.431   1.00 31.95 ? 214  ILE A CD1 1 
ATOM   836  N N   . ASP A 1 99  ? 6.401   -14.308 6.842   1.00 22.06 ? 215  ASP A N   1 
ATOM   837  C CA  . ASP A 1 99  ? 6.052   -14.981 5.607   1.00 21.13 ? 215  ASP A CA  1 
ATOM   838  C C   . ASP A 1 99  ? 5.799   -13.921 4.532   1.00 18.54 ? 215  ASP A C   1 
ATOM   839  O O   . ASP A 1 99  ? 5.304   -12.833 4.824   1.00 17.43 ? 215  ASP A O   1 
ATOM   840  C CB  . ASP A 1 99  ? 4.806   -15.838 5.835   1.00 22.55 ? 215  ASP A CB  1 
ATOM   841  C CG  . ASP A 1 99  ? 4.407   -16.609 4.608   1.00 26.00 ? 215  ASP A CG  1 
ATOM   842  O OD1 . ASP A 1 99  ? 3.719   -16.029 3.740   1.00 24.42 ? 215  ASP A OD1 1 
ATOM   843  O OD2 . ASP A 1 99  ? 4.799   -17.790 4.507   1.00 28.23 ? 215  ASP A OD2 1 
ATOM   844  N N   . PRO A 1 100 ? 6.148   -14.218 3.272   1.00 17.62 ? 216  PRO A N   1 
ATOM   845  C CA  . PRO A 1 100 ? 5.934   -13.242 2.197   1.00 16.40 ? 216  PRO A CA  1 
ATOM   846  C C   . PRO A 1 100 ? 4.519   -12.670 2.126   1.00 17.43 ? 216  PRO A C   1 
ATOM   847  O O   . PRO A 1 100 ? 4.328   -11.514 1.736   1.00 16.95 ? 216  PRO A O   1 
ATOM   848  C CB  . PRO A 1 100 ? 6.309   -14.029 0.944   1.00 17.97 ? 216  PRO A CB  1 
ATOM   849  C CG  . PRO A 1 100 ? 7.416   -14.917 1.445   1.00 20.60 ? 216  PRO A CG  1 
ATOM   850  C CD  . PRO A 1 100 ? 6.854   -15.410 2.770   1.00 17.64 ? 216  PRO A CD  1 
ATOM   851  N N   . ALA A 1 101 ? 3.534   -13.472 2.513   1.00 17.39 ? 217  ALA A N   1 
ATOM   852  C CA  . ALA A 1 101 ? 2.135   -13.054 2.474   1.00 19.67 ? 217  ALA A CA  1 
ATOM   853  C C   . ALA A 1 101 ? 1.602   -12.463 3.787   1.00 18.64 ? 217  ALA A C   1 
ATOM   854  O O   . ALA A 1 101 ? 0.400   -12.259 3.925   1.00 18.54 ? 217  ALA A O   1 
ATOM   855  C CB  . ALA A 1 101 ? 1.269   -14.242 2.064   1.00 21.19 ? 217  ALA A CB  1 
ATOM   856  N N   . MET A 1 102 ? 2.485   -12.162 4.732   1.00 17.41 ? 218  MET A N   1 
ATOM   857  C CA  . MET A 1 102 ? 2.045   -11.644 6.029   1.00 19.32 ? 218  MET A CA  1 
ATOM   858  C C   . MET A 1 102 ? 1.236   -10.346 6.027   1.00 18.91 ? 218  MET A C   1 
ATOM   859  O O   . MET A 1 102 ? 0.507   -10.072 6.984   1.00 17.63 ? 218  MET A O   1 
ATOM   860  C CB  . MET A 1 102 ? 3.244   -11.479 6.969   1.00 18.51 ? 218  MET A CB  1 
ATOM   861  C CG  . MET A 1 102 ? 4.202   -10.368 6.583   1.00 16.73 ? 218  MET A CG  1 
ATOM   862  S SD  . MET A 1 102 ? 5.381   -10.074 7.905   1.00 17.09 ? 218  MET A SD  1 
ATOM   863  C CE  . MET A 1 102 ? 4.357   -9.124  9.040   1.00 19.55 ? 218  MET A CE  1 
ATOM   864  N N   . PHE A 1 103 ? 1.366   -9.544  4.973   1.00 17.08 ? 219  PHE A N   1 
ATOM   865  C CA  . PHE A 1 103 ? 0.629   -8.281  4.887   1.00 14.70 ? 219  PHE A CA  1 
ATOM   866  C C   . PHE A 1 103 ? -0.575  -8.396  3.954   1.00 14.95 ? 219  PHE A C   1 
ATOM   867  O O   . PHE A 1 103 ? -1.281  -7.417  3.734   1.00 15.08 ? 219  PHE A O   1 
ATOM   868  C CB  . PHE A 1 103 ? 1.538   -7.161  4.359   1.00 13.95 ? 219  PHE A CB  1 
ATOM   869  C CG  . PHE A 1 103 ? 2.611   -6.732  5.321   1.00 14.50 ? 219  PHE A CG  1 
ATOM   870  C CD1 . PHE A 1 103 ? 2.305   -5.943  6.423   1.00 14.70 ? 219  PHE A CD1 1 
ATOM   871  C CD2 . PHE A 1 103 ? 3.937   -7.096  5.106   1.00 12.83 ? 219  PHE A CD2 1 
ATOM   872  C CE1 . PHE A 1 103 ? 3.306   -5.525  7.301   1.00 14.85 ? 219  PHE A CE1 1 
ATOM   873  C CE2 . PHE A 1 103 ? 4.946   -6.685  5.976   1.00 13.92 ? 219  PHE A CE2 1 
ATOM   874  C CZ  . PHE A 1 103 ? 4.631   -5.896  7.073   1.00 13.97 ? 219  PHE A CZ  1 
ATOM   875  N N   . ASP A 1 104 ? -0.799  -9.588  3.408   1.00 16.34 ? 220  ASP A N   1 
ATOM   876  C CA  . ASP A 1 104 ? -1.897  -9.823  2.471   1.00 15.62 ? 220  ASP A CA  1 
ATOM   877  C C   . ASP A 1 104 ? -3.276  -9.377  2.947   1.00 17.33 ? 220  ASP A C   1 
ATOM   878  O O   . ASP A 1 104 ? -4.006  -8.724  2.203   1.00 17.89 ? 220  ASP A O   1 
ATOM   879  C CB  . ASP A 1 104 ? -1.945  -11.306 2.081   1.00 19.61 ? 220  ASP A CB  1 
ATOM   880  C CG  . ASP A 1 104 ? -0.922  -11.664 1.013   1.00 25.16 ? 220  ASP A CG  1 
ATOM   881  O OD1 . ASP A 1 104 ? 0.022   -10.875 0.801   1.00 23.17 ? 220  ASP A OD1 1 
ATOM   882  O OD2 . ASP A 1 104 ? -1.058  -12.739 0.393   1.00 28.59 ? 220  ASP A OD2 1 
ATOM   883  N N   . GLN A 1 105 ? -3.644  -9.736  4.175   1.00 16.69 ? 221  GLN A N   1 
ATOM   884  C CA  . GLN A 1 105 ? -4.950  -9.355  4.708   1.00 16.59 ? 221  GLN A CA  1 
ATOM   885  C C   . GLN A 1 105 ? -5.057  -7.835  4.850   1.00 15.88 ? 221  GLN A C   1 
ATOM   886  O O   . GLN A 1 105 ? -6.054  -7.233  4.448   1.00 16.46 ? 221  GLN A O   1 
ATOM   887  C CB  . GLN A 1 105 ? -5.184  -10.039 6.060   1.00 19.73 ? 221  GLN A CB  1 
ATOM   888  C CG  . GLN A 1 105 ? -6.539  -9.746  6.707   1.00 26.15 ? 221  GLN A CG  1 
ATOM   889  C CD  . GLN A 1 105 ? -7.724  -10.014 5.787   1.00 28.46 ? 221  GLN A CD  1 
ATOM   890  O OE1 . GLN A 1 105 ? -7.785  -11.043 5.115   1.00 29.38 ? 221  GLN A OE1 1 
ATOM   891  N NE2 . GLN A 1 105 ? -8.679  -9.088  5.766   1.00 29.13 ? 221  GLN A NE2 1 
ATOM   892  N N   . ALA A 1 106 ? -4.030  -7.211  5.418   1.00 14.30 ? 222  ALA A N   1 
ATOM   893  C CA  . ALA A 1 106 ? -4.026  -5.761  5.577   1.00 17.87 ? 222  ALA A CA  1 
ATOM   894  C C   . ALA A 1 106 ? -4.157  -5.101  4.204   1.00 16.20 ? 222  ALA A C   1 
ATOM   895  O O   . ALA A 1 106 ? -4.893  -4.132  4.040   1.00 16.49 ? 222  ALA A O   1 
ATOM   896  C CB  . ALA A 1 106 ? -2.728  -5.310  6.247   1.00 16.44 ? 222  ALA A CB  1 
ATOM   897  N N   . GLN A 1 107 ? -3.430  -5.627  3.221   1.00 15.75 ? 223  GLN A N   1 
ATOM   898  C CA  . GLN A 1 107 ? -3.470  -5.074  1.872   1.00 15.68 ? 223  GLN A CA  1 
ATOM   899  C C   . GLN A 1 107 ? -4.871  -5.163  1.280   1.00 16.95 ? 223  GLN A C   1 
ATOM   900  O O   . GLN A 1 107 ? -5.316  -4.256  0.583   1.00 15.61 ? 223  GLN A O   1 
ATOM   901  C CB  . GLN A 1 107 ? -2.483  -5.806  0.956   1.00 16.21 ? 223  GLN A CB  1 
ATOM   902  C CG  . GLN A 1 107 ? -2.542  -5.352  -0.507  1.00 15.39 ? 223  GLN A CG  1 
ATOM   903  C CD  . GLN A 1 107 ? -1.526  -6.061  -1.388  1.00 19.49 ? 223  GLN A CD  1 
ATOM   904  O OE1 . GLN A 1 107 ? -1.347  -7.275  -1.291  1.00 19.81 ? 223  GLN A OE1 1 
ATOM   905  N NE2 . GLN A 1 107 ? -0.866  -5.306  -2.263  1.00 17.26 ? 223  GLN A NE2 1 
ATOM   906  N N   . THR A 1 108 ? -5.557  -6.269  1.555   1.00 19.44 ? 224  THR A N   1 
ATOM   907  C CA  . THR A 1 108 ? -6.911  -6.482  1.048   1.00 19.16 ? 224  THR A CA  1 
ATOM   908  C C   . THR A 1 108 ? -7.879  -5.482  1.663   1.00 18.97 ? 224  THR A C   1 
ATOM   909  O O   . THR A 1 108 ? -8.770  -4.969  0.991   1.00 19.07 ? 224  THR A O   1 
ATOM   910  C CB  . THR A 1 108 ? -7.397  -7.909  1.371   1.00 23.37 ? 224  THR A CB  1 
ATOM   911  O OG1 . THR A 1 108 ? -6.585  -8.856  0.666   1.00 23.05 ? 224  THR A OG1 1 
ATOM   912  C CG2 . THR A 1 108 ? -8.854  -8.089  0.963   1.00 25.35 ? 224  THR A CG2 1 
ATOM   913  N N   . GLU A 1 109 ? -7.695  -5.211  2.948   1.00 18.61 ? 225  GLU A N   1 
ATOM   914  C CA  . GLU A 1 109 ? -8.546  -4.270  3.659   1.00 19.91 ? 225  GLU A CA  1 
ATOM   915  C C   . GLU A 1 109 ? -8.323  -2.857  3.136   1.00 19.18 ? 225  GLU A C   1 
ATOM   916  O O   . GLU A 1 109 ? -9.266  -2.084  2.989   1.00 19.06 ? 225  GLU A O   1 
ATOM   917  C CB  . GLU A 1 109 ? -8.247  -4.342  5.159   1.00 23.85 ? 225  GLU A CB  1 
ATOM   918  C CG  . GLU A 1 109 ? -8.851  -5.573  5.831   1.00 23.29 ? 225  GLU A CG  1 
ATOM   919  C CD  . GLU A 1 109 ? -8.255  -5.872  7.193   1.00 26.10 ? 225  GLU A CD  1 
ATOM   920  O OE1 . GLU A 1 109 ? -7.636  -4.968  7.793   1.00 23.17 ? 225  GLU A OE1 1 
ATOM   921  O OE2 . GLU A 1 109 ? -8.419  -7.020  7.670   1.00 25.73 ? 225  GLU A OE2 1 
ATOM   922  N N   . ILE A 1 110 ? -7.070  -2.518  2.861   1.00 16.49 ? 226  ILE A N   1 
ATOM   923  C CA  . ILE A 1 110 ? -6.758  -1.190  2.342   1.00 15.67 ? 226  ILE A CA  1 
ATOM   924  C C   . ILE A 1 110 ? -7.248  -1.080  0.903   1.00 16.04 ? 226  ILE A C   1 
ATOM   925  O O   . ILE A 1 110 ? -7.682  -0.014  0.464   1.00 11.92 ? 226  ILE A O   1 
ATOM   926  C CB  . ILE A 1 110 ? -5.237  -0.912  2.411   1.00 15.12 ? 226  ILE A CB  1 
ATOM   927  C CG1 . ILE A 1 110 ? -4.814  -0.767  3.875   1.00 13.65 ? 226  ILE A CG1 1 
ATOM   928  C CG2 . ILE A 1 110 ? -4.880  0.337   1.608   1.00 16.63 ? 226  ILE A CG2 1 
ATOM   929  C CD1 . ILE A 1 110 ? -5.600  0.272   4.656   1.00 16.91 ? 226  ILE A CD1 1 
ATOM   930  N N   . GLN A 1 111 ? -7.191  -2.190  0.173   1.00 16.98 ? 227  GLN A N   1 
ATOM   931  C CA  . GLN A 1 111 ? -7.650  -2.197  -1.208  1.00 19.24 ? 227  GLN A CA  1 
ATOM   932  C C   . GLN A 1 111 ? -9.154  -1.937  -1.221  1.00 20.41 ? 227  GLN A C   1 
ATOM   933  O O   . GLN A 1 111 ? -9.662  -1.195  -2.065  1.00 19.25 ? 227  GLN A O   1 
ATOM   934  C CB  . GLN A 1 111 ? -7.342  -3.543  -1.865  1.00 21.51 ? 227  GLN A CB  1 
ATOM   935  C CG  . GLN A 1 111 ? -7.671  -3.594  -3.345  1.00 24.77 ? 227  GLN A CG  1 
ATOM   936  C CD  . GLN A 1 111 ? -7.196  -4.877  -3.994  1.00 27.67 ? 227  GLN A CD  1 
ATOM   937  O OE1 . GLN A 1 111 ? -6.000  -5.165  -4.025  1.00 28.97 ? 227  GLN A OE1 1 
ATOM   938  N NE2 . GLN A 1 111 ? -8.133  -5.661  -4.510  1.00 30.53 ? 227  GLN A NE2 1 
ATOM   939  N N   . ALA A 1 112 ? -9.865  -2.547  -0.276  1.00 20.46 ? 228  ALA A N   1 
ATOM   940  C CA  . ALA A 1 112 ? -11.306 -2.356  -0.180  1.00 22.35 ? 228  ALA A CA  1 
ATOM   941  C C   . ALA A 1 112 ? -11.596 -0.901  0.183   1.00 25.03 ? 228  ALA A C   1 
ATOM   942  O O   . ALA A 1 112 ? -12.517 -0.288  -0.356  1.00 23.79 ? 228  ALA A O   1 
ATOM   943  C CB  . ALA A 1 112 ? -11.893 -3.285  0.876   1.00 23.90 ? 228  ALA A CB  1 
ATOM   944  N N   . THR A 1 113 ? -10.801 -0.348  1.096   1.00 23.91 ? 229  THR A N   1 
ATOM   945  C CA  . THR A 1 113 ? -10.988 1.036   1.516   1.00 22.51 ? 229  THR A CA  1 
ATOM   946  C C   . THR A 1 113 ? -10.927 1.978   0.315   1.00 23.03 ? 229  THR A C   1 
ATOM   947  O O   . THR A 1 113 ? -11.760 2.875   0.177   1.00 21.39 ? 229  THR A O   1 
ATOM   948  C CB  . THR A 1 113 ? -9.916  1.462   2.547   1.00 22.47 ? 229  THR A CB  1 
ATOM   949  O OG1 . THR A 1 113 ? -10.023 0.637   3.714   1.00 25.86 ? 229  THR A OG1 1 
ATOM   950  C CG2 . THR A 1 113 ? -10.108 2.922   2.948   1.00 25.04 ? 229  THR A CG2 1 
ATOM   951  N N   . MET A 1 114 ? -9.941  1.771   -0.556  1.00 20.26 ? 230  MET A N   1 
ATOM   952  C CA  . MET A 1 114 ? -9.811  2.616   -1.734  1.00 21.23 ? 230  MET A CA  1 
ATOM   953  C C   . MET A 1 114 ? -11.001 2.407   -2.665  1.00 21.87 ? 230  MET A C   1 
ATOM   954  O O   . MET A 1 114 ? -11.600 3.370   -3.130  1.00 21.70 ? 230  MET A O   1 
ATOM   955  C CB  . MET A 1 114 ? -8.499  2.326   -2.478  1.00 17.04 ? 230  MET A CB  1 
ATOM   956  C CG  . MET A 1 114 ? -7.253  2.771   -1.714  1.00 18.60 ? 230  MET A CG  1 
ATOM   957  S SD  . MET A 1 114 ? -5.731  2.747   -2.705  1.00 20.58 ? 230  MET A SD  1 
ATOM   958  C CE  . MET A 1 114 ? -5.325  1.018   -2.664  1.00 19.82 ? 230  MET A CE  1 
ATOM   959  N N   . GLU A 1 115 ? -11.348 1.152   -2.927  1.00 24.48 ? 231  GLU A N   1 
ATOM   960  C CA  . GLU A 1 115 ? -12.475 0.861   -3.807  1.00 29.75 ? 231  GLU A CA  1 
ATOM   961  C C   . GLU A 1 115 ? -13.782 1.461   -3.288  1.00 29.92 ? 231  GLU A C   1 
ATOM   962  O O   . GLU A 1 115 ? -14.643 1.862   -4.073  1.00 28.98 ? 231  GLU A O   1 
ATOM   963  C CB  . GLU A 1 115 ? -12.652 -0.651  -3.968  1.00 30.80 ? 231  GLU A CB  1 
ATOM   964  C CG  . GLU A 1 115 ? -11.476 -1.355  -4.616  1.00 34.45 ? 231  GLU A CG  1 
ATOM   965  C CD  . GLU A 1 115 ? -11.761 -2.816  -4.900  1.00 36.61 ? 231  GLU A CD  1 
ATOM   966  O OE1 . GLU A 1 115 ? -12.086 -3.557  -3.950  1.00 38.42 ? 231  GLU A OE1 1 
ATOM   967  O OE2 . GLU A 1 115 ? -11.663 -3.224  -6.075  1.00 37.34 ? 231  GLU A OE2 1 
ATOM   968  N N   . GLU A 1 116 ? -13.914 1.538   -1.968  1.00 29.50 ? 232  GLU A N   1 
ATOM   969  C CA  . GLU A 1 116 ? -15.125 2.058   -1.342  1.00 33.51 ? 232  GLU A CA  1 
ATOM   970  C C   . GLU A 1 116 ? -15.275 3.577   -1.318  1.00 31.79 ? 232  GLU A C   1 
ATOM   971  O O   . GLU A 1 116 ? -16.387 4.083   -1.406  1.00 29.95 ? 232  GLU A O   1 
ATOM   972  C CB  . GLU A 1 116 ? -15.226 1.560   0.105   1.00 39.93 ? 232  GLU A CB  1 
ATOM   973  C CG  . GLU A 1 116 ? -15.234 0.046   0.280   1.00 48.18 ? 232  GLU A CG  1 
ATOM   974  C CD  . GLU A 1 116 ? -16.425 -0.622  -0.386  1.00 53.37 ? 232  GLU A CD  1 
ATOM   975  O OE1 . GLU A 1 116 ? -17.298 0.097   -0.927  1.00 56.30 ? 232  GLU A OE1 1 
ATOM   976  O OE2 . GLU A 1 116 ? -16.491 -1.870  -0.367  1.00 55.76 ? 232  GLU A OE2 1 
ATOM   977  N N   . ASN A 1 117 ? -14.166 4.308   -1.198  1.00 28.04 ? 233  ASN A N   1 
ATOM   978  C CA  . ASN A 1 117 ? -14.279 5.761   -1.119  1.00 28.20 ? 233  ASN A CA  1 
ATOM   979  C C   . ASN A 1 117 ? -13.423 6.585   -2.075  1.00 25.73 ? 233  ASN A C   1 
ATOM   980  O O   . ASN A 1 117 ? -13.957 7.260   -2.953  1.00 23.69 ? 233  ASN A O   1 
ATOM   981  C CB  . ASN A 1 117 ? -14.001 6.221   0.316   1.00 34.24 ? 233  ASN A CB  1 
ATOM   982  C CG  . ASN A 1 117 ? -14.220 7.713   0.509   1.00 40.64 ? 233  ASN A CG  1 
ATOM   983  O OD1 . ASN A 1 117 ? -13.874 8.267   1.549   1.00 45.28 ? 233  ASN A OD1 1 
ATOM   984  N ND2 . ASN A 1 117 ? -14.801 8.369   -0.490  1.00 42.42 ? 233  ASN A ND2 1 
ATOM   985  N N   . THR A 1 118 ? -12.102 6.535   -1.904  1.00 22.99 ? 234  THR A N   1 
ATOM   986  C CA  . THR A 1 118 ? -11.202 7.332   -2.735  1.00 21.51 ? 234  THR A CA  1 
ATOM   987  C C   . THR A 1 118 ? -11.174 7.007   -4.223  1.00 20.04 ? 234  THR A C   1 
ATOM   988  O O   . THR A 1 118 ? -11.084 7.919   -5.047  1.00 16.77 ? 234  THR A O   1 
ATOM   989  C CB  . THR A 1 118 ? -9.755  7.296   -2.186  1.00 20.22 ? 234  THR A CB  1 
ATOM   990  O OG1 . THR A 1 118 ? -9.343  5.943   -1.993  1.00 23.24 ? 234  THR A OG1 1 
ATOM   991  C CG2 . THR A 1 118 ? -9.670  8.044   -0.857  1.00 24.48 ? 234  THR A CG2 1 
ATOM   992  N N   . TYR A 1 119 ? -11.234 5.729   -4.578  1.00 15.97 ? 235  TYR A N   1 
ATOM   993  C CA  . TYR A 1 119 ? -11.217 5.358   -5.992  1.00 16.81 ? 235  TYR A CA  1 
ATOM   994  C C   . TYR A 1 119 ? -12.425 5.980   -6.708  1.00 18.07 ? 235  TYR A C   1 
ATOM   995  O O   . TYR A 1 119 ? -12.269 6.653   -7.725  1.00 17.04 ? 235  TYR A O   1 
ATOM   996  C CB  . TYR A 1 119 ? -11.196 3.831   -6.129  1.00 18.40 ? 235  TYR A CB  1 
ATOM   997  C CG  . TYR A 1 119 ? -11.346 3.300   -7.540  1.00 20.36 ? 235  TYR A CG  1 
ATOM   998  C CD1 . TYR A 1 119 ? -10.610 3.835   -8.602  1.00 19.76 ? 235  TYR A CD1 1 
ATOM   999  C CD2 . TYR A 1 119 ? -12.200 2.228   -7.803  1.00 18.88 ? 235  TYR A CD2 1 
ATOM   1000 C CE1 . TYR A 1 119 ? -10.725 3.308   -9.898  1.00 20.24 ? 235  TYR A CE1 1 
ATOM   1001 C CE2 . TYR A 1 119 ? -12.320 1.696   -9.084  1.00 21.27 ? 235  TYR A CE2 1 
ATOM   1002 C CZ  . TYR A 1 119 ? -11.585 2.238   -10.126 1.00 20.56 ? 235  TYR A CZ  1 
ATOM   1003 O OH  . TYR A 1 119 ? -11.720 1.703   -11.387 1.00 17.69 ? 235  TYR A OH  1 
ATOM   1004 N N   . PRO A 1 120 ? -13.646 5.769   -6.181  1.00 21.20 ? 236  PRO A N   1 
ATOM   1005 C CA  . PRO A 1 120 ? -14.836 6.347   -6.816  1.00 22.08 ? 236  PRO A CA  1 
ATOM   1006 C C   . PRO A 1 120 ? -14.758 7.875   -6.856  1.00 22.96 ? 236  PRO A C   1 
ATOM   1007 O O   . PRO A 1 120 ? -15.123 8.496   -7.857  1.00 19.00 ? 236  PRO A O   1 
ATOM   1008 C CB  . PRO A 1 120 ? -15.975 5.854   -5.925  1.00 23.92 ? 236  PRO A CB  1 
ATOM   1009 C CG  . PRO A 1 120 ? -15.476 4.520   -5.473  1.00 27.50 ? 236  PRO A CG  1 
ATOM   1010 C CD  . PRO A 1 120 ? -14.030 4.809   -5.131  1.00 23.34 ? 236  PRO A CD  1 
ATOM   1011 N N   . SER A 1 121 ? -14.284 8.479   -5.766  1.00 18.23 ? 237  SER A N   1 
ATOM   1012 C CA  . SER A 1 121 ? -14.162 9.929   -5.709  1.00 19.49 ? 237  SER A CA  1 
ATOM   1013 C C   . SER A 1 121 ? -13.159 10.420  -6.750  1.00 19.53 ? 237  SER A C   1 
ATOM   1014 O O   . SER A 1 121 ? -13.339 11.485  -7.340  1.00 20.48 ? 237  SER A O   1 
ATOM   1015 C CB  . SER A 1 121 ? -13.730 10.382  -4.309  1.00 24.22 ? 237  SER A CB  1 
ATOM   1016 O OG  . SER A 1 121 ? -14.718 10.057  -3.345  1.00 26.49 ? 237  SER A OG  1 
ATOM   1017 N N   . PHE A 1 122 ? -12.102 9.644   -6.972  1.00 17.15 ? 238  PHE A N   1 
ATOM   1018 C CA  . PHE A 1 122 ? -11.094 10.009  -7.968  1.00 15.67 ? 238  PHE A CA  1 
ATOM   1019 C C   . PHE A 1 122 ? -11.711 10.059  -9.364  1.00 19.44 ? 238  PHE A C   1 
ATOM   1020 O O   . PHE A 1 122 ? -11.454 10.985  -10.135 1.00 20.07 ? 238  PHE A O   1 
ATOM   1021 C CB  . PHE A 1 122 ? -9.948  8.994   -7.966  1.00 17.79 ? 238  PHE A CB  1 
ATOM   1022 C CG  . PHE A 1 122 ? -8.997  9.150   -9.123  1.00 16.42 ? 238  PHE A CG  1 
ATOM   1023 C CD1 . PHE A 1 122 ? -8.193  10.277  -9.232  1.00 14.82 ? 238  PHE A CD1 1 
ATOM   1024 C CD2 . PHE A 1 122 ? -8.920  8.171   -10.111 1.00 17.21 ? 238  PHE A CD2 1 
ATOM   1025 C CE1 . PHE A 1 122 ? -7.318  10.433  -10.311 1.00 16.57 ? 238  PHE A CE1 1 
ATOM   1026 C CE2 . PHE A 1 122 ? -8.049  8.314   -11.198 1.00 20.41 ? 238  PHE A CE2 1 
ATOM   1027 C CZ  . PHE A 1 122 ? -7.247  9.450   -11.295 1.00 19.00 ? 238  PHE A CZ  1 
ATOM   1028 N N   . LEU A 1 123 ? -12.527 9.059   -9.684  1.00 19.36 ? 239  LEU A N   1 
ATOM   1029 C CA  . LEU A 1 123 ? -13.163 8.985   -10.996 1.00 20.24 ? 239  LEU A CA  1 
ATOM   1030 C C   . LEU A 1 123 ? -14.173 10.108  -11.244 1.00 22.65 ? 239  LEU A C   1 
ATOM   1031 O O   . LEU A 1 123 ? -14.614 10.318  -12.375 1.00 21.32 ? 239  LEU A O   1 
ATOM   1032 C CB  . LEU A 1 123 ? -13.838 7.622   -11.176 1.00 18.41 ? 239  LEU A CB  1 
ATOM   1033 C CG  . LEU A 1 123 ? -12.885 6.419   -11.165 1.00 20.08 ? 239  LEU A CG  1 
ATOM   1034 C CD1 . LEU A 1 123 ? -13.681 5.139   -11.311 1.00 18.29 ? 239  LEU A CD1 1 
ATOM   1035 C CD2 . LEU A 1 123 ? -11.859 6.552   -12.298 1.00 15.44 ? 239  LEU A CD2 1 
ATOM   1036 N N   . LYS A 1 124 ? -14.537 10.825  -10.186 1.00 23.70 ? 240  LYS A N   1 
ATOM   1037 C CA  . LYS A 1 124 ? -15.481 11.932  -10.303 1.00 26.92 ? 240  LYS A CA  1 
ATOM   1038 C C   . LYS A 1 124 ? -14.786 13.251  -9.962  1.00 26.51 ? 240  LYS A C   1 
ATOM   1039 O O   . LYS A 1 124 ? -15.433 14.295  -9.850  1.00 27.73 ? 240  LYS A O   1 
ATOM   1040 C CB  . LYS A 1 124 ? -16.672 11.707  -9.364  1.00 26.52 ? 240  LYS A CB  1 
ATOM   1041 C CG  . LYS A 1 124 ? -17.515 10.490  -9.735  1.00 28.79 ? 240  LYS A CG  1 
ATOM   1042 C CD  . LYS A 1 124 ? -18.669 10.252  -8.763  1.00 28.01 ? 240  LYS A CD  1 
ATOM   1043 C CE  . LYS A 1 124 ? -18.189 9.679   -7.436  1.00 30.07 ? 240  LYS A CE  1 
ATOM   1044 N NZ  . LYS A 1 124 ? -19.342 9.266   -6.580  1.00 31.57 ? 240  LYS A NZ  1 
ATOM   1045 N N   . SER A 1 125 ? -13.464 13.196  -9.818  1.00 25.25 ? 241  SER A N   1 
ATOM   1046 C CA  . SER A 1 125 ? -12.667 14.367  -9.461  1.00 24.92 ? 241  SER A CA  1 
ATOM   1047 C C   . SER A 1 125 ? -12.306 15.257  -10.642 1.00 28.93 ? 241  SER A C   1 
ATOM   1048 O O   . SER A 1 125 ? -12.363 14.839  -11.797 1.00 28.36 ? 241  SER A O   1 
ATOM   1049 C CB  . SER A 1 125 ? -11.370 13.929  -8.777  1.00 25.87 ? 241  SER A CB  1 
ATOM   1050 O OG  . SER A 1 125 ? -10.494 13.307  -9.706  1.00 21.33 ? 241  SER A OG  1 
ATOM   1051 N N   . ASP A 1 126 ? -11.919 16.490  -10.333 1.00 30.39 ? 242  ASP A N   1 
ATOM   1052 C CA  . ASP A 1 126 ? -11.522 17.440  -11.358 1.00 31.52 ? 242  ASP A CA  1 
ATOM   1053 C C   . ASP A 1 126 ? -10.239 16.959  -12.023 1.00 29.69 ? 242  ASP A C   1 
ATOM   1054 O O   . ASP A 1 126 ? -10.084 17.072  -13.234 1.00 29.27 ? 242  ASP A O   1 
ATOM   1055 C CB  . ASP A 1 126 ? -11.293 18.825  -10.743 1.00 33.87 ? 242  ASP A CB  1 
ATOM   1056 C CG  . ASP A 1 126 ? -12.559 19.417  -10.157 1.00 37.88 ? 242  ASP A CG  1 
ATOM   1057 O OD1 . ASP A 1 126 ? -13.560 19.517  -10.896 1.00 38.91 ? 242  ASP A OD1 1 
ATOM   1058 O OD2 . ASP A 1 126 ? -12.555 19.782  -8.961  1.00 38.57 ? 242  ASP A OD2 1 
ATOM   1059 N N   . ILE A 1 127 ? -9.323  16.419  -11.221 1.00 30.82 ? 243  ILE A N   1 
ATOM   1060 C CA  . ILE A 1 127 ? -8.050  15.928  -11.737 1.00 30.37 ? 243  ILE A CA  1 
ATOM   1061 C C   . ILE A 1 127 ? -8.278  14.904  -12.842 1.00 29.64 ? 243  ILE A C   1 
ATOM   1062 O O   . ILE A 1 127 ? -7.696  15.006  -13.921 1.00 28.14 ? 243  ILE A O   1 
ATOM   1063 C CB  . ILE A 1 127 ? -7.191  15.284  -10.618 1.00 32.84 ? 243  ILE A CB  1 
ATOM   1064 C CG1 . ILE A 1 127 ? -6.813  16.347  -9.580  1.00 35.38 ? 243  ILE A CG1 1 
ATOM   1065 C CG2 . ILE A 1 127 ? -5.927  14.667  -11.213 1.00 33.85 ? 243  ILE A CG2 1 
ATOM   1066 C CD1 . ILE A 1 127 ? -5.893  15.844  -8.479  1.00 34.39 ? 243  ILE A CD1 1 
ATOM   1067 N N   . TYR A 1 128 ? -9.123  13.915  -12.567 1.00 25.27 ? 244  TYR A N   1 
ATOM   1068 C CA  . TYR A 1 128 ? -9.425  12.888  -13.555 1.00 26.68 ? 244  TYR A CA  1 
ATOM   1069 C C   . TYR A 1 128 ? -10.176 13.514  -14.725 1.00 28.61 ? 244  TYR A C   1 
ATOM   1070 O O   . TYR A 1 128 ? -9.776  13.368  -15.878 1.00 26.77 ? 244  TYR A O   1 
ATOM   1071 C CB  . TYR A 1 128 ? -10.278 11.783  -12.929 1.00 23.73 ? 244  TYR A CB  1 
ATOM   1072 C CG  . TYR A 1 128 ? -10.660 10.681  -13.889 1.00 24.45 ? 244  TYR A CG  1 
ATOM   1073 C CD1 . TYR A 1 128 ? -9.692  9.855   -14.456 1.00 23.31 ? 244  TYR A CD1 1 
ATOM   1074 C CD2 . TYR A 1 128 ? -11.995 10.453  -14.218 1.00 25.16 ? 244  TYR A CD2 1 
ATOM   1075 C CE1 . TYR A 1 128 ? -10.044 8.827   -15.327 1.00 24.49 ? 244  TYR A CE1 1 
ATOM   1076 C CE2 . TYR A 1 128 ? -12.357 9.427   -15.086 1.00 23.86 ? 244  TYR A CE2 1 
ATOM   1077 C CZ  . TYR A 1 128 ? -11.379 8.619   -15.634 1.00 25.38 ? 244  TYR A CZ  1 
ATOM   1078 O OH  . TYR A 1 128 ? -11.735 7.595   -16.473 1.00 24.89 ? 244  TYR A OH  1 
ATOM   1079 N N   . LEU A 1 129 ? -11.264 14.213  -14.418 1.00 31.17 ? 245  LEU A N   1 
ATOM   1080 C CA  . LEU A 1 129 ? -12.068 14.858  -15.450 1.00 34.47 ? 245  LEU A CA  1 
ATOM   1081 C C   . LEU A 1 129 ? -11.237 15.731  -16.384 1.00 35.08 ? 245  LEU A C   1 
ATOM   1082 O O   . LEU A 1 129 ? -11.444 15.719  -17.596 1.00 36.47 ? 245  LEU A O   1 
ATOM   1083 C CB  . LEU A 1 129 ? -13.191 15.677  -14.805 1.00 36.40 ? 245  LEU A CB  1 
ATOM   1084 C CG  . LEU A 1 129 ? -14.516 14.927  -14.611 1.00 40.65 ? 245  LEU A CG  1 
ATOM   1085 C CD1 . LEU A 1 129 ? -14.264 13.544  -14.032 1.00 42.22 ? 245  LEU A CD1 1 
ATOM   1086 C CD2 . LEU A 1 129 ? -15.435 15.732  -13.703 1.00 41.82 ? 245  LEU A CD2 1 
ATOM   1087 N N   . GLU A 1 130 ? -10.291 16.482  -15.827 1.00 36.21 ? 246  GLU A N   1 
ATOM   1088 C CA  . GLU A 1 130 ? -9.437  17.340  -16.642 1.00 40.61 ? 246  GLU A CA  1 
ATOM   1089 C C   . GLU A 1 130 ? -8.515  16.496  -17.518 1.00 38.66 ? 246  GLU A C   1 
ATOM   1090 O O   . GLU A 1 130 ? -8.351  16.775  -18.705 1.00 39.88 ? 246  GLU A O   1 
ATOM   1091 C CB  . GLU A 1 130 ? -8.600  18.264  -15.751 1.00 44.21 ? 246  GLU A CB  1 
ATOM   1092 C CG  . GLU A 1 130 ? -7.462  18.986  -16.474 1.00 51.40 ? 246  GLU A CG  1 
ATOM   1093 C CD  . GLU A 1 130 ? -7.938  19.935  -17.563 1.00 55.53 ? 246  GLU A CD  1 
ATOM   1094 O OE1 . GLU A 1 130 ? -8.616  19.477  -18.508 1.00 57.47 ? 246  GLU A OE1 1 
ATOM   1095 O OE2 . GLU A 1 130 ? -7.630  21.144  -17.475 1.00 58.49 ? 246  GLU A OE2 1 
ATOM   1096 N N   . TYR A 1 131 ? -7.923  15.461  -16.931 1.00 34.38 ? 247  TYR A N   1 
ATOM   1097 C CA  . TYR A 1 131 ? -7.016  14.588  -17.667 1.00 32.98 ? 247  TYR A CA  1 
ATOM   1098 C C   . TYR A 1 131 ? -7.681  13.967  -18.888 1.00 34.09 ? 247  TYR A C   1 
ATOM   1099 O O   . TYR A 1 131 ? -7.066  13.847  -19.949 1.00 34.52 ? 247  TYR A O   1 
ATOM   1100 C CB  . TYR A 1 131 ? -6.498  13.466  -16.766 1.00 30.96 ? 247  TYR A CB  1 
ATOM   1101 C CG  . TYR A 1 131 ? -5.489  12.569  -17.447 1.00 29.95 ? 247  TYR A CG  1 
ATOM   1102 C CD1 . TYR A 1 131 ? -4.180  12.998  -17.662 1.00 27.71 ? 247  TYR A CD1 1 
ATOM   1103 C CD2 . TYR A 1 131 ? -5.843  11.289  -17.876 1.00 27.44 ? 247  TYR A CD2 1 
ATOM   1104 C CE1 . TYR A 1 131 ? -3.242  12.172  -18.284 1.00 28.01 ? 247  TYR A CE1 1 
ATOM   1105 C CE2 . TYR A 1 131 ? -4.914  10.455  -18.502 1.00 27.26 ? 247  TYR A CE2 1 
ATOM   1106 C CZ  . TYR A 1 131 ? -3.617  10.902  -18.700 1.00 27.69 ? 247  TYR A CZ  1 
ATOM   1107 O OH  . TYR A 1 131 ? -2.696  10.078  -19.303 1.00 28.35 ? 247  TYR A OH  1 
ATOM   1108 N N   . THR A 1 132 ? -8.936  13.562  -18.734 1.00 35.08 ? 248  THR A N   1 
ATOM   1109 C CA  . THR A 1 132 ? -9.669  12.948  -19.833 1.00 37.40 ? 248  THR A CA  1 
ATOM   1110 C C   . THR A 1 132 ? -10.096 14.001  -20.848 1.00 40.79 ? 248  THR A C   1 
ATOM   1111 O O   . THR A 1 132 ? -10.404 13.675  -21.994 1.00 44.13 ? 248  THR A O   1 
ATOM   1112 C CB  . THR A 1 132 ? -10.927 12.219  -19.329 1.00 37.75 ? 248  THR A CB  1 
ATOM   1113 O OG1 . THR A 1 132 ? -11.855 13.175  -18.805 1.00 38.27 ? 248  THR A OG1 1 
ATOM   1114 C CG2 . THR A 1 132 ? -10.561 11.221  -18.236 1.00 37.36 ? 248  THR A CG2 1 
ATOM   1115 N N   . SER B 2 1   ? 11.172  2.452   9.841   1.00 53.92 ? 2035 SER B N   1 
ATOM   1116 C CA  . SER B 2 1   ? 12.567  2.051   9.842   1.00 52.89 ? 2035 SER B CA  1 
ATOM   1117 C C   . SER B 2 1   ? 13.387  2.728   8.748   1.00 52.80 ? 2035 SER B C   1 
ATOM   1118 O O   . SER B 2 1   ? 14.615  2.726   8.818   1.00 56.47 ? 2035 SER B O   1 
ATOM   1119 C CB  . SER B 2 1   ? 12.680  0.537   9.694   1.00 54.29 ? 2035 SER B CB  1 
ATOM   1120 O OG  . SER B 2 1   ? 12.267  -0.136  10.869  1.00 54.34 ? 2035 SER B OG  1 
ATOM   1121 N N   . GLU B 2 2   ? 12.718  3.289   7.739   1.00 50.81 ? 2036 GLU B N   1 
ATOM   1122 C CA  . GLU B 2 2   ? 13.407  3.984   6.642   1.00 48.38 ? 2036 GLU B CA  1 
ATOM   1123 C C   . GLU B 2 2   ? 12.513  4.267   5.437   1.00 45.98 ? 2036 GLU B C   1 
ATOM   1124 O O   . GLU B 2 2   ? 12.046  3.339   4.774   1.00 42.27 ? 2036 GLU B O   1 
ATOM   1125 C CB  . GLU B 2 2   ? 14.610  3.178   6.161   1.00 51.91 ? 2036 GLU B CB  1 
ATOM   1126 C CG  . GLU B 2 2   ? 15.512  3.941   5.205   1.00 54.32 ? 2036 GLU B CG  1 
ATOM   1127 C CD  . GLU B 2 2   ? 16.189  5.123   5.876   1.00 58.85 ? 2036 GLU B CD  1 
ATOM   1128 O OE1 . GLU B 2 2   ? 15.946  5.332   7.084   1.00 59.49 ? 2036 GLU B OE1 1 
ATOM   1129 O OE2 . GLU B 2 2   ? 16.961  5.839   5.203   1.00 61.59 ? 2036 GLU B OE2 1 
ATOM   1130 N N   . ASP B 2 3   ? 12.295  5.549   5.146   1.00 44.11 ? 2037 ASP B N   1 
ATOM   1131 C CA  . ASP B 2 3   ? 11.459  5.948   4.013   1.00 44.30 ? 2037 ASP B CA  1 
ATOM   1132 C C   . ASP B 2 3   ? 12.117  5.594   2.702   1.00 42.83 ? 2037 ASP B C   1 
ATOM   1133 O O   . ASP B 2 3   ? 11.447  5.312   1.708   1.00 40.39 ? 2037 ASP B O   1 
ATOM   1134 C CB  . ASP B 2 3   ? 11.189  7.449   4.034   1.00 46.31 ? 2037 ASP B CB  1 
ATOM   1135 C CG  . ASP B 2 3   ? 10.187  7.839   5.088   1.00 47.84 ? 2037 ASP B CG  1 
ATOM   1136 O OD1 . ASP B 2 3   ? 9.394   6.963   5.500   1.00 48.04 ? 2037 ASP B OD1 1 
ATOM   1137 O OD2 . ASP B 2 3   ? 10.177  9.021   5.487   1.00 48.92 ? 2037 ASP B OD2 1 
ATOM   1138 N N   . ASP B 2 4   ? 13.438  5.623   2.709   1.00 42.91 ? 2038 ASP B N   1 
ATOM   1139 C CA  . ASP B 2 4   ? 14.232  5.296   1.536   1.00 43.60 ? 2038 ASP B CA  1 
ATOM   1140 C C   . ASP B 2 4   ? 14.113  3.804   1.229   1.00 40.43 ? 2038 ASP B C   1 
ATOM   1141 O O   . ASP B 2 4   ? 14.083  3.409   0.070   1.00 39.66 ? 2038 ASP B O   1 
ATOM   1142 C CB  . ASP B 2 4   ? 15.695  5.688   1.771   1.00 46.31 ? 2038 ASP B CB  1 
ATOM   1143 C CG  . ASP B 2 4   ? 15.984  7.148   1.411   1.00 49.32 ? 2038 ASP B CG  1 
ATOM   1144 O OD1 . ASP B 2 4   ? 15.025  7.936   1.259   1.00 49.83 ? 2038 ASP B OD1 1 
ATOM   1145 O OD2 . ASP B 2 4   ? 17.172  7.512   1.283   1.00 52.24 ? 2038 ASP B OD2 1 
ATOM   1146 N N   . LEU B 2 5   ? 14.043  2.980   2.268   1.00 36.09 ? 2039 LEU B N   1 
ATOM   1147 C CA  . LEU B 2 5   ? 13.913  1.538   2.073   1.00 32.75 ? 2039 LEU B CA  1 
ATOM   1148 C C   . LEU B 2 5   ? 12.505  1.232   1.573   1.00 29.85 ? 2039 LEU B C   1 
ATOM   1149 O O   . LEU B 2 5   ? 12.310  0.335   0.760   1.00 26.87 ? 2039 LEU B O   1 
ATOM   1150 C CB  . LEU B 2 5   ? 14.170  0.787   3.384   1.00 34.20 ? 2039 LEU B CB  1 
ATOM   1151 C CG  . LEU B 2 5   ? 14.022  -0.743  3.347   1.00 35.49 ? 2039 LEU B CG  1 
ATOM   1152 C CD1 . LEU B 2 5   ? 14.897  -1.334  2.260   1.00 36.76 ? 2039 LEU B CD1 1 
ATOM   1153 C CD2 . LEU B 2 5   ? 14.394  -1.327  4.707   1.00 35.52 ? 2039 LEU B CD2 1 
ATOM   1154 N N   . LEU B 2 6   ? 11.530  1.984   2.072   1.00 26.45 ? 2040 LEU B N   1 
ATOM   1155 C CA  . LEU B 2 6   ? 10.148  1.810   1.664   1.00 24.49 ? 2040 LEU B CA  1 
ATOM   1156 C C   . LEU B 2 6   ? 10.003  2.244   0.209   1.00 24.95 ? 2040 LEU B C   1 
ATOM   1157 O O   . LEU B 2 6   ? 9.291   1.615   -0.573  1.00 19.48 ? 2040 LEU B O   1 
ATOM   1158 C CB  . LEU B 2 6   ? 9.220   2.642   2.555   1.00 23.23 ? 2040 LEU B CB  1 
ATOM   1159 C CG  . LEU B 2 6   ? 9.041   2.111   3.980   1.00 22.96 ? 2040 LEU B CG  1 
ATOM   1160 C CD1 . LEU B 2 6   ? 8.288   3.131   4.834   1.00 26.12 ? 2040 LEU B CD1 1 
ATOM   1161 C CD2 . LEU B 2 6   ? 8.284   0.787   3.928   1.00 24.37 ? 2040 LEU B CD2 1 
ATOM   1162 N N   . GLN B 2 7   ? 10.698  3.316   -0.153  1.00 25.28 ? 2041 GLN B N   1 
ATOM   1163 C CA  . GLN B 2 7   ? 10.638  3.827   -1.517  1.00 27.35 ? 2041 GLN B CA  1 
ATOM   1164 C C   . GLN B 2 7   ? 11.191  2.832   -2.529  1.00 25.28 ? 2041 GLN B C   1 
ATOM   1165 O O   . GLN B 2 7   ? 10.676  2.721   -3.639  1.00 25.45 ? 2041 GLN B O   1 
ATOM   1166 C CB  . GLN B 2 7   ? 11.389  5.154   -1.619  1.00 31.79 ? 2041 GLN B CB  1 
ATOM   1167 C CG  . GLN B 2 7   ? 10.714  6.294   -0.874  1.00 36.70 ? 2041 GLN B CG  1 
ATOM   1168 C CD  . GLN B 2 7   ? 11.416  7.622   -1.074  1.00 41.47 ? 2041 GLN B CD  1 
ATOM   1169 O OE1 . GLN B 2 7   ? 11.576  8.088   -2.203  1.00 46.10 ? 2041 GLN B OE1 1 
ATOM   1170 N NE2 . GLN B 2 7   ? 11.835  8.243   0.023   1.00 43.58 ? 2041 GLN B NE2 1 
ATOM   1171 N N   . GLU B 2 8   ? 12.237  2.110   -2.147  1.00 26.49 ? 2042 GLU B N   1 
ATOM   1172 C CA  . GLU B 2 8   ? 12.841  1.120   -3.032  1.00 26.47 ? 2042 GLU B CA  1 
ATOM   1173 C C   . GLU B 2 8   ? 11.855  -0.034  -3.202  1.00 24.52 ? 2042 GLU B C   1 
ATOM   1174 O O   . GLU B 2 8   ? 11.657  -0.551  -4.303  1.00 19.13 ? 2042 GLU B O   1 
ATOM   1175 C CB  . GLU B 2 8   ? 14.162  0.627   -2.433  1.00 30.97 ? 2042 GLU B CB  1 
ATOM   1176 C CG  . GLU B 2 8   ? 15.110  1.767   -2.057  1.00 37.42 ? 2042 GLU B CG  1 
ATOM   1177 C CD  . GLU B 2 8   ? 16.420  1.287   -1.456  1.00 42.13 ? 2042 GLU B CD  1 
ATOM   1178 O OE1 . GLU B 2 8   ? 16.410  0.258   -0.749  1.00 42.82 ? 2042 GLU B OE1 1 
ATOM   1179 O OE2 . GLU B 2 8   ? 17.456  1.954   -1.677  1.00 44.64 ? 2042 GLU B OE2 1 
ATOM   1180 N N   . CYS B 2 9   ? 11.229  -0.425  -2.098  1.00 20.25 ? 2043 CYS B N   1 
ATOM   1181 C CA  . CYS B 2 9   ? 10.241  -1.499  -2.116  1.00 19.59 ? 2043 CYS B CA  1 
ATOM   1182 C C   . CYS B 2 9   ? 9.047   -1.132  -3.004  1.00 17.90 ? 2043 CYS B C   1 
ATOM   1183 O O   . CYS B 2 9   ? 8.605   -1.931  -3.831  1.00 19.58 ? 2043 CYS B O   1 
ATOM   1184 C CB  . CYS B 2 9   ? 9.757   -1.776  -0.692  1.00 21.49 ? 2043 CYS B CB  1 
ATOM   1185 S SG  . CYS B 2 9   ? 8.410   -2.967  -0.584  1.00 25.79 ? 2043 CYS B SG  1 
ATOM   1186 N N   . ILE B 2 10  ? 8.527   0.080   -2.826  1.00 16.45 ? 2044 ILE B N   1 
ATOM   1187 C CA  . ILE B 2 10  ? 7.383   0.556   -3.601  1.00 18.23 ? 2044 ILE B CA  1 
ATOM   1188 C C   . ILE B 2 10  ? 7.729   0.605   -5.091  1.00 20.54 ? 2044 ILE B C   1 
ATOM   1189 O O   . ILE B 2 10  ? 6.955   0.156   -5.934  1.00 20.88 ? 2044 ILE B O   1 
ATOM   1190 C CB  . ILE B 2 10  ? 6.929   1.961   -3.091  1.00 18.51 ? 2044 ILE B CB  1 
ATOM   1191 C CG1 . ILE B 2 10  ? 6.319   1.820   -1.688  1.00 18.73 ? 2044 ILE B CG1 1 
ATOM   1192 C CG2 . ILE B 2 10  ? 5.916   2.584   -4.040  1.00 21.02 ? 2044 ILE B CG2 1 
ATOM   1193 C CD1 . ILE B 2 10  ? 6.063   3.134   -0.972  1.00 17.72 ? 2044 ILE B CD1 1 
ATOM   1194 N N   . SER B 2 11  ? 8.905   1.132   -5.414  1.00 17.99 ? 2045 SER B N   1 
ATOM   1195 C CA  . SER B 2 11  ? 9.330   1.212   -6.806  1.00 20.38 ? 2045 SER B CA  1 
ATOM   1196 C C   . SER B 2 11  ? 9.377   -0.161  -7.488  1.00 22.01 ? 2045 SER B C   1 
ATOM   1197 O O   . SER B 2 11  ? 8.986   -0.299  -8.648  1.00 21.77 ? 2045 SER B O   1 
ATOM   1198 C CB  . SER B 2 11  ? 10.707  1.885   -6.891  1.00 23.52 ? 2045 SER B CB  1 
ATOM   1199 O OG  . SER B 2 11  ? 11.272  1.729   -8.182  1.00 29.40 ? 2045 SER B OG  1 
ATOM   1200 N N   . SER B 2 12  ? 9.841   -1.182  -6.772  1.00 20.69 ? 2046 SER B N   1 
ATOM   1201 C CA  . SER B 2 12  ? 9.936   -2.519  -7.351  1.00 20.68 ? 2046 SER B CA  1 
ATOM   1202 C C   . SER B 2 12  ? 8.579   -3.107  -7.727  1.00 22.84 ? 2046 SER B C   1 
ATOM   1203 O O   . SER B 2 12  ? 8.498   -4.032  -8.534  1.00 22.16 ? 2046 SER B O   1 
ATOM   1204 C CB  . SER B 2 12  ? 10.653  -3.470  -6.380  1.00 22.52 ? 2046 SER B CB  1 
ATOM   1205 O OG  . SER B 2 12  ? 9.836   -3.783  -5.262  1.00 22.97 ? 2046 SER B OG  1 
ATOM   1206 N N   . ALA B 2 13  ? 7.505   -2.568  -7.147  1.00 23.05 ? 2047 ALA B N   1 
ATOM   1207 C CA  . ALA B 2 13  ? 6.160   -3.075  -7.415  1.00 21.21 ? 2047 ALA B CA  1 
ATOM   1208 C C   . ALA B 2 13  ? 5.396   -2.307  -8.486  1.00 22.10 ? 2047 ALA B C   1 
ATOM   1209 O O   . ALA B 2 13  ? 4.249   -2.639  -8.797  1.00 19.94 ? 2047 ALA B O   1 
ATOM   1210 C CB  . ALA B 2 13  ? 5.342   -3.103  -6.107  1.00 22.31 ? 2047 ALA B CB  1 
ATOM   1211 N N   . MET B 2 14  ? 6.025   -1.272  -9.035  1.00 22.14 ? 2048 MET B N   1 
ATOM   1212 C CA  . MET B 2 14  ? 5.417   -0.464  -10.082 1.00 25.76 ? 2048 MET B CA  1 
ATOM   1213 C C   . MET B 2 14  ? 5.322   -1.206  -11.414 1.00 30.36 ? 2048 MET B C   1 
ATOM   1214 O O   . MET B 2 14  ? 6.131   -2.094  -11.712 1.00 26.83 ? 2048 MET B O   1 
ATOM   1215 C CB  . MET B 2 14  ? 6.255   0.797   -10.293 1.00 28.07 ? 2048 MET B CB  1 
ATOM   1216 C CG  . MET B 2 14  ? 6.150   1.800   -9.186  1.00 31.07 ? 2048 MET B CG  1 
ATOM   1217 S SD  . MET B 2 14  ? 4.512   2.549   -9.202  1.00 31.43 ? 2048 MET B SD  1 
ATOM   1218 C CE  . MET B 2 14  ? 4.138   2.675   -7.529  1.00 34.83 ? 2048 MET B CE  1 
ATOM   1219 N N   . PRO B 2 15  ? 4.337   -0.825  -12.251 1.00 34.03 ? 2049 PRO B N   1 
ATOM   1220 C CA  . PRO B 2 15  ? 4.109   -1.437  -13.565 1.00 38.51 ? 2049 PRO B CA  1 
ATOM   1221 C C   . PRO B 2 15  ? 5.276   -1.128  -14.505 1.00 41.98 ? 2049 PRO B C   1 
ATOM   1222 O O   . PRO B 2 15  ? 5.896   -0.063  -14.409 1.00 43.21 ? 2049 PRO B O   1 
ATOM   1223 C CB  . PRO B 2 15  ? 2.808   -0.787  -14.034 1.00 38.51 ? 2049 PRO B CB  1 
ATOM   1224 C CG  . PRO B 2 15  ? 2.140   -0.339  -12.748 1.00 38.06 ? 2049 PRO B CG  1 
ATOM   1225 C CD  . PRO B 2 15  ? 3.292   0.171   -11.946 1.00 34.17 ? 2049 PRO B CD  1 
ATOM   1226 N N   . LYS B 2 16  ? 5.556   -2.062  -15.413 1.00 47.65 ? 2050 LYS B N   1 
ATOM   1227 C CA  . LYS B 2 16  ? 6.656   -1.929  -16.367 1.00 52.47 ? 2050 LYS B CA  1 
ATOM   1228 C C   . LYS B 2 16  ? 7.958   -2.237  -15.635 1.00 53.98 ? 2050 LYS B C   1 
ATOM   1229 O O   . LYS B 2 16  ? 8.965   -1.550  -15.808 1.00 56.59 ? 2050 LYS B O   1 
ATOM   1230 C CB  . LYS B 2 16  ? 6.716   -0.510  -16.940 1.00 53.84 ? 2050 LYS B CB  1 
ATOM   1231 C CG  . LYS B 2 16  ? 5.402   0.020   -17.485 1.00 55.70 ? 2050 LYS B CG  1 
ATOM   1232 C CD  . LYS B 2 16  ? 5.522   1.486   -17.885 1.00 57.58 ? 2050 LYS B CD  1 
ATOM   1233 C CE  . LYS B 2 16  ? 6.414   1.646   -19.102 1.00 58.62 ? 2050 LYS B CE  1 
ATOM   1234 N NZ  . LYS B 2 16  ? 5.895   0.861   -20.256 1.00 58.79 ? 2050 LYS B NZ  1 
HETATM 1235 C C1  . GOL C 3 .   ? 1.156   -14.775 16.063  1.00 42.34 ? 501  GOL A C1  1 
HETATM 1236 O O1  . GOL C 3 .   ? 0.890   -13.817 17.071  1.00 43.53 ? 501  GOL A O1  1 
HETATM 1237 C C2  . GOL C 3 .   ? 1.679   -14.103 14.799  1.00 42.11 ? 501  GOL A C2  1 
HETATM 1238 O O2  . GOL C 3 .   ? 0.734   -13.116 14.375  1.00 46.81 ? 501  GOL A O2  1 
HETATM 1239 C C3  . GOL C 3 .   ? 1.883   -15.127 13.681  1.00 41.91 ? 501  GOL A C3  1 
HETATM 1240 O O3  . GOL C 3 .   ? 2.858   -16.093 14.030  1.00 40.80 ? 501  GOL A O3  1 
HETATM 1241 C C1  . GOL D 3 .   ? 2.972   -19.288 20.137  1.00 65.25 ? 502  GOL A C1  1 
HETATM 1242 O O1  . GOL D 3 .   ? 2.733   -20.631 19.751  1.00 66.82 ? 502  GOL A O1  1 
HETATM 1243 C C2  . GOL D 3 .   ? 1.727   -18.422 19.936  1.00 64.53 ? 502  GOL A C2  1 
HETATM 1244 O O2  . GOL D 3 .   ? 1.245   -18.572 18.593  1.00 66.23 ? 502  GOL A O2  1 
HETATM 1245 C C3  . GOL D 3 .   ? 2.051   -16.953 20.204  1.00 62.66 ? 502  GOL A C3  1 
HETATM 1246 O O3  . GOL D 3 .   ? 0.916   -16.131 19.998  1.00 62.35 ? 502  GOL A O3  1 
HETATM 1247 C C1  . GOL E 3 .   ? 4.187   -19.757 14.948  1.00 57.03 ? 503  GOL A C1  1 
HETATM 1248 O O1  . GOL E 3 .   ? 3.597   -18.527 14.570  1.00 57.64 ? 503  GOL A O1  1 
HETATM 1249 C C2  . GOL E 3 .   ? 5.174   -19.563 16.099  1.00 56.16 ? 503  GOL A C2  1 
HETATM 1250 O O2  . GOL E 3 .   ? 5.781   -20.819 16.427  1.00 56.13 ? 503  GOL A O2  1 
HETATM 1251 C C3  . GOL E 3 .   ? 4.451   -19.015 17.328  1.00 55.81 ? 503  GOL A C3  1 
HETATM 1252 O O3  . GOL E 3 .   ? 5.353   -18.779 18.394  1.00 55.96 ? 503  GOL A O3  1 
HETATM 1253 C C1  . GOL F 3 .   ? -12.836 -1.146  12.808  1.00 55.73 ? 504  GOL A C1  1 
HETATM 1254 O O1  . GOL F 3 .   ? -12.189 -1.865  13.843  1.00 56.22 ? 504  GOL A O1  1 
HETATM 1255 C C2  . GOL F 3 .   ? -11.935 -1.022  11.579  1.00 55.51 ? 504  GOL A C2  1 
HETATM 1256 O O2  . GOL F 3 .   ? -10.804 -0.203  11.900  1.00 55.87 ? 504  GOL A O2  1 
HETATM 1257 C C3  . GOL F 3 .   ? -12.701 -0.389  10.417  1.00 55.82 ? 504  GOL A C3  1 
HETATM 1258 O O3  . GOL F 3 .   ? -11.938 -0.428  9.225   1.00 56.04 ? 504  GOL A O3  1 
HETATM 1259 C C1  . GOL G 3 .   ? 4.404   9.470   -14.576 1.00 75.53 ? 505  GOL A C1  1 
HETATM 1260 O O1  . GOL G 3 .   ? 4.499   8.463   -15.568 1.00 74.71 ? 505  GOL A O1  1 
HETATM 1261 C C2  . GOL G 3 .   ? 5.018   9.006   -13.254 1.00 75.88 ? 505  GOL A C2  1 
HETATM 1262 O O2  . GOL G 3 .   ? 4.344   7.823   -12.804 1.00 77.49 ? 505  GOL A O2  1 
HETATM 1263 C C3  . GOL G 3 .   ? 4.893   10.098  -12.190 1.00 75.90 ? 505  GOL A C3  1 
HETATM 1264 O O3  . GOL G 3 .   ? 5.562   11.280  -12.591 1.00 75.92 ? 505  GOL A O3  1 
HETATM 1265 C C1  . GOL H 3 .   ? 13.575  -10.477 -5.968  1.00 55.40 ? 506  GOL A C1  1 
HETATM 1266 O O1  . GOL H 3 .   ? 12.254  -10.426 -6.480  1.00 57.38 ? 506  GOL A O1  1 
HETATM 1267 C C2  . GOL H 3 .   ? 13.890  -11.860 -5.398  1.00 54.78 ? 506  GOL A C2  1 
HETATM 1268 O O2  . GOL H 3 .   ? 12.960  -12.166 -4.352  1.00 52.99 ? 506  GOL A O2  1 
HETATM 1269 C C3  . GOL H 3 .   ? 15.313  -11.902 -4.839  1.00 54.70 ? 506  GOL A C3  1 
HETATM 1270 O O3  . GOL H 3 .   ? 15.626  -13.189 -4.338  1.00 54.70 ? 506  GOL A O3  1 
HETATM 1271 C C1  . GOL I 3 .   ? -16.455 -2.524  9.311   1.00 75.76 ? 507  GOL A C1  1 
HETATM 1272 O O1  . GOL I 3 .   ? -16.044 -1.876  8.118   1.00 76.01 ? 507  GOL A O1  1 
HETATM 1273 C C2  . GOL I 3 .   ? -16.514 -4.040  9.119   1.00 75.39 ? 507  GOL A C2  1 
HETATM 1274 O O2  . GOL I 3 .   ? -17.472 -4.354  8.101   1.00 76.89 ? 507  GOL A O2  1 
HETATM 1275 C C3  . GOL I 3 .   ? -16.908 -4.738  10.424  1.00 74.55 ? 507  GOL A C3  1 
HETATM 1276 O O3  . GOL I 3 .   ? -15.937 -4.524  11.433  1.00 73.93 ? 507  GOL A O3  1 
HETATM 1277 O O   . HOH J 4 .   ? 2.461   -9.667  2.347   1.00 19.26 ? 301  HOH A O   1 
HETATM 1278 O O   . HOH J 4 .   ? 3.469   6.592   2.424   1.00 20.73 ? 302  HOH A O   1 
HETATM 1279 O O   . HOH J 4 .   ? -1.040  11.779  2.036   1.00 19.76 ? 303  HOH A O   1 
HETATM 1280 O O   . HOH J 4 .   ? -1.513  9.778   3.923   1.00 23.39 ? 304  HOH A O   1 
HETATM 1281 O O   . HOH J 4 .   ? -2.125  -9.013  6.909   1.00 18.82 ? 305  HOH A O   1 
HETATM 1282 O O   . HOH J 4 .   ? 19.368  -9.595  3.127   1.00 26.20 ? 306  HOH A O   1 
HETATM 1283 O O   . HOH J 4 .   ? 3.823   9.540   4.512   1.00 27.87 ? 307  HOH A O   1 
HETATM 1284 O O   . HOH J 4 .   ? 8.786   -11.568 1.012   1.00 19.53 ? 308  HOH A O   1 
HETATM 1285 O O   . HOH J 4 .   ? -10.632 5.424   0.263   1.00 27.01 ? 309  HOH A O   1 
HETATM 1286 O O   . HOH J 4 .   ? 8.268   -14.338 -2.960  1.00 18.97 ? 310  HOH A O   1 
HETATM 1287 O O   . HOH J 4 .   ? 4.582   -15.107 9.112   1.00 26.87 ? 311  HOH A O   1 
HETATM 1288 O O   . HOH J 4 .   ? 1.451   10.215  1.936   1.00 29.91 ? 312  HOH A O   1 
HETATM 1289 O O   . HOH J 4 .   ? -1.105  4.426   9.626   1.00 25.38 ? 313  HOH A O   1 
HETATM 1290 O O   . HOH J 4 .   ? 14.290  -14.488 3.920   1.00 24.22 ? 314  HOH A O   1 
HETATM 1291 O O   . HOH J 4 .   ? -1.379  5.564   -19.841 1.00 32.97 ? 315  HOH A O   1 
HETATM 1292 O O   . HOH J 4 .   ? -3.033  -9.978  9.378   1.00 21.59 ? 316  HOH A O   1 
HETATM 1293 O O   . HOH J 4 .   ? 10.655  -6.219  -4.108  1.00 23.56 ? 317  HOH A O   1 
HETATM 1294 O O   . HOH J 4 .   ? -3.467  -9.010  -0.736  1.00 30.47 ? 318  HOH A O   1 
HETATM 1295 O O   . HOH J 4 .   ? -12.246 -2.352  -8.780  1.00 33.56 ? 319  HOH A O   1 
HETATM 1296 O O   . HOH J 4 .   ? 16.980  -19.892 2.313   1.00 33.46 ? 320  HOH A O   1 
HETATM 1297 O O   . HOH J 4 .   ? -11.544 16.835  2.326   1.00 43.66 ? 321  HOH A O   1 
HETATM 1298 O O   . HOH J 4 .   ? 11.592  -7.777  14.791  1.00 27.54 ? 322  HOH A O   1 
HETATM 1299 O O   . HOH J 4 .   ? 20.202  -17.432 -0.197  1.00 30.23 ? 323  HOH A O   1 
HETATM 1300 O O   . HOH J 4 .   ? -9.368  13.901  3.625   1.00 51.55 ? 324  HOH A O   1 
HETATM 1301 O O   . HOH J 4 .   ? -15.741 -4.042  2.264   1.00 65.72 ? 325  HOH A O   1 
HETATM 1302 O O   . HOH J 4 .   ? -5.161  19.639  -0.592  1.00 21.84 ? 326  HOH A O   1 
HETATM 1303 O O   . HOH J 4 .   ? 10.708  -15.851 8.474   1.00 39.16 ? 328  HOH A O   1 
HETATM 1304 O O   . HOH J 4 .   ? -10.469 6.691   3.053   1.00 44.32 ? 329  HOH A O   1 
HETATM 1305 O O   . HOH J 4 .   ? -2.561  -14.747 1.305   1.00 51.27 ? 330  HOH A O   1 
HETATM 1306 O O   . HOH J 4 .   ? -4.985  -11.886 15.052  1.00 55.66 ? 331  HOH A O   1 
HETATM 1307 O O   . HOH J 4 .   ? 1.844   11.503  -8.111  1.00 36.15 ? 333  HOH A O   1 
HETATM 1308 O O   . HOH J 4 .   ? -4.505  -0.075  -17.369 1.00 40.32 ? 334  HOH A O   1 
HETATM 1309 O O   . HOH J 4 .   ? -9.500  17.104  -7.825  1.00 37.31 ? 335  HOH A O   1 
HETATM 1310 O O   . HOH J 4 .   ? 3.323   -17.586 1.585   1.00 36.94 ? 336  HOH A O   1 
HETATM 1311 O O   . HOH J 4 .   ? -3.074  7.915   -20.639 1.00 36.78 ? 337  HOH A O   1 
HETATM 1312 O O   . HOH J 4 .   ? 2.338   12.061  -5.686  1.00 28.36 ? 338  HOH A O   1 
HETATM 1313 O O   . HOH J 4 .   ? -0.904  5.426   7.413   1.00 34.86 ? 339  HOH A O   1 
HETATM 1314 O O   . HOH J 4 .   ? -4.946  -11.719 9.675   1.00 37.33 ? 340  HOH A O   1 
HETATM 1315 O O   . HOH J 4 .   ? -4.979  20.448  -3.205  1.00 34.88 ? 342  HOH A O   1 
HETATM 1316 O O   . HOH J 4 .   ? 14.540  -20.330 4.318   1.00 43.51 ? 343  HOH A O   1 
HETATM 1317 O O   . HOH J 4 .   ? 2.321   4.866   -4.849  1.00 44.36 ? 344  HOH A O   1 
HETATM 1318 O O   . HOH J 4 .   ? -12.642 6.257   4.260   1.00 43.03 ? 345  HOH A O   1 
HETATM 1319 O O   . HOH J 4 .   ? -3.382  -4.145  17.650  1.00 47.22 ? 346  HOH A O   1 
HETATM 1320 O O   . HOH J 4 .   ? -11.230 -8.201  7.843   1.00 38.73 ? 347  HOH A O   1 
HETATM 1321 O O   . HOH J 4 .   ? 12.049  -7.465  -5.929  1.00 38.28 ? 348  HOH A O   1 
HETATM 1322 O O   . HOH J 4 .   ? -0.039  -3.064  -10.453 1.00 46.23 ? 349  HOH A O   1 
HETATM 1323 O O   . HOH J 4 .   ? 2.458   2.319   -17.395 1.00 36.11 ? 351  HOH A O   1 
HETATM 1324 O O   . HOH J 4 .   ? 11.519  -8.613  17.397  1.00 38.36 ? 352  HOH A O   1 
HETATM 1325 O O   . HOH J 4 .   ? -14.219 13.822  -6.205  1.00 40.32 ? 353  HOH A O   1 
HETATM 1326 O O   . HOH J 4 .   ? -7.354  -8.527  -5.079  1.00 52.73 ? 354  HOH A O   1 
HETATM 1327 O O   . HOH J 4 .   ? -10.576 -7.306  14.417  1.00 33.75 ? 356  HOH A O   1 
HETATM 1328 O O   . HOH J 4 .   ? 3.692   -3.256  18.867  1.00 44.21 ? 357  HOH A O   1 
HETATM 1329 O O   . HOH J 4 .   ? -12.152 17.315  -7.664  1.00 50.91 ? 358  HOH A O   1 
HETATM 1330 O O   . HOH J 4 .   ? 2.171   8.440   7.769   1.00 44.49 ? 359  HOH A O   1 
HETATM 1331 O O   . HOH J 4 .   ? -1.187  -7.122  -4.708  1.00 55.20 ? 360  HOH A O   1 
HETATM 1332 O O   . HOH J 4 .   ? 15.225  -2.819  11.566  1.00 47.61 ? 361  HOH A O   1 
HETATM 1333 O O   . HOH K 4 .   ? 1.686   -3.779  -8.679  1.00 32.62 ? 327  HOH B O   1 
HETATM 1334 O O   . HOH K 4 .   ? 9.041   2.956   8.617   1.00 31.91 ? 332  HOH B O   1 
HETATM 1335 O O   . HOH K 4 .   ? 9.553   5.563   8.054   1.00 33.78 ? 341  HOH B O   1 
HETATM 1336 O O   . HOH K 4 .   ? 13.895  -1.783  9.640   1.00 32.24 ? 350  HOH B O   1 
HETATM 1337 O O   . HOH K 4 .   ? 8.750   -3.208  -11.285 1.00 37.71 ? 355  HOH B O   1 
# 
